data_4OHF
#
_entry.id   4OHF
#
_cell.length_a   156.334
_cell.length_b   92.720
_cell.length_c   161.892
_cell.angle_alpha   90.00
_cell.angle_beta   96.60
_cell.angle_gamma   90.00
#
_symmetry.space_group_name_H-M   'C 1 2 1'
#
loop_
_entity.id
_entity.type
_entity.pdbx_description
1 polymer "Cytosolic IMP-GMP specific 5'-nucleotidase"
2 non-polymer "GUANOSINE-5'-MONOPHOSPHATE"
3 non-polymer 'PHOSPHATE ION'
4 non-polymer 'MAGNESIUM ION'
5 water water
#
_entity_poly.entity_id   1
_entity_poly.type   'polypeptide(L)'
_entity_poly.pdbx_seq_one_letter_code
;MDTHKVFVNRIINMRKIKLIGLDMDHTLIRYNSKNFESLVYDLVKERLAESFHYPEEIKKFKFNFDDAIRGLVIDSKNGN
ILKLSRYGAIRLSYHGTKQISFSDQKKIYRSIYVDLGDPNYMAIDTSFSIAFCILYGQLVDLKDTNPDKMPSYQAIAQDV
QYCVDKVHSDGTLKNIIIKNLKKYVIREKEVVEGLKHFIRYGKKIFILTNSEYSYSKLLLDYALSPFLDKGEHWQGLFEF
VITLANKPRFFYDNLRFLSVNPENGTMTNVHGPIVPGVYQGGNAKKFTEDLGVGGDEILYIGDHIYGDILRLKKDCNWRT
ALVVEELGEEIASQIRALPIEKKIGEAMAIKKELEQKYVDLCTRSIDESSQQYDQEIHDLQLQISTVDLQISRLLQEQNS
FYNPKWERVFRAGAEESYFAYQVDRFACIYMEKLSDLLEHSPMTYFRANRRLLAHDIDIAAALEHHHHHH
;
_entity_poly.pdbx_strand_id   A,B,C,D
#
# COMPACT_ATOMS: atom_id res chain seq x y z
N LYS A 5 13.64 -4.14 0.29
CA LYS A 5 14.55 -4.73 -0.75
C LYS A 5 16.03 -4.56 -0.38
N VAL A 6 16.53 -3.32 -0.38
CA VAL A 6 17.93 -3.07 -0.02
C VAL A 6 18.00 -2.21 1.22
N PHE A 7 18.59 -2.75 2.28
CA PHE A 7 18.70 -2.03 3.56
C PHE A 7 20.04 -1.32 3.72
N VAL A 8 19.99 -0.04 4.04
CA VAL A 8 21.20 0.79 4.16
C VAL A 8 21.66 1.09 5.58
N ASN A 9 22.94 0.87 5.83
CA ASN A 9 23.52 1.15 7.15
C ASN A 9 24.35 2.41 7.01
N ARG A 10 25.06 2.51 5.89
CA ARG A 10 25.92 3.65 5.59
C ARG A 10 25.75 4.03 4.12
N ILE A 11 25.90 5.33 3.85
CA ILE A 11 25.79 5.87 2.50
C ILE A 11 26.71 5.20 1.48
N ILE A 12 26.19 5.01 0.27
CA ILE A 12 26.98 4.48 -0.82
C ILE A 12 26.33 4.90 -2.14
N ASN A 13 27.03 5.75 -2.88
CA ASN A 13 26.52 6.23 -4.15
C ASN A 13 27.06 5.31 -5.23
N MET A 14 26.16 4.54 -5.83
CA MET A 14 26.57 3.59 -6.85
C MET A 14 27.21 4.25 -8.07
N ARG A 15 26.96 5.55 -8.24
CA ARG A 15 27.56 6.26 -9.37
C ARG A 15 29.07 6.28 -9.22
N LYS A 16 29.54 6.28 -7.98
CA LYS A 16 30.97 6.30 -7.69
C LYS A 16 31.63 4.93 -7.73
N ILE A 17 30.84 3.87 -7.64
CA ILE A 17 31.38 2.53 -7.68
C ILE A 17 31.77 2.19 -9.12
N LYS A 18 33.01 1.79 -9.32
CA LYS A 18 33.52 1.43 -10.64
C LYS A 18 33.56 -0.07 -10.82
N LEU A 19 33.80 -0.79 -9.73
CA LEU A 19 33.85 -2.25 -9.79
C LEU A 19 33.04 -2.88 -8.67
N ILE A 20 32.39 -3.98 -8.99
CA ILE A 20 31.62 -4.72 -8.02
C ILE A 20 32.23 -6.10 -8.01
N GLY A 21 32.75 -6.49 -6.85
CA GLY A 21 33.37 -7.79 -6.69
C GLY A 21 32.36 -8.70 -6.05
N LEU A 22 32.20 -9.89 -6.61
CA LEU A 22 31.22 -10.81 -6.06
C LEU A 22 31.75 -12.13 -5.59
N ASP A 23 31.19 -12.56 -4.46
CA ASP A 23 31.48 -13.84 -3.85
C ASP A 23 30.71 -14.78 -4.79
N MET A 24 31.23 -15.97 -5.06
CA MET A 24 30.52 -16.87 -5.97
C MET A 24 29.48 -17.71 -5.24
N ASP A 25 29.95 -18.68 -4.47
CA ASP A 25 29.07 -19.56 -3.73
C ASP A 25 28.24 -18.83 -2.69
N HIS A 26 26.93 -18.98 -2.81
CA HIS A 26 25.96 -18.35 -1.90
C HIS A 26 25.72 -16.86 -2.05
N THR A 27 26.36 -16.22 -3.03
CA THR A 27 26.14 -14.80 -3.28
C THR A 27 25.70 -14.65 -4.73
N LEU A 28 26.63 -14.74 -5.68
CA LEU A 28 26.27 -14.64 -7.09
C LEU A 28 25.42 -15.86 -7.45
N ILE A 29 25.88 -17.02 -7.02
CA ILE A 29 25.18 -18.28 -7.27
C ILE A 29 24.45 -18.74 -6.01
N ARG A 30 23.13 -18.84 -6.11
CA ARG A 30 22.30 -19.26 -4.99
C ARG A 30 22.20 -20.78 -4.88
N TYR A 31 22.22 -21.28 -3.64
CA TYR A 31 22.10 -22.71 -3.38
C TYR A 31 20.82 -22.97 -2.60
N ASN A 32 20.30 -24.19 -2.67
CA ASN A 32 19.12 -24.52 -1.89
C ASN A 32 19.71 -24.75 -0.50
N SER A 33 19.55 -23.77 0.39
CA SER A 33 20.12 -23.86 1.73
C SER A 33 19.81 -25.16 2.46
N LYS A 34 18.53 -25.49 2.56
CA LYS A 34 18.11 -26.71 3.23
C LYS A 34 18.94 -27.89 2.73
N ASN A 35 18.91 -28.12 1.42
CA ASN A 35 19.65 -29.22 0.80
C ASN A 35 21.15 -29.18 1.09
N PHE A 36 21.76 -28.03 0.81
CA PHE A 36 23.18 -27.84 1.01
C PHE A 36 23.61 -28.07 2.46
N GLU A 37 22.85 -27.51 3.40
CA GLU A 37 23.18 -27.67 4.80
C GLU A 37 23.22 -29.13 5.20
N SER A 38 22.22 -29.89 4.75
CA SER A 38 22.16 -31.31 5.07
C SER A 38 23.29 -32.10 4.45
N LEU A 39 23.63 -31.82 3.20
CA LEU A 39 24.73 -32.52 2.53
C LEU A 39 25.99 -32.37 3.39
N VAL A 40 26.32 -31.14 3.76
CA VAL A 40 27.50 -30.87 4.58
C VAL A 40 27.35 -31.55 5.93
N TYR A 41 26.10 -31.60 6.40
CA TYR A 41 25.81 -32.22 7.68
C TYR A 41 26.13 -33.72 7.60
N ASP A 42 25.67 -34.38 6.54
CA ASP A 42 25.91 -35.82 6.36
C ASP A 42 27.37 -36.13 6.13
N LEU A 43 28.02 -35.35 5.28
CA LEU A 43 29.43 -35.58 4.98
C LEU A 43 30.33 -35.44 6.19
N VAL A 44 29.93 -34.59 7.15
CA VAL A 44 30.76 -34.40 8.33
C VAL A 44 30.59 -35.50 9.36
N LYS A 45 29.35 -35.91 9.61
CA LYS A 45 29.11 -36.98 10.58
C LYS A 45 29.75 -38.24 10.00
N GLU A 46 29.63 -38.37 8.68
CA GLU A 46 30.18 -39.50 7.96
C GLU A 46 31.69 -39.53 8.15
N ARG A 47 32.33 -38.39 7.97
CA ARG A 47 33.79 -38.31 8.10
C ARG A 47 34.24 -38.47 9.56
N LEU A 48 33.35 -38.21 10.51
CA LEU A 48 33.68 -38.35 11.92
C LEU A 48 33.76 -39.83 12.28
N ALA A 49 32.68 -40.56 12.00
CA ALA A 49 32.64 -41.99 12.28
C ALA A 49 33.48 -42.69 11.21
N GLU A 50 34.75 -42.32 11.13
CA GLU A 50 35.66 -42.88 10.16
C GLU A 50 37.10 -42.42 10.44
N SER A 51 37.39 -41.16 10.12
CA SER A 51 38.73 -40.63 10.35
C SER A 51 38.96 -40.32 11.83
N PHE A 52 37.96 -40.61 12.66
CA PHE A 52 38.05 -40.36 14.09
C PHE A 52 37.39 -41.46 14.92
N HIS A 53 36.85 -42.46 14.24
CA HIS A 53 36.22 -43.60 14.91
C HIS A 53 35.20 -43.20 15.97
N TYR A 54 34.26 -42.32 15.62
CA TYR A 54 33.25 -41.89 16.59
C TYR A 54 32.14 -42.95 16.71
N PRO A 55 31.49 -43.05 17.89
CA PRO A 55 30.42 -44.01 18.12
C PRO A 55 29.49 -44.20 16.94
N GLU A 56 29.46 -45.41 16.39
CA GLU A 56 28.63 -45.72 15.24
C GLU A 56 27.20 -45.20 15.37
N GLU A 57 26.76 -44.95 16.60
CA GLU A 57 25.40 -44.47 16.84
C GLU A 57 25.09 -43.07 16.25
N ILE A 58 26.13 -42.28 16.00
CA ILE A 58 25.92 -40.95 15.45
C ILE A 58 25.30 -41.01 14.05
N LYS A 59 25.51 -42.13 13.35
CA LYS A 59 24.96 -42.29 12.01
C LYS A 59 23.43 -42.24 12.07
N LYS A 60 22.90 -42.48 13.26
CA LYS A 60 21.46 -42.48 13.50
C LYS A 60 20.90 -41.07 13.59
N PHE A 61 21.75 -40.11 13.98
CA PHE A 61 21.37 -38.71 14.13
C PHE A 61 20.67 -38.13 12.91
N LYS A 62 19.53 -37.49 13.16
CA LYS A 62 18.77 -36.87 12.09
C LYS A 62 19.08 -35.38 12.01
N PHE A 63 18.82 -34.78 10.85
CA PHE A 63 19.08 -33.35 10.63
C PHE A 63 17.80 -32.55 10.58
N ASN A 64 17.63 -31.64 11.54
CA ASN A 64 16.46 -30.79 11.58
C ASN A 64 16.87 -29.35 11.45
N PHE A 65 16.83 -28.86 10.22
CA PHE A 65 17.21 -27.50 9.87
C PHE A 65 16.84 -26.43 10.89
N ASP A 66 15.73 -26.61 11.61
CA ASP A 66 15.29 -25.62 12.60
C ASP A 66 15.84 -25.79 14.01
N ASP A 67 16.80 -26.69 14.21
CA ASP A 67 17.35 -26.88 15.55
C ASP A 67 18.38 -25.82 15.89
N ALA A 68 18.87 -25.14 14.86
CA ALA A 68 19.85 -24.08 15.04
C ALA A 68 19.46 -22.87 14.19
N ILE A 69 20.07 -21.74 14.51
CA ILE A 69 19.79 -20.50 13.80
C ILE A 69 21.12 -19.84 13.51
N ARG A 70 21.12 -18.91 12.57
CA ARG A 70 22.36 -18.23 12.24
C ARG A 70 22.80 -17.31 13.37
N GLY A 71 24.10 -17.05 13.47
CA GLY A 71 24.60 -16.17 14.50
C GLY A 71 24.99 -16.77 15.82
N LEU A 72 24.60 -18.00 16.08
CA LEU A 72 24.93 -18.66 17.33
C LEU A 72 26.44 -18.85 17.52
N VAL A 73 26.86 -18.98 18.78
CA VAL A 73 28.26 -19.18 19.13
C VAL A 73 28.44 -20.48 19.89
N ILE A 74 29.54 -21.18 19.62
CA ILE A 74 29.81 -22.44 20.29
C ILE A 74 30.86 -22.27 21.38
N ASP A 75 30.54 -22.78 22.56
CA ASP A 75 31.42 -22.75 23.71
C ASP A 75 32.03 -24.14 23.77
N SER A 76 33.14 -24.35 23.06
CA SER A 76 33.78 -25.66 23.03
C SER A 76 34.07 -26.17 24.43
N LYS A 77 34.72 -25.35 25.26
CA LYS A 77 35.06 -25.72 26.63
C LYS A 77 33.92 -26.43 27.37
N ASN A 78 32.75 -25.83 27.42
CA ASN A 78 31.63 -26.42 28.13
C ASN A 78 30.59 -27.14 27.26
N GLY A 79 30.90 -27.29 25.97
CA GLY A 79 29.98 -27.95 25.08
C GLY A 79 28.61 -27.26 25.03
N ASN A 80 28.62 -25.93 24.85
CA ASN A 80 27.39 -25.15 24.79
C ASN A 80 27.26 -24.30 23.54
N ILE A 81 26.03 -23.93 23.24
CA ILE A 81 25.72 -23.10 22.10
C ILE A 81 25.05 -21.89 22.70
N LEU A 82 25.63 -20.72 22.44
CA LEU A 82 25.14 -19.46 23.00
C LEU A 82 24.67 -18.42 21.97
N LYS A 83 23.64 -17.66 22.35
CA LYS A 83 23.15 -16.58 21.52
C LYS A 83 23.48 -15.29 22.30
N LEU A 84 24.49 -14.59 21.81
CA LEU A 84 24.93 -13.37 22.46
C LEU A 84 24.28 -12.10 21.91
N SER A 85 24.24 -11.08 22.77
CA SER A 85 23.70 -9.77 22.40
C SER A 85 24.84 -9.05 21.68
N ARG A 86 24.58 -7.88 21.12
CA ARG A 86 25.63 -7.18 20.40
C ARG A 86 26.86 -6.93 21.27
N TYR A 87 26.68 -6.89 22.60
CA TYR A 87 27.81 -6.65 23.49
C TYR A 87 28.45 -7.88 24.11
N GLY A 88 28.00 -9.06 23.67
CA GLY A 88 28.57 -10.30 24.18
C GLY A 88 27.87 -10.90 25.39
N ALA A 89 26.65 -10.44 25.66
CA ALA A 89 25.92 -10.98 26.80
C ALA A 89 25.11 -12.19 26.37
N ILE A 90 25.15 -13.23 27.19
CA ILE A 90 24.40 -14.45 26.91
C ILE A 90 22.94 -14.15 27.19
N ARG A 91 22.08 -14.33 26.19
CA ARG A 91 20.67 -14.06 26.39
C ARG A 91 19.82 -15.31 26.20
N LEU A 92 20.49 -16.41 25.85
CA LEU A 92 19.84 -17.70 25.63
C LEU A 92 20.97 -18.71 25.51
N SER A 93 20.93 -19.77 26.29
CA SER A 93 21.99 -20.77 26.24
C SER A 93 21.47 -22.21 26.22
N TYR A 94 22.30 -23.11 25.71
CA TYR A 94 21.97 -24.52 25.63
C TYR A 94 23.22 -25.38 25.79
N HIS A 95 23.02 -26.59 26.30
CA HIS A 95 24.08 -27.58 26.46
C HIS A 95 23.54 -28.71 25.60
N GLY A 96 24.08 -28.86 24.40
CA GLY A 96 23.55 -29.88 23.52
C GLY A 96 22.20 -29.39 23.04
N THR A 97 21.17 -30.21 23.26
CA THR A 97 19.81 -29.86 22.85
C THR A 97 19.01 -29.37 24.06
N LYS A 98 19.66 -29.38 25.23
CA LYS A 98 19.02 -28.96 26.48
C LYS A 98 19.26 -27.50 26.86
N GLN A 99 18.18 -26.73 26.95
CA GLN A 99 18.26 -25.32 27.31
C GLN A 99 18.72 -25.12 28.75
N ILE A 100 19.89 -24.50 28.91
CA ILE A 100 20.47 -24.24 30.23
C ILE A 100 19.62 -23.28 31.05
N SER A 101 19.29 -23.70 32.27
CA SER A 101 18.46 -22.90 33.17
C SER A 101 19.08 -21.56 33.56
N PHE A 102 18.24 -20.58 33.85
CA PHE A 102 18.70 -19.26 34.25
C PHE A 102 19.70 -19.41 35.39
N SER A 103 19.34 -20.25 36.36
CA SER A 103 20.18 -20.50 37.54
C SER A 103 21.44 -21.27 37.16
N ASP A 104 21.27 -22.37 36.43
CA ASP A 104 22.40 -23.19 36.00
C ASP A 104 23.40 -22.35 35.21
N GLN A 105 22.88 -21.42 34.42
CA GLN A 105 23.73 -20.56 33.61
C GLN A 105 24.64 -19.74 34.51
N LYS A 106 24.07 -19.24 35.61
CA LYS A 106 24.81 -18.44 36.59
C LYS A 106 26.03 -19.17 37.14
N LYS A 107 25.89 -20.47 37.41
CA LYS A 107 26.99 -21.24 37.95
C LYS A 107 28.10 -21.51 36.94
N ILE A 108 27.71 -21.84 35.71
CA ILE A 108 28.68 -22.13 34.66
C ILE A 108 29.47 -20.89 34.26
N TYR A 109 28.77 -19.79 34.05
CA TYR A 109 29.40 -18.54 33.66
C TYR A 109 29.38 -17.49 34.77
N ARG A 110 30.56 -17.08 35.23
CA ARG A 110 30.66 -16.09 36.29
C ARG A 110 29.87 -14.85 35.89
N SER A 111 30.25 -14.30 34.74
CA SER A 111 29.59 -13.12 34.19
C SER A 111 28.68 -13.55 33.07
N ILE A 112 27.74 -12.71 32.68
CA ILE A 112 26.82 -13.03 31.60
C ILE A 112 27.48 -12.64 30.26
N TYR A 113 28.60 -11.93 30.35
CA TYR A 113 29.34 -11.50 29.17
C TYR A 113 30.50 -12.45 28.88
N VAL A 114 30.63 -12.87 27.64
CA VAL A 114 31.72 -13.74 27.26
C VAL A 114 32.71 -12.94 26.44
N ASP A 115 33.98 -13.34 26.46
CA ASP A 115 35.02 -12.66 25.71
C ASP A 115 35.30 -13.51 24.46
N LEU A 116 34.83 -13.05 23.30
CA LEU A 116 35.05 -13.79 22.06
C LEU A 116 36.51 -13.71 21.63
N GLY A 117 37.33 -13.04 22.44
CA GLY A 117 38.75 -12.93 22.13
C GLY A 117 39.41 -14.23 22.56
N ASP A 118 38.74 -14.92 23.48
CA ASP A 118 39.21 -16.19 23.99
C ASP A 118 38.95 -17.21 22.88
N PRO A 119 40.02 -17.76 22.30
CA PRO A 119 39.94 -18.75 21.21
C PRO A 119 39.08 -19.97 21.55
N ASN A 120 38.64 -20.07 22.80
CA ASN A 120 37.80 -21.19 23.21
C ASN A 120 36.41 -21.11 22.59
N TYR A 121 35.95 -19.90 22.30
CA TYR A 121 34.64 -19.73 21.69
C TYR A 121 34.76 -19.80 20.18
N MET A 122 33.80 -20.46 19.54
CA MET A 122 33.80 -20.57 18.08
C MET A 122 32.71 -19.63 17.59
N ALA A 123 33.12 -18.43 17.17
CA ALA A 123 32.18 -17.43 16.71
C ALA A 123 32.35 -17.03 15.25
N ILE A 124 32.46 -18.03 14.38
CA ILE A 124 32.64 -17.78 12.95
C ILE A 124 31.37 -17.96 12.12
N ASP A 125 30.98 -16.90 11.43
CA ASP A 125 29.80 -16.91 10.59
C ASP A 125 30.17 -17.57 9.27
N THR A 126 29.66 -18.80 9.07
CA THR A 126 29.92 -19.57 7.85
C THR A 126 28.62 -20.07 7.25
N SER A 127 28.74 -20.61 6.04
CA SER A 127 27.58 -21.14 5.32
C SER A 127 27.18 -22.51 5.87
N PHE A 128 27.92 -22.98 6.89
CA PHE A 128 27.64 -24.28 7.51
C PHE A 128 27.50 -24.14 9.03
N SER A 129 27.34 -22.90 9.49
CA SER A 129 27.18 -22.60 10.91
C SER A 129 26.04 -23.40 11.52
N ILE A 130 24.90 -23.38 10.85
CA ILE A 130 23.73 -24.09 11.31
C ILE A 130 24.00 -25.58 11.45
N ALA A 131 24.56 -26.19 10.41
CA ALA A 131 24.86 -27.60 10.44
C ALA A 131 25.80 -27.88 11.60
N PHE A 132 26.80 -27.02 11.77
CA PHE A 132 27.76 -27.18 12.84
C PHE A 132 27.05 -27.27 14.19
N CYS A 133 26.24 -26.27 14.51
CA CYS A 133 25.52 -26.27 15.78
C CYS A 133 24.68 -27.51 15.96
N ILE A 134 23.75 -27.76 15.05
CA ILE A 134 22.88 -28.92 15.16
C ILE A 134 23.64 -30.19 15.48
N LEU A 135 24.65 -30.50 14.68
CA LEU A 135 25.44 -31.70 14.91
C LEU A 135 26.13 -31.66 16.27
N TYR A 136 26.94 -30.63 16.48
CA TYR A 136 27.68 -30.48 17.73
C TYR A 136 26.80 -30.68 18.94
N GLY A 137 25.53 -30.30 18.81
CA GLY A 137 24.61 -30.43 19.92
C GLY A 137 24.28 -31.87 20.21
N GLN A 138 23.91 -32.61 19.17
CA GLN A 138 23.57 -34.01 19.30
C GLN A 138 24.80 -34.81 19.74
N LEU A 139 25.97 -34.41 19.25
CA LEU A 139 27.21 -35.08 19.60
C LEU A 139 27.40 -35.03 21.11
N VAL A 140 27.26 -33.83 21.70
CA VAL A 140 27.41 -33.70 23.13
C VAL A 140 26.19 -34.30 23.83
N ASP A 141 25.04 -34.25 23.14
CA ASP A 141 23.80 -34.81 23.67
C ASP A 141 24.04 -36.29 23.99
N LEU A 142 24.63 -37.00 23.05
CA LEU A 142 24.94 -38.41 23.21
C LEU A 142 26.44 -38.56 23.40
N LYS A 143 26.97 -37.83 24.38
CA LYS A 143 28.38 -37.85 24.73
C LYS A 143 28.45 -37.97 26.24
N ASP A 144 27.44 -37.43 26.89
CA ASP A 144 27.37 -37.48 28.34
C ASP A 144 26.87 -38.85 28.78
N THR A 145 26.34 -39.60 27.83
CA THR A 145 25.82 -40.94 28.11
C THR A 145 26.98 -41.94 28.30
N ASN A 146 28.21 -41.43 28.21
CA ASN A 146 29.41 -42.25 28.37
C ASN A 146 30.63 -41.38 28.06
N PRO A 147 31.00 -40.49 28.98
CA PRO A 147 32.14 -39.60 28.83
C PRO A 147 33.50 -40.30 28.71
N ASP A 148 33.49 -41.56 28.26
CA ASP A 148 34.73 -42.32 28.10
C ASP A 148 34.95 -42.69 26.64
N LYS A 149 33.89 -42.57 25.85
CA LYS A 149 33.96 -42.90 24.43
C LYS A 149 34.37 -41.70 23.58
N MET A 150 33.46 -40.74 23.44
CA MET A 150 33.74 -39.54 22.65
C MET A 150 34.62 -38.59 23.46
N PRO A 151 35.64 -38.00 22.82
CA PRO A 151 36.58 -37.08 23.48
C PRO A 151 35.92 -35.95 24.29
N SER A 152 36.72 -34.99 24.72
CA SER A 152 36.23 -33.86 25.51
C SER A 152 35.42 -32.87 24.68
N TYR A 153 34.52 -32.15 25.35
CA TYR A 153 33.67 -31.16 24.70
C TYR A 153 34.47 -30.31 23.71
N GLN A 154 35.61 -29.81 24.16
CA GLN A 154 36.46 -28.98 23.32
C GLN A 154 37.14 -29.78 22.21
N ALA A 155 37.35 -31.06 22.47
CA ALA A 155 37.99 -31.93 21.49
C ALA A 155 37.02 -32.17 20.35
N ILE A 156 35.81 -32.58 20.69
CA ILE A 156 34.77 -32.83 19.71
C ILE A 156 34.66 -31.64 18.76
N ALA A 157 34.46 -30.46 19.34
CA ALA A 157 34.33 -29.24 18.55
C ALA A 157 35.47 -29.05 17.57
N GLN A 158 36.69 -29.35 17.99
CA GLN A 158 37.84 -29.18 17.11
C GLN A 158 37.86 -30.21 16.00
N ASP A 159 37.34 -31.40 16.27
CA ASP A 159 37.30 -32.45 15.27
C ASP A 159 36.27 -32.08 14.21
N VAL A 160 35.05 -31.81 14.66
CA VAL A 160 33.98 -31.43 13.76
C VAL A 160 34.48 -30.37 12.80
N GLN A 161 35.26 -29.42 13.31
CA GLN A 161 35.80 -28.35 12.49
C GLN A 161 36.73 -28.89 11.41
N TYR A 162 37.57 -29.83 11.81
CA TYR A 162 38.53 -30.44 10.89
C TYR A 162 37.80 -31.15 9.75
N CYS A 163 36.69 -31.81 10.06
CA CYS A 163 35.92 -32.51 9.06
C CYS A 163 35.33 -31.53 8.04
N VAL A 164 34.74 -30.45 8.54
CA VAL A 164 34.15 -29.46 7.66
C VAL A 164 35.22 -28.92 6.73
N ASP A 165 36.40 -28.63 7.28
CA ASP A 165 37.48 -28.07 6.47
C ASP A 165 38.04 -29.06 5.46
N LYS A 166 38.17 -30.32 5.87
CA LYS A 166 38.71 -31.34 4.98
C LYS A 166 37.72 -31.65 3.87
N VAL A 167 36.49 -31.94 4.24
CA VAL A 167 35.45 -32.26 3.27
C VAL A 167 35.29 -31.14 2.24
N HIS A 168 35.73 -29.93 2.61
CA HIS A 168 35.65 -28.77 1.72
C HIS A 168 36.88 -28.66 0.82
N SER A 169 37.83 -29.56 1.02
CA SER A 169 39.06 -29.57 0.24
C SER A 169 39.29 -30.92 -0.42
N ASP A 170 38.72 -31.97 0.17
CA ASP A 170 38.83 -33.30 -0.39
C ASP A 170 38.14 -33.26 -1.74
N GLY A 171 37.23 -32.30 -1.87
CA GLY A 171 36.47 -32.17 -3.09
C GLY A 171 35.22 -33.02 -2.93
N THR A 172 35.13 -33.67 -1.78
CA THR A 172 34.01 -34.53 -1.47
C THR A 172 32.69 -33.80 -1.66
N LEU A 173 32.61 -32.60 -1.08
CA LEU A 173 31.39 -31.78 -1.16
C LEU A 173 31.16 -31.25 -2.57
N LYS A 174 32.21 -30.70 -3.17
CA LYS A 174 32.10 -30.15 -4.52
C LYS A 174 31.67 -31.19 -5.54
N ASN A 175 32.30 -32.36 -5.49
CA ASN A 175 31.99 -33.44 -6.40
C ASN A 175 30.51 -33.85 -6.35
N ILE A 176 29.96 -33.95 -5.15
CA ILE A 176 28.56 -34.33 -5.01
C ILE A 176 27.64 -33.32 -5.68
N ILE A 177 27.77 -32.05 -5.33
CA ILE A 177 26.90 -31.02 -5.91
C ILE A 177 27.15 -30.78 -7.39
N ILE A 178 28.34 -31.11 -7.87
CA ILE A 178 28.64 -30.93 -9.27
C ILE A 178 27.94 -32.00 -10.11
N LYS A 179 27.75 -33.17 -9.50
CA LYS A 179 27.09 -34.30 -10.17
C LYS A 179 25.57 -34.28 -9.95
N ASN A 180 25.04 -33.19 -9.41
CA ASN A 180 23.60 -33.08 -9.19
C ASN A 180 23.21 -31.61 -9.01
N LEU A 181 23.75 -30.77 -9.88
CA LEU A 181 23.51 -29.33 -9.86
C LEU A 181 22.05 -28.95 -9.67
N LYS A 182 21.15 -29.69 -10.29
CA LYS A 182 19.72 -29.39 -10.18
C LYS A 182 19.20 -29.45 -8.75
N LYS A 183 19.78 -30.32 -7.94
CA LYS A 183 19.35 -30.47 -6.55
C LYS A 183 19.92 -29.44 -5.58
N TYR A 184 21.05 -28.83 -5.92
CA TYR A 184 21.69 -27.89 -5.00
C TYR A 184 21.73 -26.41 -5.37
N VAL A 185 21.92 -26.10 -6.64
CA VAL A 185 21.98 -24.70 -7.02
C VAL A 185 20.68 -24.25 -7.65
N ILE A 186 20.31 -22.99 -7.43
CA ILE A 186 19.07 -22.52 -8.02
C ILE A 186 19.36 -21.42 -9.03
N ARG A 187 18.73 -21.54 -10.19
CA ARG A 187 18.90 -20.58 -11.26
C ARG A 187 17.98 -19.38 -11.08
N GLU A 188 18.42 -18.22 -11.55
CA GLU A 188 17.63 -17.00 -11.43
C GLU A 188 17.98 -16.01 -12.51
N LYS A 189 17.12 -15.94 -13.52
CA LYS A 189 17.29 -15.03 -14.66
C LYS A 189 17.65 -13.62 -14.22
N GLU A 190 16.93 -13.11 -13.24
CA GLU A 190 17.13 -11.77 -12.71
C GLU A 190 18.61 -11.43 -12.52
N VAL A 191 19.36 -12.36 -11.95
CA VAL A 191 20.78 -12.17 -11.67
C VAL A 191 21.57 -11.78 -12.92
N VAL A 192 21.35 -12.52 -14.02
CA VAL A 192 22.08 -12.22 -15.25
C VAL A 192 21.62 -10.90 -15.86
N GLU A 193 20.33 -10.64 -15.80
CA GLU A 193 19.80 -9.39 -16.34
C GLU A 193 20.41 -8.19 -15.61
N GLY A 194 20.36 -8.23 -14.28
CA GLY A 194 20.91 -7.15 -13.47
C GLY A 194 22.39 -6.94 -13.74
N LEU A 195 23.13 -8.03 -13.81
CA LEU A 195 24.54 -7.91 -14.08
C LEU A 195 24.73 -7.16 -15.38
N LYS A 196 24.06 -7.61 -16.43
CA LYS A 196 24.18 -6.97 -17.75
C LYS A 196 23.73 -5.51 -17.70
N HIS A 197 22.75 -5.23 -16.84
CA HIS A 197 22.27 -3.86 -16.70
C HIS A 197 23.40 -2.98 -16.15
N PHE A 198 24.04 -3.44 -15.07
CA PHE A 198 25.14 -2.70 -14.46
C PHE A 198 26.33 -2.57 -15.41
N ILE A 199 26.60 -3.63 -16.16
CA ILE A 199 27.71 -3.58 -17.09
C ILE A 199 27.38 -2.59 -18.18
N ARG A 200 26.09 -2.48 -18.51
CA ARG A 200 25.63 -1.54 -19.52
C ARG A 200 25.84 -0.10 -19.04
N TYR A 201 25.95 0.06 -17.72
CA TYR A 201 26.18 1.36 -17.12
C TYR A 201 27.63 1.63 -16.73
N GLY A 202 28.56 0.91 -17.33
CA GLY A 202 29.97 1.13 -17.05
C GLY A 202 30.60 0.34 -15.92
N LYS A 203 29.79 -0.33 -15.11
CA LYS A 203 30.34 -1.11 -14.01
C LYS A 203 31.16 -2.32 -14.47
N LYS A 204 32.21 -2.63 -13.74
CA LYS A 204 33.03 -3.80 -14.04
C LYS A 204 32.77 -4.81 -12.94
N ILE A 205 32.35 -6.01 -13.30
CA ILE A 205 32.05 -7.02 -12.32
C ILE A 205 33.16 -8.06 -12.28
N PHE A 206 33.44 -8.58 -11.09
CA PHE A 206 34.45 -9.61 -10.97
C PHE A 206 34.10 -10.58 -9.87
N ILE A 207 34.57 -11.81 -10.03
CA ILE A 207 34.31 -12.84 -9.07
C ILE A 207 35.51 -13.02 -8.14
N LEU A 208 35.22 -13.28 -6.87
CA LEU A 208 36.25 -13.49 -5.87
C LEU A 208 35.77 -14.67 -5.04
N THR A 209 36.16 -15.87 -5.45
CA THR A 209 35.73 -17.09 -4.79
C THR A 209 36.84 -17.92 -4.19
N ASN A 210 36.55 -18.60 -3.09
CA ASN A 210 37.53 -19.47 -2.44
C ASN A 210 37.60 -20.81 -3.16
N SER A 211 36.69 -21.01 -4.11
CA SER A 211 36.63 -22.25 -4.88
C SER A 211 37.64 -22.32 -6.02
N GLU A 212 37.93 -23.54 -6.43
CA GLU A 212 38.85 -23.80 -7.52
C GLU A 212 38.22 -23.37 -8.85
N TYR A 213 39.05 -23.12 -9.85
CA TYR A 213 38.55 -22.69 -11.16
C TYR A 213 37.74 -23.76 -11.90
N SER A 214 38.23 -24.99 -11.91
CA SER A 214 37.52 -26.06 -12.60
C SER A 214 36.07 -26.15 -12.11
N TYR A 215 35.89 -26.00 -10.81
CA TYR A 215 34.58 -26.07 -10.20
C TYR A 215 33.78 -24.84 -10.53
N SER A 216 34.46 -23.70 -10.56
CA SER A 216 33.82 -22.43 -10.85
C SER A 216 33.21 -22.42 -12.25
N LYS A 217 33.96 -22.92 -13.23
CA LYS A 217 33.49 -22.97 -14.61
C LYS A 217 32.18 -23.75 -14.70
N LEU A 218 32.20 -24.95 -14.14
CA LEU A 218 31.01 -25.80 -14.15
C LEU A 218 29.79 -25.11 -13.53
N LEU A 219 29.96 -24.54 -12.34
CA LEU A 219 28.85 -23.90 -11.65
C LEU A 219 28.36 -22.64 -12.36
N LEU A 220 29.28 -21.84 -12.85
CA LEU A 220 28.91 -20.60 -13.53
C LEU A 220 28.21 -20.85 -14.86
N ASP A 221 28.65 -21.87 -15.58
CA ASP A 221 28.05 -22.21 -16.86
C ASP A 221 26.62 -22.70 -16.61
N TYR A 222 26.47 -23.56 -15.61
CA TYR A 222 25.17 -24.09 -15.28
C TYR A 222 24.17 -23.03 -14.84
N ALA A 223 24.61 -22.11 -13.98
CA ALA A 223 23.72 -21.09 -13.45
C ALA A 223 23.54 -19.78 -14.22
N LEU A 224 24.46 -19.44 -15.11
CA LEU A 224 24.33 -18.18 -15.84
C LEU A 224 24.04 -18.32 -17.33
N SER A 225 24.67 -19.32 -17.96
CA SER A 225 24.51 -19.57 -19.38
C SER A 225 23.06 -19.70 -19.87
N PRO A 226 22.21 -20.44 -19.12
CA PRO A 226 20.80 -20.61 -19.51
C PRO A 226 20.06 -19.30 -19.72
N PHE A 227 20.73 -18.20 -19.41
CA PHE A 227 20.12 -16.88 -19.57
C PHE A 227 20.96 -16.01 -20.51
N LEU A 228 21.83 -16.67 -21.29
CA LEU A 228 22.71 -16.01 -22.25
C LEU A 228 22.46 -16.42 -23.71
N ASP A 229 22.25 -15.44 -24.59
CA ASP A 229 22.02 -15.71 -26.00
C ASP A 229 23.02 -16.75 -26.51
N LYS A 230 22.76 -17.26 -27.71
CA LYS A 230 23.63 -18.27 -28.32
C LYS A 230 24.95 -17.61 -28.69
N GLY A 231 26.05 -18.18 -28.23
CA GLY A 231 27.35 -17.61 -28.52
C GLY A 231 27.79 -16.56 -27.51
N GLU A 232 26.89 -16.20 -26.59
CA GLU A 232 27.22 -15.24 -25.53
C GLU A 232 27.80 -16.09 -24.41
N HIS A 233 29.06 -15.84 -24.06
CA HIS A 233 29.70 -16.61 -23.00
C HIS A 233 29.60 -15.89 -21.66
N TRP A 234 29.20 -16.62 -20.62
CA TRP A 234 29.09 -16.03 -19.28
C TRP A 234 30.36 -15.29 -18.87
N GLN A 235 31.52 -15.78 -19.29
CA GLN A 235 32.77 -15.10 -18.91
C GLN A 235 32.84 -13.66 -19.36
N GLY A 236 32.00 -13.29 -20.31
CA GLY A 236 31.98 -11.92 -20.79
C GLY A 236 31.28 -11.00 -19.80
N LEU A 237 30.64 -11.60 -18.79
CA LEU A 237 29.95 -10.84 -17.76
C LEU A 237 30.96 -10.34 -16.74
N PHE A 238 32.11 -11.00 -16.71
CA PHE A 238 33.12 -10.65 -15.72
C PHE A 238 34.46 -10.14 -16.24
N GLU A 239 34.87 -8.98 -15.72
CA GLU A 239 36.14 -8.36 -16.10
C GLU A 239 37.28 -9.24 -15.57
N PHE A 240 37.15 -9.68 -14.32
CA PHE A 240 38.16 -10.54 -13.70
C PHE A 240 37.47 -11.68 -12.96
N VAL A 241 38.10 -12.84 -12.95
CA VAL A 241 37.56 -13.95 -12.20
C VAL A 241 38.74 -14.54 -11.42
N ILE A 242 38.77 -14.20 -10.14
CA ILE A 242 39.82 -14.61 -9.22
C ILE A 242 39.41 -15.83 -8.41
N THR A 243 40.14 -16.93 -8.61
CA THR A 243 39.84 -18.19 -7.93
C THR A 243 40.80 -18.54 -6.80
N LEU A 244 40.38 -19.43 -5.90
CA LEU A 244 41.21 -19.80 -4.75
C LEU A 244 41.74 -18.51 -4.15
N ALA A 245 40.83 -17.54 -4.05
CA ALA A 245 41.15 -16.23 -3.51
C ALA A 245 41.76 -16.32 -2.11
N ASN A 246 41.43 -17.39 -1.39
CA ASN A 246 41.94 -17.58 -0.04
C ASN A 246 41.52 -16.41 0.86
N LYS A 247 40.22 -16.14 0.90
CA LYS A 247 39.69 -15.10 1.77
C LYS A 247 39.64 -15.76 3.15
N PRO A 248 39.71 -14.96 4.23
CA PRO A 248 39.82 -13.51 4.28
C PRO A 248 41.17 -12.91 3.93
N ARG A 249 42.22 -13.69 4.10
CA ARG A 249 43.57 -13.19 3.83
C ARG A 249 43.72 -12.41 2.54
N PHE A 250 42.92 -12.77 1.53
CA PHE A 250 43.01 -12.07 0.27
C PHE A 250 42.88 -10.57 0.52
N PHE A 251 42.02 -10.21 1.46
CA PHE A 251 41.75 -8.82 1.75
C PHE A 251 42.84 -8.02 2.44
N TYR A 252 43.46 -8.60 3.46
CA TYR A 252 44.47 -7.87 4.21
C TYR A 252 45.91 -8.38 4.09
N ASP A 253 46.07 -9.60 3.60
CA ASP A 253 47.39 -10.19 3.46
C ASP A 253 48.10 -9.71 2.19
N ASN A 254 49.18 -10.40 1.80
CA ASN A 254 49.94 -9.99 0.61
C ASN A 254 50.32 -11.17 -0.30
N LEU A 255 49.47 -12.19 -0.36
CA LEU A 255 49.75 -13.34 -1.21
C LEU A 255 49.71 -12.92 -2.66
N ARG A 256 50.54 -13.56 -3.48
CA ARG A 256 50.63 -13.18 -4.89
C ARG A 256 49.57 -13.76 -5.81
N PHE A 257 49.38 -13.07 -6.93
CA PHE A 257 48.43 -13.48 -7.94
C PHE A 257 49.07 -14.48 -8.90
N LEU A 258 48.26 -15.39 -9.43
CA LEU A 258 48.74 -16.35 -10.40
C LEU A 258 47.83 -16.19 -11.61
N SER A 259 48.43 -16.04 -12.78
CA SER A 259 47.65 -15.89 -14.01
C SER A 259 47.19 -17.28 -14.43
N VAL A 260 45.91 -17.41 -14.72
CA VAL A 260 45.39 -18.71 -15.14
C VAL A 260 45.04 -18.74 -16.62
N ASN A 261 45.59 -19.72 -17.31
CA ASN A 261 45.33 -19.92 -18.73
C ASN A 261 43.94 -20.59 -18.78
N PRO A 262 42.91 -19.83 -19.20
CA PRO A 262 41.52 -20.31 -19.30
C PRO A 262 41.37 -21.64 -20.02
N GLU A 263 42.35 -21.95 -20.86
CA GLU A 263 42.34 -23.17 -21.64
C GLU A 263 42.80 -24.37 -20.79
N ASN A 264 44.11 -24.61 -20.77
CA ASN A 264 44.71 -25.72 -20.04
C ASN A 264 44.69 -25.62 -18.50
N GLY A 265 44.31 -24.45 -17.97
CA GLY A 265 44.27 -24.27 -16.53
C GLY A 265 45.62 -24.02 -15.86
N THR A 266 46.72 -24.35 -16.55
CA THR A 266 48.05 -24.14 -15.98
C THR A 266 48.20 -22.66 -15.61
N MET A 267 49.18 -22.36 -14.75
CA MET A 267 49.39 -20.99 -14.30
C MET A 267 50.82 -20.49 -14.43
N THR A 268 50.95 -19.17 -14.50
CA THR A 268 52.26 -18.52 -14.57
C THR A 268 52.31 -17.41 -13.54
N ASN A 269 53.51 -17.10 -13.05
CA ASN A 269 53.66 -16.05 -12.06
C ASN A 269 53.38 -14.72 -12.72
N VAL A 270 52.92 -13.78 -11.91
CA VAL A 270 52.60 -12.46 -12.43
C VAL A 270 53.71 -11.43 -12.25
N HIS A 271 53.98 -10.72 -13.33
CA HIS A 271 54.98 -9.65 -13.36
C HIS A 271 54.15 -8.50 -13.92
N GLY A 272 54.33 -7.30 -13.38
CA GLY A 272 53.54 -6.18 -13.85
C GLY A 272 52.10 -6.21 -13.34
N PRO A 273 51.28 -5.21 -13.70
CA PRO A 273 49.87 -5.13 -13.28
C PRO A 273 49.02 -6.22 -13.91
N ILE A 274 47.91 -6.57 -13.26
CA ILE A 274 47.03 -7.60 -13.78
C ILE A 274 46.13 -7.00 -14.83
N VAL A 275 45.66 -7.84 -15.74
CA VAL A 275 44.77 -7.42 -16.81
C VAL A 275 43.56 -8.35 -16.83
N PRO A 276 42.43 -7.88 -17.38
CA PRO A 276 41.21 -8.69 -17.46
C PRO A 276 41.50 -10.15 -17.81
N GLY A 277 41.08 -11.07 -16.95
CA GLY A 277 41.33 -12.47 -17.20
C GLY A 277 41.12 -13.30 -15.95
N VAL A 278 41.58 -14.55 -15.97
CA VAL A 278 41.43 -15.43 -14.82
C VAL A 278 42.69 -15.54 -13.98
N TYR A 279 42.53 -15.41 -12.66
CA TYR A 279 43.64 -15.48 -11.75
C TYR A 279 43.36 -16.39 -10.58
N GLN A 280 44.42 -16.67 -9.82
CA GLN A 280 44.33 -17.49 -8.62
C GLN A 280 45.07 -16.73 -7.51
N GLY A 281 44.62 -16.87 -6.27
CA GLY A 281 45.29 -16.18 -5.16
C GLY A 281 45.16 -14.67 -5.17
N GLY A 282 46.26 -13.95 -4.99
CA GLY A 282 46.19 -12.50 -5.02
C GLY A 282 45.85 -11.83 -3.70
N ASN A 283 45.75 -10.51 -3.73
CA ASN A 283 45.43 -9.73 -2.54
C ASN A 283 44.78 -8.43 -2.97
N ALA A 284 43.84 -7.93 -2.16
CA ALA A 284 43.12 -6.70 -2.49
C ALA A 284 44.00 -5.49 -2.79
N LYS A 285 45.14 -5.41 -2.12
CA LYS A 285 46.06 -4.30 -2.29
C LYS A 285 46.53 -4.17 -3.74
N LYS A 286 47.18 -5.22 -4.26
CA LYS A 286 47.67 -5.18 -5.63
C LYS A 286 46.55 -4.96 -6.64
N PHE A 287 45.39 -5.56 -6.38
CA PHE A 287 44.23 -5.45 -7.26
C PHE A 287 43.79 -3.99 -7.38
N THR A 288 43.56 -3.34 -6.25
CA THR A 288 43.12 -1.97 -6.25
C THR A 288 44.08 -1.04 -6.99
N GLU A 289 45.38 -1.19 -6.75
CA GLU A 289 46.35 -0.33 -7.39
C GLU A 289 46.41 -0.62 -8.89
N ASP A 290 46.45 -1.91 -9.24
CA ASP A 290 46.51 -2.29 -10.65
C ASP A 290 45.35 -1.73 -11.45
N LEU A 291 44.20 -1.54 -10.80
CA LEU A 291 43.05 -0.98 -11.50
C LEU A 291 43.03 0.54 -11.40
N GLY A 292 44.05 1.10 -10.76
CA GLY A 292 44.17 2.54 -10.62
C GLY A 292 42.95 3.26 -10.08
N VAL A 293 42.35 2.70 -9.05
CA VAL A 293 41.18 3.30 -8.44
C VAL A 293 41.37 3.34 -6.92
N GLY A 294 40.45 4.01 -6.24
CA GLY A 294 40.52 4.04 -4.80
C GLY A 294 39.67 2.93 -4.24
N GLY A 295 40.05 2.41 -3.07
CA GLY A 295 39.28 1.34 -2.47
C GLY A 295 37.79 1.65 -2.36
N ASP A 296 37.46 2.92 -2.11
CA ASP A 296 36.06 3.31 -1.96
C ASP A 296 35.26 3.30 -3.27
N GLU A 297 35.90 2.89 -4.36
CA GLU A 297 35.23 2.84 -5.65
C GLU A 297 34.97 1.39 -5.99
N ILE A 298 35.30 0.52 -5.05
CA ILE A 298 35.09 -0.92 -5.20
C ILE A 298 34.09 -1.42 -4.15
N LEU A 299 33.09 -2.17 -4.61
CA LEU A 299 32.10 -2.72 -3.71
C LEU A 299 32.15 -4.24 -3.78
N TYR A 300 32.45 -4.87 -2.65
CA TYR A 300 32.51 -6.32 -2.59
C TYR A 300 31.28 -6.83 -1.85
N ILE A 301 30.67 -7.88 -2.40
CA ILE A 301 29.48 -8.46 -1.79
C ILE A 301 29.71 -9.93 -1.49
N GLY A 302 29.56 -10.29 -0.22
CA GLY A 302 29.73 -11.67 0.19
C GLY A 302 28.48 -12.14 0.90
N ASP A 303 28.52 -13.32 1.50
CA ASP A 303 27.35 -13.84 2.20
C ASP A 303 27.63 -14.14 3.66
N HIS A 304 28.91 -14.21 4.02
CA HIS A 304 29.27 -14.47 5.40
C HIS A 304 30.42 -13.62 5.87
N ILE A 305 30.30 -13.11 7.09
CA ILE A 305 31.31 -12.27 7.70
C ILE A 305 32.51 -13.12 8.07
N TYR A 306 33.37 -13.35 7.09
CA TYR A 306 34.58 -14.16 7.27
C TYR A 306 35.67 -13.50 8.11
N GLY A 307 35.94 -14.10 9.26
CA GLY A 307 36.97 -13.61 10.16
C GLY A 307 36.65 -12.39 11.00
N ASP A 308 37.72 -11.75 11.48
CA ASP A 308 37.64 -10.56 12.31
C ASP A 308 37.36 -9.33 11.46
N ILE A 309 36.19 -8.73 11.68
CA ILE A 309 35.75 -7.55 10.95
C ILE A 309 36.73 -6.37 11.02
N LEU A 310 37.26 -6.10 12.20
CA LEU A 310 38.19 -4.97 12.40
C LEU A 310 39.45 -5.06 11.54
N ARG A 311 40.04 -6.25 11.46
CA ARG A 311 41.24 -6.46 10.65
C ARG A 311 40.87 -6.31 9.16
N LEU A 312 39.66 -6.76 8.83
CA LEU A 312 39.17 -6.72 7.47
C LEU A 312 38.66 -5.35 7.04
N LYS A 313 38.26 -4.50 7.99
CA LYS A 313 37.75 -3.17 7.64
C LYS A 313 38.80 -2.07 7.82
N LYS A 314 39.82 -2.36 8.63
CA LYS A 314 40.88 -1.39 8.88
C LYS A 314 41.96 -1.49 7.83
N ASP A 315 42.24 -2.71 7.41
CA ASP A 315 43.28 -2.95 6.42
C ASP A 315 42.81 -3.07 4.97
N CYS A 316 41.51 -3.02 4.73
CA CYS A 316 41.05 -3.14 3.34
C CYS A 316 40.63 -1.83 2.67
N ASN A 317 39.62 -1.17 3.22
CA ASN A 317 39.14 0.10 2.68
C ASN A 317 38.11 -0.02 1.54
N TRP A 318 37.87 -1.26 1.09
CA TRP A 318 36.87 -1.53 0.06
C TRP A 318 35.49 -1.39 0.69
N ARG A 319 34.49 -1.04 -0.11
CA ARG A 319 33.12 -0.95 0.41
C ARG A 319 32.65 -2.40 0.46
N THR A 320 31.97 -2.78 1.53
CA THR A 320 31.51 -4.15 1.63
C THR A 320 30.03 -4.25 1.92
N ALA A 321 29.38 -5.11 1.16
CA ALA A 321 27.95 -5.35 1.28
C ALA A 321 27.79 -6.83 1.62
N LEU A 322 26.61 -7.17 2.12
CA LEU A 322 26.34 -8.52 2.55
C LEU A 322 24.98 -9.03 2.10
N VAL A 323 24.96 -10.29 1.72
CA VAL A 323 23.72 -10.93 1.31
C VAL A 323 23.39 -11.82 2.52
N VAL A 324 22.19 -11.68 3.06
CA VAL A 324 21.78 -12.47 4.21
C VAL A 324 20.48 -13.19 3.88
N GLU A 325 20.59 -14.44 3.43
CA GLU A 325 19.41 -15.20 3.04
C GLU A 325 18.31 -15.35 4.09
N GLU A 326 18.69 -15.44 5.35
CA GLU A 326 17.75 -15.60 6.45
C GLU A 326 16.81 -14.43 6.59
N LEU A 327 17.04 -13.35 5.84
CA LEU A 327 16.17 -12.19 5.93
C LEU A 327 14.75 -12.50 5.49
N GLY A 328 14.62 -13.33 4.46
CA GLY A 328 13.32 -13.69 3.95
C GLY A 328 12.36 -14.07 5.06
N GLU A 329 12.73 -15.10 5.80
CA GLU A 329 11.90 -15.55 6.90
C GLU A 329 11.79 -14.55 8.02
N GLU A 330 12.90 -13.91 8.37
CA GLU A 330 12.86 -12.93 9.44
C GLU A 330 11.84 -11.84 9.13
N ILE A 331 11.86 -11.31 7.90
CA ILE A 331 10.93 -10.25 7.54
C ILE A 331 9.50 -10.76 7.61
N ALA A 332 9.20 -11.81 6.84
CA ALA A 332 7.87 -12.41 6.84
C ALA A 332 7.32 -12.56 8.25
N SER A 333 8.11 -13.17 9.13
CA SER A 333 7.70 -13.38 10.51
C SER A 333 7.43 -12.07 11.24
N GLN A 334 8.22 -11.05 10.98
CA GLN A 334 8.01 -9.77 11.64
C GLN A 334 6.75 -9.12 11.10
N ILE A 335 6.46 -9.36 9.82
CA ILE A 335 5.27 -8.82 9.19
C ILE A 335 4.03 -9.49 9.82
N ARG A 336 4.16 -10.76 10.20
CA ARG A 336 3.05 -11.47 10.82
C ARG A 336 2.87 -10.97 12.25
N ALA A 337 3.99 -10.68 12.92
CA ALA A 337 3.94 -10.20 14.28
C ALA A 337 3.69 -8.70 14.33
N LEU A 338 3.60 -8.06 13.18
CA LEU A 338 3.39 -6.62 13.11
C LEU A 338 2.28 -6.12 14.04
N PRO A 339 1.11 -6.75 14.03
CA PRO A 339 0.06 -6.24 14.94
C PRO A 339 0.41 -6.29 16.44
N ILE A 340 1.20 -7.27 16.86
CA ILE A 340 1.60 -7.37 18.26
C ILE A 340 2.54 -6.20 18.56
N GLU A 341 3.49 -5.98 17.66
CA GLU A 341 4.45 -4.90 17.83
C GLU A 341 3.73 -3.58 18.07
N LYS A 342 2.77 -3.29 17.21
CA LYS A 342 1.98 -2.09 17.31
C LYS A 342 1.40 -1.99 18.71
N LYS A 343 0.91 -3.10 19.24
CA LYS A 343 0.34 -3.13 20.57
C LYS A 343 1.39 -2.81 21.63
N ILE A 344 2.55 -3.44 21.53
CA ILE A 344 3.61 -3.20 22.48
C ILE A 344 4.01 -1.71 22.46
N GLY A 345 3.98 -1.11 21.28
CA GLY A 345 4.35 0.29 21.18
C GLY A 345 3.41 1.20 21.94
N GLU A 346 2.12 0.89 21.86
CA GLU A 346 1.10 1.67 22.52
C GLU A 346 1.19 1.58 24.05
N ALA A 347 1.48 0.37 24.55
CA ALA A 347 1.60 0.14 25.98
C ALA A 347 2.84 0.82 26.54
N MET A 348 3.91 0.82 25.78
CA MET A 348 5.13 1.49 26.23
C MET A 348 4.83 2.97 26.39
N ALA A 349 4.05 3.52 25.47
CA ALA A 349 3.68 4.93 25.48
C ALA A 349 2.78 5.27 26.64
N ILE A 350 1.93 4.32 27.01
CA ILE A 350 1.04 4.52 28.13
C ILE A 350 1.85 4.33 29.38
N LYS A 351 2.89 3.51 29.28
CA LYS A 351 3.73 3.27 30.43
C LYS A 351 4.50 4.56 30.71
N LYS A 352 5.07 5.14 29.65
CA LYS A 352 5.83 6.35 29.82
C LYS A 352 4.95 7.45 30.40
N GLU A 353 3.73 7.58 29.89
CA GLU A 353 2.83 8.62 30.40
C GLU A 353 2.61 8.45 31.91
N LEU A 354 2.26 7.23 32.33
CA LEU A 354 2.04 6.94 33.74
C LEU A 354 3.29 7.10 34.62
N GLU A 355 4.43 6.58 34.20
CA GLU A 355 5.62 6.74 35.04
C GLU A 355 6.00 8.22 35.18
N GLN A 356 5.64 9.03 34.19
CA GLN A 356 5.97 10.44 34.29
C GLN A 356 5.04 11.08 35.32
N LYS A 357 3.74 10.79 35.21
CA LYS A 357 2.80 11.35 36.18
C LYS A 357 3.25 10.88 37.55
N TYR A 358 3.83 9.68 37.61
CA TYR A 358 4.31 9.15 38.90
C TYR A 358 5.40 10.03 39.50
N VAL A 359 6.50 10.20 38.76
CA VAL A 359 7.62 11.01 39.23
C VAL A 359 7.18 12.44 39.51
N ASP A 360 6.25 12.97 38.73
CA ASP A 360 5.77 14.32 38.97
C ASP A 360 5.20 14.42 40.39
N LEU A 361 4.30 13.51 40.75
CA LEU A 361 3.73 13.52 42.10
C LEU A 361 4.80 13.24 43.14
N CYS A 362 5.65 12.25 42.88
CA CYS A 362 6.74 11.89 43.79
C CYS A 362 7.70 13.07 43.97
N THR A 363 7.82 13.87 42.92
CA THR A 363 8.68 15.05 42.92
C THR A 363 7.89 16.25 43.45
N ARG A 364 6.57 16.09 43.51
CA ARG A 364 5.66 17.13 43.99
C ARG A 364 5.45 17.01 45.48
N SER A 365 5.93 15.91 46.06
CA SER A 365 5.79 15.69 47.49
C SER A 365 7.04 16.17 48.21
N ILE A 366 7.97 16.74 47.45
CA ILE A 366 9.21 17.27 48.01
C ILE A 366 9.16 18.81 47.95
N ASP A 367 8.38 19.32 46.99
CA ASP A 367 8.18 20.76 46.82
C ASP A 367 7.05 21.22 47.74
N GLU A 368 6.71 20.37 48.70
CA GLU A 368 5.66 20.67 49.68
C GLU A 368 5.47 19.48 50.61
N SER A 369 6.56 18.78 50.89
CA SER A 369 6.57 17.61 51.77
C SER A 369 5.20 16.95 51.94
N TYR A 373 -2.38 12.65 49.93
CA TYR A 373 -2.03 12.34 48.55
C TYR A 373 -1.00 11.21 48.51
N ASP A 374 -0.92 10.46 49.60
CA ASP A 374 0.04 9.36 49.69
C ASP A 374 -0.42 8.07 48.99
N GLN A 375 -1.72 7.96 48.73
CA GLN A 375 -2.26 6.77 48.07
C GLN A 375 -2.47 6.99 46.58
N GLU A 376 -2.63 8.25 46.18
CA GLU A 376 -2.82 8.57 44.77
C GLU A 376 -1.69 7.94 43.96
N ILE A 377 -0.52 7.93 44.58
CA ILE A 377 0.67 7.34 43.98
C ILE A 377 0.49 5.84 43.86
N HIS A 378 0.00 5.22 44.93
CA HIS A 378 -0.27 3.80 45.00
C HIS A 378 -1.08 3.29 43.80
N ASP A 379 -2.22 3.92 43.54
CA ASP A 379 -3.08 3.51 42.44
C ASP A 379 -2.34 3.68 41.11
N LEU A 380 -1.37 4.60 41.10
CA LEU A 380 -0.59 4.88 39.92
C LEU A 380 0.45 3.79 39.73
N GLN A 381 1.05 3.35 40.83
CA GLN A 381 2.04 2.29 40.79
C GLN A 381 1.35 1.06 40.23
N LEU A 382 0.14 0.82 40.74
CA LEU A 382 -0.71 -0.30 40.35
C LEU A 382 -0.90 -0.35 38.84
N GLN A 383 -1.27 0.78 38.25
CA GLN A 383 -1.46 0.85 36.80
C GLN A 383 -0.15 0.53 36.09
N ILE A 384 0.97 1.05 36.62
CA ILE A 384 2.27 0.80 36.01
C ILE A 384 2.49 -0.70 35.93
N SER A 385 2.35 -1.35 37.08
CA SER A 385 2.54 -2.79 37.16
C SER A 385 1.69 -3.57 36.15
N THR A 386 0.45 -3.11 35.97
CA THR A 386 -0.47 -3.80 35.07
C THR A 386 -0.06 -3.68 33.62
N VAL A 387 0.34 -2.48 33.20
CA VAL A 387 0.76 -2.29 31.80
C VAL A 387 2.09 -2.99 31.54
N ASP A 388 2.92 -3.10 32.57
CA ASP A 388 4.20 -3.79 32.42
C ASP A 388 3.95 -5.26 32.17
N LEU A 389 3.05 -5.84 32.97
CA LEU A 389 2.71 -7.26 32.84
C LEU A 389 2.23 -7.51 31.42
N GLN A 390 1.36 -6.62 30.94
CA GLN A 390 0.82 -6.69 29.58
C GLN A 390 1.92 -6.64 28.53
N ILE A 391 2.96 -5.85 28.81
CA ILE A 391 4.06 -5.68 27.87
C ILE A 391 4.91 -6.93 27.74
N SER A 392 5.28 -7.54 28.88
CA SER A 392 6.11 -8.72 28.83
C SER A 392 5.34 -9.91 28.29
N ARG A 393 4.03 -9.93 28.49
CA ARG A 393 3.25 -11.03 27.96
C ARG A 393 3.11 -10.81 26.46
N LEU A 394 3.06 -9.55 26.05
CA LEU A 394 2.99 -9.23 24.63
C LEU A 394 4.25 -9.68 23.90
N LEU A 395 5.42 -9.39 24.50
CA LEU A 395 6.70 -9.78 23.93
C LEU A 395 6.76 -11.30 23.84
N GLN A 396 6.20 -11.96 24.86
CA GLN A 396 6.19 -13.41 24.88
C GLN A 396 5.31 -13.87 23.72
N GLU A 397 4.14 -13.27 23.60
CA GLU A 397 3.20 -13.61 22.53
C GLU A 397 3.95 -13.56 21.20
N GLN A 398 4.77 -12.52 21.05
CA GLN A 398 5.55 -12.30 19.84
C GLN A 398 6.59 -13.39 19.54
N ASN A 399 7.08 -14.08 20.57
CA ASN A 399 8.09 -15.12 20.40
C ASN A 399 7.65 -16.34 19.61
N SER A 400 6.35 -16.52 19.44
CA SER A 400 5.85 -17.69 18.74
C SER A 400 5.91 -17.54 17.23
N PHE A 401 6.20 -16.34 16.76
CA PHE A 401 6.28 -16.07 15.34
C PHE A 401 7.67 -16.28 14.81
N TYR A 402 8.57 -16.72 15.67
CA TYR A 402 9.95 -16.90 15.25
C TYR A 402 10.46 -18.25 15.67
N ASN A 403 11.68 -18.60 15.23
CA ASN A 403 12.24 -19.89 15.60
C ASN A 403 11.90 -20.12 17.06
N PRO A 404 11.17 -21.22 17.35
CA PRO A 404 10.75 -21.61 18.69
C PRO A 404 11.88 -21.90 19.66
N LYS A 405 13.03 -22.30 19.14
CA LYS A 405 14.14 -22.61 20.02
C LYS A 405 15.14 -21.47 20.25
N TRP A 406 15.36 -20.60 19.26
CA TRP A 406 16.33 -19.53 19.40
C TRP A 406 15.87 -18.11 19.11
N GLU A 407 14.59 -17.95 18.79
CA GLU A 407 14.04 -16.63 18.49
C GLU A 407 14.64 -16.00 17.22
N ARG A 408 14.56 -14.67 17.10
CA ARG A 408 15.08 -14.00 15.91
C ARG A 408 16.60 -14.01 15.78
N VAL A 409 17.06 -13.83 14.55
CA VAL A 409 18.47 -13.79 14.22
C VAL A 409 19.15 -12.47 14.57
N PHE A 410 18.42 -11.37 14.34
CA PHE A 410 18.94 -10.03 14.58
C PHE A 410 18.69 -9.50 15.99
N ARG A 411 17.92 -10.22 16.79
CA ARG A 411 17.63 -9.79 18.15
C ARG A 411 18.03 -10.81 19.20
N ALA A 412 18.72 -10.35 20.24
CA ALA A 412 19.14 -11.21 21.34
C ALA A 412 18.34 -10.67 22.49
N GLY A 413 17.20 -11.30 22.74
CA GLY A 413 16.35 -10.80 23.79
C GLY A 413 15.78 -9.52 23.21
N ALA A 414 15.78 -8.45 23.99
CA ALA A 414 15.25 -7.18 23.48
C ALA A 414 16.29 -6.44 22.66
N GLU A 415 17.57 -6.68 22.94
CA GLU A 415 18.66 -6.00 22.24
C GLU A 415 18.94 -6.63 20.89
N GLU A 416 19.77 -5.98 20.10
CA GLU A 416 20.14 -6.56 18.83
C GLU A 416 21.17 -7.63 19.19
N SER A 417 21.25 -8.67 18.37
CA SER A 417 22.18 -9.75 18.61
C SER A 417 23.61 -9.39 18.16
N TYR A 418 24.55 -10.27 18.48
CA TYR A 418 25.93 -10.04 18.07
C TYR A 418 25.96 -10.03 16.54
N PHE A 419 25.18 -10.91 15.93
CA PHE A 419 25.13 -10.99 14.47
C PHE A 419 24.63 -9.67 13.88
N ALA A 420 23.63 -9.08 14.51
CA ALA A 420 23.06 -7.82 14.04
C ALA A 420 24.15 -6.74 14.05
N TYR A 421 24.98 -6.78 15.09
CA TYR A 421 26.08 -5.84 15.24
C TYR A 421 27.06 -6.02 14.10
N GLN A 422 27.40 -7.27 13.83
CA GLN A 422 28.34 -7.57 12.78
C GLN A 422 27.84 -7.05 11.43
N VAL A 423 26.56 -7.23 11.16
CA VAL A 423 26.00 -6.76 9.90
C VAL A 423 26.12 -5.24 9.85
N ASP A 424 25.70 -4.59 10.93
CA ASP A 424 25.74 -3.15 11.02
C ASP A 424 27.16 -2.62 10.78
N ARG A 425 28.13 -3.22 11.46
CA ARG A 425 29.50 -2.79 11.30
C ARG A 425 30.13 -3.18 9.96
N PHE A 426 29.92 -4.40 9.51
CA PHE A 426 30.54 -4.85 8.27
C PHE A 426 29.87 -4.41 6.97
N ALA A 427 28.55 -4.36 6.96
CA ALA A 427 27.86 -4.00 5.73
C ALA A 427 27.30 -2.57 5.61
N CYS A 428 27.56 -1.93 4.47
CA CYS A 428 27.04 -0.58 4.23
C CYS A 428 25.59 -0.75 3.76
N ILE A 429 25.34 -1.84 3.05
CA ILE A 429 23.99 -2.19 2.60
C ILE A 429 23.90 -3.69 2.65
N TYR A 430 22.71 -4.20 2.94
CA TYR A 430 22.50 -5.64 2.98
C TYR A 430 21.12 -5.97 2.40
N MET A 431 21.01 -7.17 1.84
CA MET A 431 19.78 -7.61 1.22
C MET A 431 19.60 -9.10 1.39
N GLU A 432 18.43 -9.62 1.01
CA GLU A 432 18.19 -11.05 1.14
C GLU A 432 18.99 -11.83 0.09
N LYS A 433 19.00 -11.32 -1.13
CA LYS A 433 19.77 -11.97 -2.19
C LYS A 433 20.35 -10.91 -3.12
N LEU A 434 21.37 -11.28 -3.87
CA LEU A 434 22.04 -10.36 -4.77
C LEU A 434 21.17 -9.63 -5.81
N SER A 435 20.20 -10.34 -6.39
CA SER A 435 19.36 -9.69 -7.39
C SER A 435 18.59 -8.51 -6.81
N ASP A 436 18.42 -8.49 -5.50
CA ASP A 436 17.70 -7.37 -4.87
C ASP A 436 18.45 -6.06 -5.11
N LEU A 437 19.78 -6.13 -5.10
CA LEU A 437 20.61 -4.96 -5.31
C LEU A 437 20.64 -4.69 -6.81
N LEU A 438 20.91 -5.73 -7.59
CA LEU A 438 20.99 -5.60 -9.03
C LEU A 438 19.70 -5.12 -9.70
N GLU A 439 18.59 -5.19 -8.96
CA GLU A 439 17.30 -4.76 -9.49
C GLU A 439 17.25 -3.23 -9.51
N HIS A 440 17.94 -2.60 -8.58
CA HIS A 440 17.98 -1.13 -8.52
C HIS A 440 18.80 -0.53 -9.65
N SER A 441 18.57 0.76 -9.90
CA SER A 441 19.30 1.47 -10.94
C SER A 441 20.77 1.53 -10.61
N PRO A 442 21.64 1.28 -11.60
CA PRO A 442 23.10 1.31 -11.45
C PRO A 442 23.62 2.67 -11.00
N MET A 443 22.76 3.68 -11.03
CA MET A 443 23.18 5.01 -10.59
C MET A 443 22.38 5.47 -9.39
N THR A 444 21.90 4.51 -8.61
CA THR A 444 21.13 4.81 -7.41
C THR A 444 22.02 5.28 -6.26
N TYR A 445 21.47 6.11 -5.38
CA TYR A 445 22.21 6.63 -4.25
C TYR A 445 21.52 6.13 -2.98
N PHE A 446 22.17 5.21 -2.28
CA PHE A 446 21.63 4.63 -1.05
C PHE A 446 21.90 5.49 0.18
N ARG A 447 20.85 5.86 0.90
CA ARG A 447 21.00 6.67 2.10
C ARG A 447 20.51 5.93 3.31
N ALA A 448 21.26 6.03 4.40
CA ALA A 448 20.90 5.37 5.64
C ALA A 448 19.63 6.01 6.16
N ASN A 449 18.77 5.19 6.74
CA ASN A 449 17.50 5.67 7.29
C ASN A 449 17.76 6.77 8.30
N ARG A 450 16.99 7.84 8.18
CA ARG A 450 17.10 8.97 9.10
C ARG A 450 16.28 8.59 10.34
N ARG A 451 16.38 7.32 10.73
CA ARG A 451 15.67 6.79 11.89
C ARG A 451 16.16 7.43 13.16
N LEU A 452 17.46 7.73 13.22
CA LEU A 452 18.03 8.36 14.40
C LEU A 452 17.59 9.83 14.45
N LEU A 453 17.24 10.39 13.28
CA LEU A 453 16.76 11.77 13.18
C LEU A 453 15.40 11.89 13.89
N ALA A 454 14.42 11.13 13.41
CA ALA A 454 13.08 11.12 13.99
C ALA A 454 13.13 10.48 15.37
N HIS A 455 14.24 9.78 15.64
CA HIS A 455 14.45 9.12 16.93
C HIS A 455 14.51 10.19 17.99
N ASP A 456 15.17 11.31 17.67
CA ASP A 456 15.30 12.40 18.62
C ASP A 456 14.10 13.37 18.58
N ILE A 457 12.90 12.81 18.47
CA ILE A 457 11.67 13.59 18.47
C ILE A 457 11.21 13.51 19.91
N ASP A 458 11.91 12.68 20.69
CA ASP A 458 11.62 12.50 22.10
C ASP A 458 11.97 13.78 22.83
N ILE A 459 12.57 14.71 22.09
CA ILE A 459 12.97 15.98 22.63
C ILE A 459 11.76 16.90 22.79
N LEU A 463 10.78 16.78 21.90
CA LEU A 463 9.57 17.60 21.98
C LEU A 463 8.66 17.11 23.10
N GLU A 464 8.88 15.87 23.54
CA GLU A 464 8.09 15.30 24.62
C GLU A 464 8.21 16.25 25.81
N HIS A 465 9.28 17.06 25.80
CA HIS A 465 9.53 18.03 26.85
C HIS A 465 8.94 19.40 26.47
N ASP B 2 11.45 20.23 36.29
CA ASP B 2 12.43 19.09 36.31
C ASP B 2 11.73 17.75 36.00
N THR B 3 11.89 17.29 34.76
CA THR B 3 11.32 16.04 34.29
C THR B 3 11.91 14.78 34.94
N HIS B 4 13.17 14.83 35.38
CA HIS B 4 13.83 13.69 36.01
C HIS B 4 13.78 12.43 35.14
N LYS B 5 14.11 12.55 33.87
CA LYS B 5 14.07 11.43 32.94
C LYS B 5 15.21 10.45 33.09
N VAL B 6 14.90 9.17 32.97
CA VAL B 6 15.89 8.12 33.04
C VAL B 6 15.87 7.39 31.71
N PHE B 7 17.00 7.37 31.03
CA PHE B 7 17.11 6.73 29.73
C PHE B 7 17.53 5.29 29.90
N VAL B 8 16.87 4.40 29.18
CA VAL B 8 17.13 2.97 29.29
C VAL B 8 17.76 2.32 28.07
N ASN B 9 18.90 1.68 28.27
CA ASN B 9 19.59 0.98 27.19
C ASN B 9 19.28 -0.52 27.23
N ARG B 10 19.07 -1.03 28.44
CA ARG B 10 18.80 -2.44 28.65
C ARG B 10 17.91 -2.61 29.86
N ILE B 11 17.09 -3.66 29.84
CA ILE B 11 16.19 -3.96 30.94
C ILE B 11 16.94 -4.10 32.27
N ILE B 12 16.34 -3.54 33.32
CA ILE B 12 16.84 -3.68 34.68
C ILE B 12 15.61 -3.59 35.59
N ASN B 13 15.35 -4.67 36.32
CA ASN B 13 14.21 -4.75 37.23
C ASN B 13 14.66 -4.25 38.60
N MET B 14 14.43 -2.98 38.91
CA MET B 14 14.87 -2.44 40.19
C MET B 14 14.33 -3.24 41.39
N ARG B 15 13.21 -3.90 41.19
CA ARG B 15 12.60 -4.71 42.25
C ARG B 15 13.56 -5.79 42.72
N LYS B 16 14.32 -6.35 41.78
CA LYS B 16 15.27 -7.41 42.09
C LYS B 16 16.66 -6.93 42.48
N ILE B 17 16.80 -5.62 42.64
CA ILE B 17 18.08 -5.04 43.05
C ILE B 17 18.08 -4.83 44.56
N LYS B 18 19.02 -5.47 45.24
CA LYS B 18 19.07 -5.36 46.69
C LYS B 18 19.98 -4.27 47.21
N LEU B 19 21.13 -4.10 46.57
CA LEU B 19 22.07 -3.08 46.99
C LEU B 19 22.40 -2.12 45.85
N ILE B 20 22.44 -0.83 46.17
CA ILE B 20 22.80 0.19 45.20
C ILE B 20 24.11 0.85 45.65
N GLY B 21 25.17 0.62 44.88
CA GLY B 21 26.46 1.20 45.19
C GLY B 21 26.61 2.54 44.50
N LEU B 22 26.91 3.58 45.28
CA LEU B 22 27.05 4.91 44.72
C LEU B 22 28.47 5.46 44.75
N ASP B 23 28.89 5.98 43.61
CA ASP B 23 30.18 6.63 43.46
C ASP B 23 29.93 7.95 44.20
N MET B 24 30.91 8.48 44.93
CA MET B 24 30.68 9.73 45.66
C MET B 24 30.91 11.03 44.87
N ASP B 25 32.17 11.32 44.55
CA ASP B 25 32.47 12.54 43.83
C ASP B 25 31.92 12.56 42.41
N HIS B 26 30.93 13.42 42.19
CA HIS B 26 30.25 13.62 40.90
C HIS B 26 29.02 12.74 40.66
N THR B 27 28.76 11.79 41.55
CA THR B 27 27.56 10.96 41.37
C THR B 27 26.63 11.33 42.52
N LEU B 28 26.93 10.85 43.72
CA LEU B 28 26.12 11.15 44.91
C LEU B 28 26.22 12.60 45.30
N ILE B 29 27.42 13.17 45.21
CA ILE B 29 27.64 14.56 45.55
C ILE B 29 27.94 15.37 44.29
N ARG B 30 27.11 16.35 43.98
CA ARG B 30 27.30 17.14 42.77
C ARG B 30 28.32 18.29 42.89
N TYR B 31 29.09 18.47 41.82
CA TYR B 31 30.09 19.52 41.76
C TYR B 31 29.78 20.50 40.64
N ASN B 32 30.22 21.73 40.83
CA ASN B 32 30.06 22.77 39.82
C ASN B 32 31.10 22.45 38.74
N SER B 33 30.65 21.84 37.64
CA SER B 33 31.56 21.43 36.56
C SER B 33 32.57 22.45 36.07
N LYS B 34 32.11 23.65 35.72
CA LYS B 34 33.00 24.67 35.21
C LYS B 34 34.07 24.99 36.23
N ASN B 35 33.65 25.34 37.44
CA ASN B 35 34.61 25.66 38.47
C ASN B 35 35.59 24.54 38.75
N PHE B 36 35.07 23.32 38.82
CA PHE B 36 35.91 22.16 39.09
C PHE B 36 36.88 21.87 37.94
N GLU B 37 36.40 21.93 36.70
CA GLU B 37 37.29 21.69 35.55
C GLU B 37 38.39 22.72 35.58
N SER B 38 37.99 23.98 35.74
CA SER B 38 38.93 25.08 35.80
C SER B 38 40.03 24.88 36.84
N LEU B 39 39.63 24.43 38.04
CA LEU B 39 40.61 24.20 39.09
C LEU B 39 41.62 23.17 38.58
N VAL B 40 41.12 22.02 38.15
CA VAL B 40 41.99 20.96 37.63
C VAL B 40 42.89 21.53 36.55
N TYR B 41 42.34 22.33 35.67
CA TYR B 41 43.15 22.92 34.62
C TYR B 41 44.30 23.70 35.26
N ASP B 42 43.98 24.66 36.13
CA ASP B 42 45.01 25.45 36.79
C ASP B 42 46.05 24.57 37.50
N LEU B 43 45.61 23.77 38.47
CA LEU B 43 46.54 22.92 39.20
C LEU B 43 47.47 22.13 38.26
N VAL B 44 46.91 21.56 37.20
CA VAL B 44 47.68 20.76 36.23
C VAL B 44 48.63 21.60 35.41
N LYS B 45 48.17 22.77 34.99
CA LYS B 45 49.00 23.67 34.19
C LYS B 45 50.15 24.16 35.05
N GLU B 46 49.87 24.37 36.33
CA GLU B 46 50.87 24.84 37.27
C GLU B 46 51.94 23.78 37.47
N ARG B 47 51.52 22.58 37.84
CA ARG B 47 52.43 21.47 38.07
C ARG B 47 53.36 21.19 36.90
N LEU B 48 52.97 21.65 35.71
CA LEU B 48 53.79 21.46 34.51
C LEU B 48 54.94 22.45 34.46
N ALA B 49 54.62 23.72 34.67
CA ALA B 49 55.63 24.77 34.64
C ALA B 49 56.60 24.67 35.81
N GLU B 50 56.25 23.86 36.82
CA GLU B 50 57.10 23.71 37.99
C GLU B 50 57.91 22.44 38.05
N SER B 51 57.25 21.30 38.12
CA SER B 51 57.96 20.03 38.21
C SER B 51 58.43 19.49 36.87
N PHE B 52 58.00 20.11 35.77
CA PHE B 52 58.41 19.65 34.45
C PHE B 52 59.18 20.68 33.65
N HIS B 53 59.31 21.88 34.20
CA HIS B 53 60.08 22.94 33.55
C HIS B 53 59.67 23.18 32.10
N TYR B 54 58.43 23.61 31.90
CA TYR B 54 57.91 23.92 30.57
C TYR B 54 58.01 25.43 30.36
N PRO B 55 57.89 25.90 29.10
CA PRO B 55 57.98 27.33 28.81
C PRO B 55 57.17 28.19 29.79
N GLU B 56 57.76 29.30 30.21
CA GLU B 56 57.10 30.21 31.14
C GLU B 56 55.83 30.77 30.50
N GLU B 57 55.71 30.55 29.20
CA GLU B 57 54.57 31.03 28.45
C GLU B 57 53.25 30.33 28.79
N ILE B 58 53.32 29.06 29.18
CA ILE B 58 52.11 28.30 29.50
C ILE B 58 51.29 28.90 30.64
N LYS B 59 51.96 29.51 31.61
CA LYS B 59 51.26 30.11 32.74
C LYS B 59 50.24 31.13 32.24
N LYS B 60 50.45 31.63 31.03
CA LYS B 60 49.57 32.63 30.42
C LYS B 60 48.31 32.01 29.80
N PHE B 61 48.35 30.71 29.54
CA PHE B 61 47.22 29.99 28.95
C PHE B 61 45.88 30.29 29.63
N LYS B 62 44.87 30.60 28.83
CA LYS B 62 43.54 30.90 29.34
C LYS B 62 42.63 29.70 29.18
N PHE B 63 41.82 29.45 30.20
CA PHE B 63 40.90 28.32 30.17
C PHE B 63 39.49 28.71 29.77
N ASN B 64 39.01 28.10 28.69
CA ASN B 64 37.66 28.34 28.21
C ASN B 64 36.91 27.02 28.12
N PHE B 65 36.02 26.79 29.08
CA PHE B 65 35.23 25.56 29.17
C PHE B 65 34.70 25.03 27.85
N ASP B 66 34.27 25.91 26.95
CA ASP B 66 33.73 25.44 25.69
C ASP B 66 34.72 25.08 24.59
N ASP B 67 36.02 25.23 24.83
CA ASP B 67 37.00 24.87 23.80
C ASP B 67 37.01 23.38 23.49
N ALA B 68 36.45 22.60 24.41
CA ALA B 68 36.37 21.16 24.23
C ALA B 68 35.03 20.60 24.74
N ILE B 69 34.76 19.35 24.40
CA ILE B 69 33.52 18.71 24.79
C ILE B 69 33.84 17.31 25.32
N ARG B 70 32.89 16.68 26.01
CA ARG B 70 33.14 15.35 26.55
C ARG B 70 33.14 14.29 25.45
N GLY B 71 33.92 13.23 25.65
CA GLY B 71 33.98 12.14 24.69
C GLY B 71 35.09 12.16 23.66
N LEU B 72 35.85 13.25 23.59
CA LEU B 72 36.92 13.37 22.61
C LEU B 72 38.06 12.40 22.85
N VAL B 73 38.82 12.13 21.78
CA VAL B 73 39.96 11.21 21.85
C VAL B 73 41.27 11.92 21.52
N ILE B 74 42.30 11.65 22.29
CA ILE B 74 43.59 12.27 22.05
C ILE B 74 44.59 11.37 21.30
N ASP B 75 45.06 11.87 20.17
CA ASP B 75 46.04 11.16 19.35
C ASP B 75 47.38 11.77 19.76
N SER B 76 47.98 11.18 20.80
CA SER B 76 49.25 11.67 21.34
C SER B 76 50.36 11.66 20.30
N LYS B 77 50.34 10.65 19.44
CA LYS B 77 51.35 10.52 18.41
C LYS B 77 51.47 11.80 17.59
N ASN B 78 50.37 12.29 17.05
CA ASN B 78 50.41 13.48 16.22
C ASN B 78 49.87 14.77 16.85
N GLY B 79 49.72 14.79 18.16
CA GLY B 79 49.21 15.97 18.84
C GLY B 79 47.87 16.44 18.31
N ASN B 80 46.96 15.50 18.07
CA ASN B 80 45.62 15.81 17.56
C ASN B 80 44.50 15.38 18.50
N ILE B 81 43.33 15.97 18.32
CA ILE B 81 42.17 15.64 19.13
C ILE B 81 41.05 15.24 18.18
N LEU B 82 40.45 14.08 18.43
CA LEU B 82 39.41 13.55 17.55
C LEU B 82 38.01 13.33 18.11
N LYS B 83 37.02 13.49 17.22
CA LYS B 83 35.60 13.28 17.51
C LYS B 83 35.31 12.00 16.71
N LEU B 84 35.11 10.88 17.40
CA LEU B 84 34.86 9.62 16.71
C LEU B 84 33.40 9.14 16.73
N SER B 85 33.07 8.28 15.77
CA SER B 85 31.73 7.71 15.67
C SER B 85 31.83 6.46 16.49
N ARG B 86 30.70 5.79 16.71
CA ARG B 86 30.72 4.58 17.53
C ARG B 86 31.66 3.50 17.00
N TYR B 87 31.95 3.51 15.70
CA TYR B 87 32.85 2.51 15.14
C TYR B 87 34.24 3.07 14.91
N GLY B 88 34.53 4.22 15.50
CA GLY B 88 35.83 4.82 15.35
C GLY B 88 36.04 5.63 14.10
N ALA B 89 34.97 6.07 13.44
CA ALA B 89 35.11 6.88 12.24
C ALA B 89 35.39 8.33 12.65
N ILE B 90 36.37 8.95 12.01
CA ILE B 90 36.71 10.32 12.34
C ILE B 90 35.68 11.29 11.76
N ARG B 91 34.84 11.82 12.63
CA ARG B 91 33.82 12.78 12.27
C ARG B 91 34.53 14.12 12.04
N LEU B 92 35.39 14.48 12.98
CA LEU B 92 36.15 15.71 12.84
C LEU B 92 37.40 15.71 13.73
N SER B 93 38.41 16.47 13.32
CA SER B 93 39.65 16.52 14.05
C SER B 93 40.33 17.88 14.08
N TYR B 94 41.18 18.07 15.10
CA TYR B 94 41.93 19.29 15.29
C TYR B 94 43.37 18.97 15.68
N HIS B 95 44.30 19.80 15.24
CA HIS B 95 45.70 19.66 15.62
C HIS B 95 45.85 20.87 16.54
N GLY B 96 45.81 20.63 17.84
CA GLY B 96 45.88 21.73 18.77
C GLY B 96 44.55 22.47 18.70
N THR B 97 44.59 23.76 18.42
CA THR B 97 43.37 24.55 18.32
C THR B 97 42.91 24.64 16.88
N LYS B 98 43.85 24.45 15.96
CA LYS B 98 43.57 24.53 14.53
C LYS B 98 42.82 23.27 14.06
N GLN B 99 41.74 23.47 13.32
CA GLN B 99 40.97 22.35 12.80
C GLN B 99 41.63 21.81 11.55
N ILE B 100 41.73 20.48 11.46
CA ILE B 100 42.32 19.84 10.29
C ILE B 100 41.25 19.74 9.20
N SER B 101 41.66 19.94 7.94
CA SER B 101 40.74 19.87 6.81
C SER B 101 40.50 18.42 6.40
N PHE B 102 39.39 18.18 5.71
CA PHE B 102 39.06 16.83 5.26
C PHE B 102 40.22 16.23 4.48
N SER B 103 40.82 17.05 3.62
CA SER B 103 41.94 16.62 2.80
C SER B 103 43.13 16.16 3.63
N ASP B 104 43.62 17.05 4.49
CA ASP B 104 44.76 16.73 5.33
C ASP B 104 44.48 15.60 6.31
N GLN B 105 43.21 15.40 6.64
CA GLN B 105 42.85 14.32 7.55
C GLN B 105 43.16 12.99 6.88
N LYS B 106 42.74 12.85 5.63
CA LYS B 106 43.00 11.63 4.88
C LYS B 106 44.47 11.41 4.66
N LYS B 107 45.25 12.48 4.64
CA LYS B 107 46.69 12.37 4.45
C LYS B 107 47.29 11.74 5.70
N ILE B 108 46.90 12.26 6.87
CA ILE B 108 47.40 11.80 8.15
C ILE B 108 46.98 10.39 8.59
N TYR B 109 45.69 10.08 8.50
CA TYR B 109 45.21 8.78 8.96
C TYR B 109 45.10 7.67 7.91
N ARG B 110 45.21 8.05 6.64
CA ARG B 110 45.14 7.08 5.55
C ARG B 110 43.99 6.09 5.78
N SER B 111 42.86 6.64 6.24
CA SER B 111 41.67 5.86 6.54
C SER B 111 40.70 6.80 7.25
N ILE B 112 39.48 6.33 7.48
CA ILE B 112 38.49 7.15 8.17
C ILE B 112 38.35 6.58 9.59
N TYR B 113 38.74 5.31 9.75
CA TYR B 113 38.66 4.63 11.04
C TYR B 113 40.00 4.60 11.76
N VAL B 114 39.96 4.65 13.09
CA VAL B 114 41.17 4.62 13.91
C VAL B 114 41.07 3.45 14.86
N ASP B 115 42.20 2.84 15.18
CA ASP B 115 42.19 1.69 16.08
C ASP B 115 42.47 2.14 17.51
N LEU B 116 41.43 2.17 18.33
CA LEU B 116 41.58 2.59 19.73
C LEU B 116 42.46 1.60 20.47
N GLY B 117 42.58 0.40 19.91
CA GLY B 117 43.41 -0.62 20.51
C GLY B 117 44.86 -0.14 20.56
N ASP B 118 45.25 0.63 19.54
CA ASP B 118 46.58 1.18 19.46
C ASP B 118 46.81 2.10 20.67
N PRO B 119 47.86 1.86 21.46
CA PRO B 119 48.17 2.67 22.65
C PRO B 119 48.43 4.15 22.40
N ASN B 120 48.63 4.53 21.14
CA ASN B 120 48.89 5.94 20.81
C ASN B 120 47.68 6.82 21.12
N TYR B 121 46.50 6.24 21.06
CA TYR B 121 45.29 7.00 21.33
C TYR B 121 44.90 6.93 22.80
N MET B 122 44.53 8.07 23.36
CA MET B 122 44.09 8.15 24.75
C MET B 122 42.59 8.42 24.70
N ALA B 123 41.80 7.44 25.12
CA ALA B 123 40.35 7.57 25.09
C ALA B 123 39.67 7.26 26.42
N ILE B 124 40.25 7.73 27.51
CA ILE B 124 39.66 7.50 28.82
C ILE B 124 38.69 8.60 29.26
N ASP B 125 37.49 8.18 29.61
CA ASP B 125 36.45 9.08 30.07
C ASP B 125 36.68 9.37 31.54
N THR B 126 37.11 10.59 31.85
CA THR B 126 37.35 10.99 33.23
C THR B 126 36.72 12.34 33.53
N SER B 127 36.76 12.72 34.80
CA SER B 127 36.22 14.00 35.24
C SER B 127 37.13 15.15 34.85
N PHE B 128 38.31 14.84 34.32
CA PHE B 128 39.27 15.87 33.91
C PHE B 128 39.63 15.77 32.44
N SER B 129 38.80 15.05 31.67
CA SER B 129 39.02 14.89 30.24
C SER B 129 38.94 16.18 29.46
N ILE B 130 37.93 16.98 29.76
CA ILE B 130 37.74 18.23 29.08
C ILE B 130 38.90 19.18 29.35
N ALA B 131 39.37 19.24 30.59
CA ALA B 131 40.50 20.10 30.91
C ALA B 131 41.72 19.56 30.16
N PHE B 132 41.88 18.24 30.16
CA PHE B 132 43.00 17.61 29.49
C PHE B 132 43.06 18.05 28.03
N CYS B 133 41.93 17.96 27.34
CA CYS B 133 41.85 18.33 25.93
C CYS B 133 42.21 19.78 25.68
N ILE B 134 41.61 20.69 26.43
CA ILE B 134 41.90 22.10 26.26
C ILE B 134 43.39 22.38 26.47
N LEU B 135 43.92 21.91 27.60
CA LEU B 135 45.33 22.11 27.89
C LEU B 135 46.22 21.49 26.79
N TYR B 136 46.02 20.21 26.50
CA TYR B 136 46.81 19.54 25.47
C TYR B 136 46.77 20.31 24.16
N GLY B 137 45.58 20.77 23.81
CA GLY B 137 45.46 21.51 22.58
C GLY B 137 46.37 22.72 22.56
N GLN B 138 46.31 23.53 23.61
CA GLN B 138 47.15 24.72 23.70
C GLN B 138 48.63 24.37 23.75
N LEU B 139 48.97 23.31 24.46
CA LEU B 139 50.35 22.89 24.58
C LEU B 139 50.96 22.61 23.20
N VAL B 140 50.26 21.85 22.37
CA VAL B 140 50.80 21.54 21.05
C VAL B 140 50.86 22.82 20.20
N ASP B 141 49.92 23.74 20.43
CA ASP B 141 49.94 25.00 19.69
C ASP B 141 51.23 25.76 19.94
N LEU B 142 51.72 25.64 21.17
CA LEU B 142 52.95 26.30 21.62
C LEU B 142 54.16 25.50 21.15
N LYS B 143 54.04 24.18 21.17
CA LYS B 143 55.11 23.28 20.73
C LYS B 143 55.42 23.51 19.25
N ASP B 144 54.42 23.96 18.50
CA ASP B 144 54.60 24.22 17.07
C ASP B 144 55.32 25.53 16.82
N THR B 145 55.27 26.44 17.78
CA THR B 145 55.94 27.73 17.63
C THR B 145 57.46 27.56 17.62
N ASN B 146 57.97 26.89 18.64
CA ASN B 146 59.40 26.64 18.77
C ASN B 146 59.58 25.17 19.14
N PRO B 147 59.38 24.28 18.17
CA PRO B 147 59.49 22.82 18.34
C PRO B 147 60.76 22.27 18.97
N ASP B 148 61.38 23.06 19.86
CA ASP B 148 62.60 22.62 20.54
C ASP B 148 62.47 22.88 22.03
N LYS B 149 61.80 23.99 22.35
CA LYS B 149 61.59 24.38 23.74
C LYS B 149 60.65 23.42 24.46
N MET B 150 59.97 22.55 23.70
CA MET B 150 59.03 21.60 24.29
C MET B 150 59.20 20.17 23.78
N PRO B 151 58.85 19.17 24.61
CA PRO B 151 58.95 17.76 24.25
C PRO B 151 58.16 17.41 22.98
N SER B 152 58.04 16.11 22.71
CA SER B 152 57.28 15.66 21.55
C SER B 152 55.80 15.56 21.93
N TYR B 153 54.95 15.59 20.92
CA TYR B 153 53.50 15.49 21.14
C TYR B 153 53.21 14.36 22.14
N GLN B 154 53.80 13.20 21.86
CA GLN B 154 53.64 12.02 22.70
C GLN B 154 54.08 12.29 24.14
N ALA B 155 55.24 12.91 24.28
CA ALA B 155 55.82 13.24 25.58
C ALA B 155 54.93 14.21 26.37
N ILE B 156 54.42 15.24 25.69
CA ILE B 156 53.56 16.22 26.33
C ILE B 156 52.32 15.54 26.90
N ALA B 157 51.63 14.74 26.09
CA ALA B 157 50.44 14.04 26.55
C ALA B 157 50.70 13.22 27.79
N GLN B 158 51.85 12.55 27.84
CA GLN B 158 52.19 11.72 29.00
C GLN B 158 52.55 12.58 30.23
N ASP B 159 53.23 13.70 29.98
CA ASP B 159 53.57 14.59 31.09
C ASP B 159 52.29 15.09 31.73
N VAL B 160 51.40 15.61 30.89
CA VAL B 160 50.11 16.12 31.34
C VAL B 160 49.37 15.07 32.14
N GLN B 161 49.34 13.83 31.65
CA GLN B 161 48.63 12.76 32.35
C GLN B 161 49.28 12.53 33.71
N TYR B 162 50.59 12.66 33.76
CA TYR B 162 51.33 12.50 35.00
C TYR B 162 50.88 13.54 36.01
N CYS B 163 50.79 14.79 35.58
CA CYS B 163 50.37 15.86 36.46
C CYS B 163 48.96 15.64 37.00
N VAL B 164 48.06 15.21 36.12
CA VAL B 164 46.67 14.95 36.50
C VAL B 164 46.62 13.90 37.61
N ASP B 165 47.38 12.82 37.43
CA ASP B 165 47.41 11.76 38.43
C ASP B 165 48.03 12.28 39.72
N LYS B 166 49.08 13.08 39.57
CA LYS B 166 49.77 13.64 40.73
C LYS B 166 48.84 14.55 41.51
N VAL B 167 48.27 15.53 40.82
CA VAL B 167 47.37 16.49 41.45
C VAL B 167 46.20 15.79 42.13
N HIS B 168 45.87 14.59 41.66
CA HIS B 168 44.77 13.82 42.24
C HIS B 168 45.25 12.95 43.40
N SER B 169 46.55 13.00 43.68
CA SER B 169 47.14 12.22 44.76
C SER B 169 47.79 13.15 45.77
N ASP B 170 48.27 14.29 45.29
CA ASP B 170 48.90 15.28 46.14
C ASP B 170 47.97 15.69 47.26
N GLY B 171 46.69 15.79 46.93
CA GLY B 171 45.73 16.21 47.91
C GLY B 171 45.59 17.70 47.72
N THR B 172 46.37 18.25 46.79
CA THR B 172 46.32 19.67 46.50
C THR B 172 44.91 20.07 46.04
N LEU B 173 44.30 19.22 45.22
CA LEU B 173 42.96 19.46 44.71
C LEU B 173 41.96 19.36 45.86
N LYS B 174 42.12 18.33 46.68
CA LYS B 174 41.22 18.09 47.82
C LYS B 174 41.19 19.27 48.79
N ASN B 175 42.37 19.71 49.20
CA ASN B 175 42.46 20.83 50.16
C ASN B 175 41.82 22.09 49.64
N ILE B 176 42.02 22.39 48.36
CA ILE B 176 41.44 23.58 47.78
C ILE B 176 39.92 23.52 47.75
N ILE B 177 39.33 22.38 47.40
CA ILE B 177 37.87 22.33 47.38
C ILE B 177 37.32 22.30 48.80
N ILE B 178 38.08 21.74 49.74
CA ILE B 178 37.64 21.70 51.13
C ILE B 178 37.55 23.12 51.68
N LYS B 179 38.55 23.94 51.36
CA LYS B 179 38.57 25.32 51.82
C LYS B 179 37.61 26.20 51.05
N ASN B 180 36.88 25.62 50.11
CA ASN B 180 35.95 26.40 49.30
C ASN B 180 34.71 25.65 48.88
N LEU B 181 34.26 24.74 49.75
CA LEU B 181 33.11 23.91 49.48
C LEU B 181 31.92 24.57 48.79
N LYS B 182 31.49 25.73 49.27
CA LYS B 182 30.33 26.34 48.61
C LYS B 182 30.55 26.83 47.19
N LYS B 183 31.80 26.86 46.76
CA LYS B 183 32.09 27.28 45.40
C LYS B 183 32.21 26.04 44.51
N TYR B 184 32.46 24.88 45.11
CA TYR B 184 32.64 23.65 44.33
C TYR B 184 31.54 22.62 44.38
N VAL B 185 30.98 22.35 45.57
CA VAL B 185 29.92 21.35 45.64
C VAL B 185 28.50 21.91 45.71
N ILE B 186 27.63 21.33 44.90
CA ILE B 186 26.23 21.73 44.83
C ILE B 186 25.40 20.85 45.76
N ARG B 187 24.56 21.49 46.56
CA ARG B 187 23.69 20.77 47.48
C ARG B 187 22.31 20.59 46.84
N GLU B 188 21.65 19.49 47.16
CA GLU B 188 20.35 19.22 46.57
C GLU B 188 19.50 18.39 47.52
N LYS B 189 18.46 19.00 48.06
CA LYS B 189 17.55 18.32 48.97
C LYS B 189 17.04 17.00 48.38
N GLU B 190 16.63 17.02 47.13
CA GLU B 190 16.11 15.84 46.48
C GLU B 190 16.95 14.57 46.67
N VAL B 191 18.28 14.70 46.62
CA VAL B 191 19.14 13.54 46.80
C VAL B 191 18.84 12.83 48.10
N VAL B 192 18.82 13.59 49.20
CA VAL B 192 18.53 13.02 50.51
C VAL B 192 17.14 12.42 50.56
N GLU B 193 16.15 13.14 50.07
CA GLU B 193 14.79 12.60 50.07
C GLU B 193 14.78 11.30 49.28
N GLY B 194 15.49 11.32 48.15
CA GLY B 194 15.56 10.15 47.28
C GLY B 194 16.13 8.93 47.96
N LEU B 195 17.24 9.10 48.64
CA LEU B 195 17.85 8.00 49.34
C LEU B 195 16.86 7.46 50.36
N LYS B 196 16.28 8.35 51.16
CA LYS B 196 15.31 7.94 52.15
C LYS B 196 14.22 7.15 51.47
N HIS B 197 13.72 7.69 50.36
CA HIS B 197 12.69 7.00 49.62
C HIS B 197 13.11 5.54 49.42
N PHE B 198 14.20 5.34 48.70
CA PHE B 198 14.71 3.99 48.41
C PHE B 198 14.91 3.12 49.64
N ILE B 199 15.51 3.67 50.69
CA ILE B 199 15.77 2.89 51.89
C ILE B 199 14.44 2.44 52.49
N ARG B 200 13.48 3.35 52.46
CA ARG B 200 12.15 3.10 53.00
C ARG B 200 11.57 1.81 52.41
N TYR B 201 11.89 1.53 51.14
CA TYR B 201 11.40 0.33 50.47
C TYR B 201 12.33 -0.88 50.61
N GLY B 202 13.21 -0.86 51.60
CA GLY B 202 14.09 -1.99 51.82
C GLY B 202 15.36 -2.04 51.01
N LYS B 203 15.68 -0.95 50.33
CA LYS B 203 16.88 -0.88 49.51
C LYS B 203 18.08 -0.58 50.39
N LYS B 204 19.22 -1.21 50.11
CA LYS B 204 20.43 -0.94 50.87
C LYS B 204 21.30 -0.06 49.99
N ILE B 205 21.85 1.00 50.56
CA ILE B 205 22.68 1.90 49.80
C ILE B 205 24.08 1.99 50.37
N PHE B 206 25.09 1.86 49.51
CA PHE B 206 26.47 1.97 49.96
C PHE B 206 27.27 2.92 49.07
N ILE B 207 28.29 3.54 49.66
CA ILE B 207 29.16 4.44 48.94
C ILE B 207 30.42 3.70 48.52
N LEU B 208 30.88 3.96 47.31
CA LEU B 208 32.10 3.31 46.81
C LEU B 208 32.89 4.44 46.13
N THR B 209 33.76 5.08 46.90
CA THR B 209 34.55 6.21 46.42
C THR B 209 36.05 5.99 46.36
N ASN B 210 36.72 6.74 45.50
CA ASN B 210 38.16 6.62 45.40
C ASN B 210 38.83 7.63 46.35
N SER B 211 38.02 8.47 47.00
CA SER B 211 38.52 9.48 47.95
C SER B 211 38.73 8.81 49.28
N GLU B 212 39.62 9.36 50.10
CA GLU B 212 39.85 8.77 51.41
C GLU B 212 38.75 9.16 52.39
N TYR B 213 38.65 8.43 53.48
CA TYR B 213 37.59 8.65 54.46
C TYR B 213 37.56 10.03 55.09
N SER B 214 38.72 10.55 55.49
CA SER B 214 38.74 11.87 56.12
C SER B 214 38.04 12.91 55.24
N TYR B 215 38.24 12.80 53.93
CA TYR B 215 37.64 13.71 52.96
C TYR B 215 36.17 13.40 52.73
N SER B 216 35.82 12.11 52.69
CA SER B 216 34.44 11.70 52.47
C SER B 216 33.54 12.05 53.62
N LYS B 217 34.07 11.98 54.83
CA LYS B 217 33.31 12.29 56.03
C LYS B 217 32.91 13.76 56.02
N LEU B 218 33.85 14.60 55.59
CA LEU B 218 33.63 16.04 55.52
C LEU B 218 32.57 16.38 54.46
N LEU B 219 32.83 15.95 53.23
CA LEU B 219 31.96 16.22 52.12
C LEU B 219 30.55 15.64 52.26
N LEU B 220 30.44 14.42 52.77
CA LEU B 220 29.13 13.80 52.94
C LEU B 220 28.31 14.60 53.95
N ASP B 221 28.97 15.01 55.02
CA ASP B 221 28.34 15.80 56.06
C ASP B 221 27.90 17.13 55.46
N TYR B 222 28.82 17.86 54.84
CA TYR B 222 28.51 19.14 54.23
C TYR B 222 27.34 19.11 53.26
N ALA B 223 27.27 18.08 52.42
CA ALA B 223 26.22 18.00 51.41
C ALA B 223 24.94 17.24 51.72
N LEU B 224 24.91 16.44 52.78
CA LEU B 224 23.70 15.70 53.10
C LEU B 224 23.01 16.12 54.41
N SER B 225 23.80 16.32 55.45
CA SER B 225 23.25 16.68 56.74
C SER B 225 22.21 17.79 56.69
N PRO B 226 22.50 18.90 55.99
CA PRO B 226 21.53 20.00 55.91
C PRO B 226 20.08 19.59 55.65
N PHE B 227 19.85 18.38 55.16
CA PHE B 227 18.50 17.93 54.83
C PHE B 227 18.01 16.74 55.65
N LEU B 228 18.70 16.48 56.76
CA LEU B 228 18.32 15.37 57.63
C LEU B 228 17.53 15.90 58.82
N ASP B 229 16.55 15.14 59.29
CA ASP B 229 15.75 15.58 60.43
C ASP B 229 16.62 15.74 61.66
N LYS B 230 16.19 16.59 62.59
CA LYS B 230 16.95 16.82 63.81
C LYS B 230 17.25 15.47 64.48
N GLY B 231 18.53 15.21 64.73
CA GLY B 231 18.90 13.95 65.35
C GLY B 231 19.46 12.89 64.40
N GLU B 232 18.95 12.86 63.17
CA GLU B 232 19.43 11.89 62.18
C GLU B 232 20.91 12.12 61.86
N HIS B 233 21.56 11.09 61.30
CA HIS B 233 22.97 11.16 60.94
C HIS B 233 23.12 10.64 59.53
N TRP B 234 23.88 11.35 58.69
CA TRP B 234 24.02 10.89 57.31
C TRP B 234 24.45 9.46 57.20
N GLN B 235 25.19 8.98 58.20
CA GLN B 235 25.67 7.61 58.21
C GLN B 235 24.55 6.57 58.18
N GLY B 236 23.36 6.95 58.65
CA GLY B 236 22.24 6.02 58.67
C GLY B 236 21.71 5.74 57.26
N LEU B 237 22.06 6.62 56.33
CA LEU B 237 21.64 6.47 54.96
C LEU B 237 22.43 5.36 54.26
N PHE B 238 23.64 5.09 54.75
CA PHE B 238 24.48 4.08 54.12
C PHE B 238 24.83 2.82 54.92
N GLU B 239 24.62 1.67 54.28
CA GLU B 239 24.91 0.38 54.89
C GLU B 239 26.42 0.25 55.04
N PHE B 240 27.13 0.45 53.93
CA PHE B 240 28.59 0.41 53.91
C PHE B 240 29.10 1.67 53.24
N VAL B 241 30.33 2.02 53.58
CA VAL B 241 30.93 3.18 52.96
C VAL B 241 32.38 2.75 52.74
N ILE B 242 32.69 2.47 51.47
CA ILE B 242 34.02 2.01 51.06
C ILE B 242 34.86 3.14 50.43
N THR B 243 35.98 3.45 51.07
CA THR B 243 36.87 4.51 50.63
C THR B 243 38.19 4.04 50.00
N LEU B 244 38.84 4.94 49.27
CA LEU B 244 40.07 4.62 48.55
C LEU B 244 39.79 3.27 47.90
N ALA B 245 38.62 3.19 47.26
CA ALA B 245 38.17 1.98 46.62
C ALA B 245 39.13 1.49 45.56
N ASN B 246 39.82 2.41 44.93
CA ASN B 246 40.78 2.08 43.89
C ASN B 246 40.08 1.44 42.68
N LYS B 247 39.05 2.12 42.18
CA LYS B 247 38.35 1.66 40.98
C LYS B 247 39.25 2.07 39.81
N PRO B 248 39.15 1.37 38.68
CA PRO B 248 38.27 0.24 38.39
C PRO B 248 38.72 -1.08 39.01
N ARG B 249 40.00 -1.17 39.38
CA ARG B 249 40.53 -2.40 39.93
C ARG B 249 39.69 -2.98 41.06
N PHE B 250 38.98 -2.15 41.80
CA PHE B 250 38.12 -2.67 42.86
C PHE B 250 37.14 -3.70 42.28
N PHE B 251 36.65 -3.43 41.08
CA PHE B 251 35.68 -4.29 40.42
C PHE B 251 36.25 -5.63 39.93
N TYR B 252 37.46 -5.63 39.40
CA TYR B 252 38.01 -6.87 38.85
C TYR B 252 39.27 -7.43 39.51
N ASP B 253 39.96 -6.62 40.30
CA ASP B 253 41.17 -7.09 40.96
C ASP B 253 40.85 -7.84 42.26
N ASN B 254 41.86 -8.08 43.09
CA ASN B 254 41.64 -8.80 44.34
C ASN B 254 42.31 -8.15 45.55
N LEU B 255 42.43 -6.82 45.50
CA LEU B 255 43.02 -6.06 46.58
C LEU B 255 42.18 -6.28 47.85
N ARG B 256 42.82 -6.31 49.01
CA ARG B 256 42.07 -6.56 50.24
C ARG B 256 41.39 -5.37 50.90
N PHE B 257 40.39 -5.68 51.71
CA PHE B 257 39.64 -4.70 52.46
C PHE B 257 40.41 -4.36 53.73
N LEU B 258 40.17 -3.16 54.25
CA LEU B 258 40.78 -2.70 55.48
C LEU B 258 39.64 -2.10 56.27
N SER B 259 39.54 -2.46 57.54
CA SER B 259 38.45 -1.94 58.35
C SER B 259 38.85 -0.58 58.91
N VAL B 260 37.97 0.41 58.75
CA VAL B 260 38.28 1.75 59.25
C VAL B 260 37.53 2.09 60.51
N ASN B 261 38.28 2.57 61.51
CA ASN B 261 37.69 3.00 62.78
C ASN B 261 37.07 4.35 62.41
N PRO B 262 35.72 4.44 62.44
CA PRO B 262 34.99 5.67 62.11
C PRO B 262 35.35 6.92 62.91
N GLU B 263 35.88 6.72 64.11
CA GLU B 263 36.27 7.85 64.95
C GLU B 263 37.61 8.43 64.53
N ASN B 264 38.68 7.76 64.95
CA ASN B 264 40.04 8.21 64.67
C ASN B 264 40.56 7.95 63.24
N GLY B 265 40.08 6.91 62.59
CA GLY B 265 40.52 6.64 61.23
C GLY B 265 41.53 5.51 61.04
N THR B 266 42.12 5.04 62.14
CA THR B 266 43.08 3.96 62.07
C THR B 266 42.43 2.76 61.40
N MET B 267 43.24 1.86 60.85
CA MET B 267 42.70 0.70 60.17
C MET B 267 43.29 -0.63 60.65
N THR B 268 42.54 -1.70 60.43
CA THR B 268 42.98 -3.03 60.78
C THR B 268 42.69 -3.95 59.61
N ASN B 269 43.51 -4.98 59.42
CA ASN B 269 43.29 -5.91 58.32
C ASN B 269 42.00 -6.64 58.63
N VAL B 270 41.29 -7.05 57.58
CA VAL B 270 40.03 -7.75 57.76
C VAL B 270 40.24 -9.25 57.76
N HIS B 271 39.52 -9.94 58.63
CA HIS B 271 39.58 -11.38 58.75
C HIS B 271 38.13 -11.82 58.85
N GLY B 272 37.66 -12.58 57.87
CA GLY B 272 36.28 -13.01 57.89
C GLY B 272 35.46 -12.06 57.03
N PRO B 273 34.12 -12.19 57.05
CA PRO B 273 33.24 -11.34 56.24
C PRO B 273 33.17 -9.88 56.74
N ILE B 274 33.01 -8.96 55.81
CA ILE B 274 32.90 -7.55 56.18
C ILE B 274 31.47 -7.29 56.65
N VAL B 275 31.33 -6.47 57.67
CA VAL B 275 30.03 -6.16 58.22
C VAL B 275 29.79 -4.67 58.08
N PRO B 276 28.51 -4.27 57.98
CA PRO B 276 28.18 -2.86 57.83
C PRO B 276 29.16 -1.97 58.57
N GLY B 277 29.65 -0.94 57.88
CA GLY B 277 30.61 -0.04 58.47
C GLY B 277 31.45 0.65 57.41
N VAL B 278 32.56 1.26 57.84
CA VAL B 278 33.44 1.96 56.93
C VAL B 278 34.65 1.08 56.61
N TYR B 279 35.12 1.15 55.36
CA TYR B 279 36.27 0.38 54.92
C TYR B 279 37.14 1.15 53.94
N GLN B 280 38.29 0.57 53.59
CA GLN B 280 39.21 1.16 52.63
C GLN B 280 39.62 0.03 51.67
N GLY B 281 39.79 0.36 50.38
CA GLY B 281 40.17 -0.64 49.39
C GLY B 281 39.08 -1.68 49.10
N GLY B 282 39.46 -2.95 49.11
CA GLY B 282 38.49 -4.01 48.86
C GLY B 282 38.36 -4.43 47.40
N ASN B 283 37.45 -5.37 47.16
CA ASN B 283 37.20 -5.86 45.80
C ASN B 283 35.78 -6.36 45.74
N ALA B 284 35.14 -6.16 44.59
CA ALA B 284 33.75 -6.57 44.39
C ALA B 284 33.46 -8.02 44.71
N LYS B 285 34.36 -8.91 44.28
CA LYS B 285 34.20 -10.33 44.53
C LYS B 285 33.88 -10.62 45.99
N LYS B 286 34.78 -10.20 46.89
CA LYS B 286 34.57 -10.45 48.31
C LYS B 286 33.33 -9.77 48.87
N PHE B 287 33.06 -8.54 48.41
CA PHE B 287 31.92 -7.76 48.87
C PHE B 287 30.62 -8.50 48.58
N THR B 288 30.51 -8.97 47.34
CA THR B 288 29.32 -9.67 46.90
C THR B 288 29.14 -11.01 47.65
N GLU B 289 30.25 -11.70 47.90
CA GLU B 289 30.18 -12.97 48.61
C GLU B 289 29.74 -12.76 50.05
N ASP B 290 30.44 -11.87 50.75
CA ASP B 290 30.14 -11.60 52.15
C ASP B 290 28.73 -11.06 52.39
N LEU B 291 28.08 -10.52 51.37
CA LEU B 291 26.72 -10.03 51.54
C LEU B 291 25.74 -11.12 51.14
N GLY B 292 26.29 -12.25 50.71
CA GLY B 292 25.48 -13.37 50.30
C GLY B 292 24.36 -13.01 49.34
N VAL B 293 24.71 -12.41 48.21
CA VAL B 293 23.72 -12.04 47.20
C VAL B 293 24.33 -12.26 45.83
N GLY B 294 23.50 -12.13 44.81
CA GLY B 294 23.97 -12.31 43.45
C GLY B 294 24.48 -10.98 42.95
N GLY B 295 25.55 -11.03 42.17
CA GLY B 295 26.12 -9.81 41.63
C GLY B 295 25.09 -8.97 40.89
N ASP B 296 24.22 -9.63 40.14
CA ASP B 296 23.20 -8.94 39.37
C ASP B 296 22.11 -8.32 40.27
N GLU B 297 22.28 -8.48 41.57
CA GLU B 297 21.33 -7.91 42.53
C GLU B 297 21.89 -6.59 43.06
N ILE B 298 23.08 -6.24 42.59
CA ILE B 298 23.75 -5.00 42.97
C ILE B 298 23.82 -4.04 41.77
N LEU B 299 23.47 -2.78 42.01
CA LEU B 299 23.55 -1.76 40.99
C LEU B 299 24.56 -0.72 41.43
N TYR B 300 25.59 -0.51 40.61
CA TYR B 300 26.60 0.49 40.90
C TYR B 300 26.37 1.66 39.94
N ILE B 301 26.36 2.87 40.48
CA ILE B 301 26.16 4.06 39.65
C ILE B 301 27.37 4.97 39.72
N GLY B 302 27.95 5.25 38.56
CA GLY B 302 29.12 6.12 38.48
C GLY B 302 28.87 7.31 37.56
N ASP B 303 29.91 8.13 37.36
CA ASP B 303 29.79 9.31 36.51
C ASP B 303 30.69 9.26 35.27
N HIS B 304 31.64 8.34 35.25
CA HIS B 304 32.51 8.21 34.08
C HIS B 304 32.89 6.76 33.81
N ILE B 305 33.07 6.40 32.54
CA ILE B 305 33.42 5.02 32.18
C ILE B 305 34.83 4.67 32.56
N TYR B 306 34.98 3.61 33.34
CA TYR B 306 36.29 3.13 33.81
C TYR B 306 37.14 2.47 32.73
N GLY B 307 37.65 3.27 31.80
CA GLY B 307 38.48 2.72 30.74
C GLY B 307 37.85 1.57 29.99
N ASP B 308 38.46 0.39 30.07
CA ASP B 308 37.96 -0.79 29.36
C ASP B 308 36.68 -1.39 29.91
N ILE B 309 35.60 -1.23 29.14
CA ILE B 309 34.28 -1.71 29.51
C ILE B 309 34.21 -3.23 29.52
N LEU B 310 34.95 -3.86 28.61
CA LEU B 310 34.95 -5.32 28.51
C LEU B 310 35.57 -6.02 29.73
N ARG B 311 36.83 -5.68 30.03
CA ARG B 311 37.51 -6.28 31.17
C ARG B 311 36.73 -6.11 32.46
N LEU B 312 36.01 -5.00 32.56
CA LEU B 312 35.22 -4.69 33.74
C LEU B 312 33.89 -5.45 33.80
N LYS B 313 33.13 -5.45 32.72
CA LYS B 313 31.85 -6.16 32.70
C LYS B 313 32.08 -7.67 32.63
N LYS B 314 33.31 -8.07 32.30
CA LYS B 314 33.65 -9.49 32.19
C LYS B 314 33.96 -10.15 33.54
N ASP B 315 34.67 -9.44 34.40
CA ASP B 315 35.04 -10.00 35.69
C ASP B 315 34.22 -9.50 36.86
N CYS B 316 33.20 -8.69 36.61
CA CYS B 316 32.42 -8.19 37.72
C CYS B 316 31.05 -8.86 37.83
N ASN B 317 30.13 -8.44 36.97
CA ASN B 317 28.76 -8.97 36.90
C ASN B 317 27.70 -8.19 37.67
N TRP B 318 28.11 -7.04 38.19
CA TRP B 318 27.20 -6.12 38.89
C TRP B 318 26.49 -5.31 37.81
N ARG B 319 25.28 -4.87 38.08
CA ARG B 319 24.59 -4.03 37.10
C ARG B 319 25.24 -2.66 37.23
N THR B 320 25.56 -2.03 36.10
CA THR B 320 26.16 -0.71 36.12
C THR B 320 25.27 0.35 35.46
N ALA B 321 25.13 1.48 36.15
CA ALA B 321 24.33 2.59 35.63
C ALA B 321 25.24 3.80 35.57
N LEU B 322 24.82 4.82 34.85
CA LEU B 322 25.66 6.00 34.71
C LEU B 322 24.91 7.33 34.83
N VAL B 323 25.61 8.32 35.36
CA VAL B 323 25.08 9.65 35.48
C VAL B 323 25.96 10.48 34.52
N VAL B 324 25.33 11.15 33.57
CA VAL B 324 26.08 11.97 32.61
C VAL B 324 25.65 13.43 32.76
N GLU B 325 26.40 14.17 33.57
CA GLU B 325 26.12 15.57 33.85
C GLU B 325 25.82 16.41 32.60
N GLU B 326 26.58 16.19 31.53
CA GLU B 326 26.40 16.98 30.30
C GLU B 326 25.05 16.82 29.59
N LEU B 327 24.29 15.78 29.92
CA LEU B 327 22.98 15.62 29.31
C LEU B 327 22.17 16.88 29.50
N GLY B 328 22.44 17.59 30.61
CA GLY B 328 21.73 18.82 30.88
C GLY B 328 21.69 19.72 29.66
N GLU B 329 22.86 20.23 29.29
CA GLU B 329 22.92 21.10 28.13
C GLU B 329 22.57 20.45 26.79
N GLU B 330 22.92 19.18 26.58
CA GLU B 330 22.57 18.53 25.32
C GLU B 330 21.07 18.54 25.09
N ILE B 331 20.31 18.10 26.08
CA ILE B 331 18.86 18.09 25.98
C ILE B 331 18.36 19.52 25.74
N ALA B 332 18.82 20.44 26.58
CA ALA B 332 18.41 21.84 26.49
C ALA B 332 18.64 22.34 25.07
N SER B 333 19.77 21.93 24.48
CA SER B 333 20.08 22.35 23.13
C SER B 333 19.27 21.65 22.04
N GLN B 334 18.93 20.38 22.23
CA GLN B 334 18.15 19.69 21.21
C GLN B 334 16.73 20.27 21.15
N ILE B 335 16.25 20.76 22.29
CA ILE B 335 14.93 21.35 22.39
C ILE B 335 14.93 22.73 21.69
N ARG B 336 16.00 23.48 21.91
CA ARG B 336 16.13 24.79 21.29
C ARG B 336 16.36 24.67 19.80
N ALA B 337 16.62 23.46 19.35
CA ALA B 337 16.90 23.24 17.94
C ALA B 337 15.77 22.51 17.26
N LEU B 338 14.77 22.13 18.04
CA LEU B 338 13.63 21.41 17.50
C LEU B 338 13.06 22.01 16.21
N PRO B 339 12.56 23.24 16.28
CA PRO B 339 12.03 23.80 15.03
C PRO B 339 12.97 23.63 13.83
N ILE B 340 14.27 23.82 14.02
CA ILE B 340 15.19 23.65 12.90
C ILE B 340 15.34 22.18 12.53
N GLU B 341 15.35 21.30 13.54
CA GLU B 341 15.48 19.87 13.32
C GLU B 341 14.34 19.37 12.45
N LYS B 342 13.16 19.94 12.68
CA LYS B 342 11.98 19.57 11.93
C LYS B 342 12.11 20.10 10.51
N LYS B 343 12.60 21.33 10.39
CA LYS B 343 12.79 21.99 9.10
C LYS B 343 13.73 21.15 8.26
N ILE B 344 14.78 20.64 8.89
CA ILE B 344 15.76 19.82 8.20
C ILE B 344 15.13 18.48 7.78
N GLY B 345 14.17 17.99 8.55
CA GLY B 345 13.51 16.74 8.22
C GLY B 345 12.63 16.87 6.99
N GLU B 346 11.79 17.91 6.96
CA GLU B 346 10.88 18.15 5.83
C GLU B 346 11.69 18.37 4.55
N ALA B 347 12.85 19.02 4.71
CA ALA B 347 13.72 19.34 3.59
C ALA B 347 14.42 18.09 3.06
N MET B 348 14.79 17.20 3.96
CA MET B 348 15.47 16.00 3.50
C MET B 348 14.45 15.13 2.79
N ALA B 349 13.25 15.05 3.35
CA ALA B 349 12.16 14.27 2.77
C ALA B 349 11.98 14.68 1.31
N ILE B 350 11.81 15.97 1.08
CA ILE B 350 11.65 16.50 -0.26
C ILE B 350 12.84 16.15 -1.14
N LYS B 351 14.04 16.37 -0.60
CA LYS B 351 15.28 16.08 -1.32
C LYS B 351 15.34 14.64 -1.83
N LYS B 352 15.08 13.68 -0.95
CA LYS B 352 15.12 12.26 -1.34
C LYS B 352 14.00 11.96 -2.32
N GLU B 353 12.92 12.74 -2.23
CA GLU B 353 11.78 12.60 -3.12
C GLU B 353 12.26 12.97 -4.53
N LEU B 354 12.86 14.13 -4.61
CA LEU B 354 13.38 14.65 -5.86
C LEU B 354 14.46 13.73 -6.41
N GLU B 355 15.32 13.23 -5.53
CA GLU B 355 16.39 12.37 -5.97
C GLU B 355 15.94 11.04 -6.58
N GLN B 356 14.91 10.43 -6.00
CA GLN B 356 14.40 9.15 -6.49
C GLN B 356 13.83 9.34 -7.88
N LYS B 357 12.93 10.32 -8.01
CA LYS B 357 12.30 10.63 -9.28
C LYS B 357 13.37 10.84 -10.35
N TYR B 358 14.42 11.58 -9.96
CA TYR B 358 15.54 11.92 -10.84
C TYR B 358 16.32 10.66 -11.25
N VAL B 359 16.63 9.80 -10.28
CA VAL B 359 17.36 8.56 -10.57
C VAL B 359 16.61 7.75 -11.63
N ASP B 360 15.33 7.51 -11.37
CA ASP B 360 14.49 6.74 -12.25
C ASP B 360 14.28 7.37 -13.63
N LEU B 361 14.12 8.69 -13.66
CA LEU B 361 13.96 9.34 -14.95
C LEU B 361 15.23 9.17 -15.80
N CYS B 362 16.39 9.32 -15.15
CA CYS B 362 17.67 9.18 -15.86
C CYS B 362 17.91 7.76 -16.38
N THR B 363 17.59 6.77 -15.56
CA THR B 363 17.79 5.39 -15.99
C THR B 363 16.75 5.02 -17.05
N ARG B 364 15.62 5.71 -17.05
CA ARG B 364 14.63 5.43 -18.07
C ARG B 364 15.19 5.95 -19.39
N SER B 365 15.62 7.21 -19.41
CA SER B 365 16.17 7.79 -20.63
C SER B 365 17.32 6.96 -21.20
N ILE B 366 18.05 6.28 -20.32
CA ILE B 366 19.17 5.44 -20.74
C ILE B 366 18.68 4.05 -21.12
N ASP B 367 17.83 3.46 -20.28
CA ASP B 367 17.29 2.15 -20.58
C ASP B 367 16.46 2.23 -21.87
N GLU B 368 15.68 3.29 -22.01
CA GLU B 368 14.82 3.48 -23.17
C GLU B 368 15.50 4.17 -24.36
N SER B 369 16.70 4.71 -24.14
CA SER B 369 17.44 5.42 -25.19
C SER B 369 16.54 6.50 -25.78
N SER B 370 16.01 7.35 -24.90
CA SER B 370 15.09 8.42 -25.30
C SER B 370 15.45 9.79 -24.74
N GLN B 371 15.01 10.85 -25.41
CA GLN B 371 15.31 12.19 -24.94
C GLN B 371 14.09 12.99 -24.53
N GLN B 372 12.98 12.29 -24.31
CA GLN B 372 11.74 12.96 -23.92
C GLN B 372 11.72 13.42 -22.46
N TYR B 373 12.56 12.81 -21.64
CA TYR B 373 12.63 13.17 -20.22
C TYR B 373 13.71 14.21 -19.99
N ASP B 374 14.53 14.44 -21.01
CA ASP B 374 15.62 15.39 -20.91
C ASP B 374 15.22 16.74 -20.34
N GLN B 375 14.00 17.20 -20.61
CA GLN B 375 13.58 18.49 -20.08
C GLN B 375 13.39 18.39 -18.56
N GLU B 376 12.55 17.47 -18.14
CA GLU B 376 12.28 17.28 -16.71
C GLU B 376 13.58 17.03 -15.93
N ILE B 377 14.42 16.11 -16.41
CA ILE B 377 15.66 15.81 -15.71
C ILE B 377 16.49 17.06 -15.40
N HIS B 378 16.58 17.99 -16.36
CA HIS B 378 17.33 19.23 -16.16
C HIS B 378 16.73 20.09 -15.03
N ASP B 379 15.40 20.10 -14.93
CA ASP B 379 14.74 20.87 -13.90
C ASP B 379 14.97 20.23 -12.54
N LEU B 380 14.78 18.92 -12.47
CA LEU B 380 15.02 18.22 -11.21
C LEU B 380 16.42 18.58 -10.73
N GLN B 381 17.38 18.67 -11.66
CA GLN B 381 18.75 19.00 -11.30
C GLN B 381 18.84 20.34 -10.57
N LEU B 382 18.26 21.39 -11.15
CA LEU B 382 18.28 22.72 -10.53
C LEU B 382 17.53 22.69 -9.20
N GLN B 383 16.32 22.15 -9.25
CA GLN B 383 15.48 21.99 -8.08
C GLN B 383 16.25 21.30 -6.93
N ILE B 384 16.98 20.24 -7.26
CA ILE B 384 17.73 19.53 -6.25
C ILE B 384 18.87 20.40 -5.79
N SER B 385 19.40 21.23 -6.69
CA SER B 385 20.50 22.12 -6.34
C SER B 385 19.99 23.18 -5.36
N THR B 386 18.73 23.57 -5.52
CA THR B 386 18.09 24.56 -4.67
C THR B 386 17.79 24.00 -3.27
N VAL B 387 17.18 22.83 -3.20
CA VAL B 387 16.88 22.25 -1.90
C VAL B 387 18.21 21.90 -1.19
N ASP B 388 19.19 21.42 -1.95
CA ASP B 388 20.49 21.06 -1.39
C ASP B 388 21.12 22.27 -0.72
N LEU B 389 20.77 23.45 -1.22
CA LEU B 389 21.29 24.71 -0.70
C LEU B 389 20.50 25.12 0.54
N GLN B 390 19.18 24.94 0.48
CA GLN B 390 18.30 25.26 1.60
C GLN B 390 18.79 24.49 2.85
N ILE B 391 19.00 23.18 2.64
CA ILE B 391 19.46 22.25 3.67
C ILE B 391 20.83 22.59 4.22
N SER B 392 21.79 22.78 3.33
CA SER B 392 23.16 23.09 3.74
C SER B 392 23.17 24.27 4.70
N ARG B 393 22.26 25.20 4.45
CA ARG B 393 22.13 26.40 5.29
C ARG B 393 21.40 26.03 6.58
N LEU B 394 20.30 25.28 6.48
CA LEU B 394 19.57 24.85 7.67
C LEU B 394 20.51 24.11 8.61
N LEU B 395 21.41 23.30 8.06
CA LEU B 395 22.37 22.56 8.88
C LEU B 395 23.27 23.52 9.66
N GLN B 396 23.92 24.45 8.94
CA GLN B 396 24.81 25.45 9.56
C GLN B 396 24.07 26.13 10.73
N GLU B 397 22.78 26.35 10.52
CA GLU B 397 21.92 26.96 11.52
C GLU B 397 21.75 26.03 12.72
N GLN B 398 21.64 24.74 12.44
CA GLN B 398 21.48 23.75 13.50
C GLN B 398 22.72 23.68 14.37
N ASN B 399 23.87 23.92 13.75
CA ASN B 399 25.14 23.86 14.47
C ASN B 399 25.30 24.91 15.56
N SER B 400 24.69 26.08 15.36
CA SER B 400 24.79 27.15 16.33
C SER B 400 24.14 26.82 17.69
N PHE B 401 23.37 25.73 17.77
CA PHE B 401 22.75 25.31 19.03
C PHE B 401 23.66 24.44 19.90
N TYR B 402 24.76 23.98 19.31
CA TYR B 402 25.70 23.12 20.03
C TYR B 402 27.09 23.72 19.98
N ASN B 403 28.00 23.12 20.75
CA ASN B 403 29.39 23.55 20.81
C ASN B 403 29.93 23.79 19.39
N PRO B 404 30.35 25.02 19.08
CA PRO B 404 30.87 25.35 17.75
C PRO B 404 31.99 24.46 17.18
N LYS B 405 32.92 24.03 18.01
CA LYS B 405 34.00 23.19 17.53
C LYS B 405 33.67 21.71 17.42
N TRP B 406 32.87 21.18 18.35
CA TRP B 406 32.61 19.75 18.37
C TRP B 406 31.21 19.20 18.17
N GLU B 407 30.21 20.05 18.13
CA GLU B 407 28.85 19.58 17.94
C GLU B 407 28.43 18.80 19.20
N ARG B 408 27.48 17.87 19.05
CA ARG B 408 26.97 17.10 20.18
C ARG B 408 27.87 16.04 20.79
N VAL B 409 27.65 15.80 22.07
CA VAL B 409 28.41 14.79 22.80
C VAL B 409 28.01 13.39 22.34
N PHE B 410 26.72 13.17 22.12
CA PHE B 410 26.22 11.85 21.74
C PHE B 410 26.15 11.56 20.24
N ARG B 411 26.31 12.57 19.40
CA ARG B 411 26.24 12.35 17.96
C ARG B 411 27.53 12.69 17.25
N ALA B 412 27.91 11.83 16.30
CA ALA B 412 29.11 12.01 15.47
C ALA B 412 28.60 12.04 14.04
N GLY B 413 27.92 13.13 13.69
CA GLY B 413 27.36 13.24 12.37
C GLY B 413 25.90 12.83 12.54
N ALA B 414 25.45 11.90 11.71
CA ALA B 414 24.09 11.42 11.81
C ALA B 414 24.07 10.19 12.72
N GLU B 415 25.25 9.61 12.96
CA GLU B 415 25.34 8.44 13.83
C GLU B 415 25.80 8.78 15.23
N GLU B 416 25.88 7.75 16.04
CA GLU B 416 26.29 7.93 17.41
C GLU B 416 27.78 8.22 17.54
N SER B 417 28.13 9.00 18.56
CA SER B 417 29.51 9.32 18.80
C SER B 417 30.11 8.11 19.53
N TYR B 418 31.42 8.01 19.49
CA TYR B 418 32.10 6.92 20.14
C TYR B 418 31.72 6.96 21.63
N PHE B 419 31.56 8.16 22.19
CA PHE B 419 31.18 8.26 23.59
C PHE B 419 29.77 7.69 23.79
N ALA B 420 28.91 7.88 22.80
CA ALA B 420 27.55 7.35 22.88
C ALA B 420 27.61 5.83 23.01
N TYR B 421 28.47 5.21 22.21
CA TYR B 421 28.64 3.76 22.24
C TYR B 421 29.08 3.31 23.64
N GLN B 422 30.05 4.00 24.21
CA GLN B 422 30.56 3.67 25.54
C GLN B 422 29.43 3.71 26.56
N VAL B 423 28.66 4.79 26.54
CA VAL B 423 27.54 4.91 27.46
C VAL B 423 26.58 3.73 27.26
N ASP B 424 26.26 3.45 26.00
CA ASP B 424 25.37 2.35 25.69
C ASP B 424 25.90 0.99 26.16
N ARG B 425 27.21 0.76 26.04
CA ARG B 425 27.78 -0.53 26.41
C ARG B 425 27.99 -0.70 27.92
N PHE B 426 28.24 0.39 28.60
CA PHE B 426 28.49 0.34 30.03
C PHE B 426 27.27 0.57 30.90
N ALA B 427 26.35 1.42 30.49
CA ALA B 427 25.20 1.72 31.31
C ALA B 427 23.90 1.09 30.87
N CYS B 428 23.23 0.39 31.78
CA CYS B 428 21.94 -0.19 31.44
C CYS B 428 20.96 0.97 31.41
N ILE B 429 21.23 1.98 32.24
CA ILE B 429 20.41 3.20 32.29
C ILE B 429 21.32 4.35 32.64
N TYR B 430 20.93 5.56 32.22
CA TYR B 430 21.70 6.75 32.52
C TYR B 430 20.76 7.94 32.64
N MET B 431 21.18 8.95 33.40
CA MET B 431 20.37 10.12 33.65
C MET B 431 21.32 11.28 33.87
N GLU B 432 20.81 12.51 33.83
CA GLU B 432 21.68 13.64 34.04
C GLU B 432 22.21 13.68 35.47
N LYS B 433 21.40 13.25 36.43
CA LYS B 433 21.83 13.23 37.83
C LYS B 433 21.08 12.20 38.66
N LEU B 434 21.73 11.75 39.72
CA LEU B 434 21.19 10.73 40.61
C LEU B 434 19.76 10.92 41.11
N SER B 435 19.37 12.15 41.46
CA SER B 435 18.02 12.36 41.96
C SER B 435 17.01 12.04 40.86
N ASP B 436 17.46 12.04 39.61
CA ASP B 436 16.57 11.71 38.51
C ASP B 436 16.14 10.25 38.77
N LEU B 437 17.11 9.40 39.02
CA LEU B 437 16.79 8.01 39.31
C LEU B 437 16.04 7.87 40.63
N LEU B 438 16.57 8.47 41.70
CA LEU B 438 15.94 8.31 43.01
C LEU B 438 14.52 8.86 43.11
N GLU B 439 14.08 9.56 42.08
CA GLU B 439 12.74 10.14 42.06
C GLU B 439 11.75 9.12 41.47
N HIS B 440 12.29 8.05 40.91
CA HIS B 440 11.50 6.99 40.34
C HIS B 440 11.16 5.99 41.43
N SER B 441 10.28 5.05 41.10
CA SER B 441 9.87 4.03 42.05
C SER B 441 10.99 3.01 42.25
N PRO B 442 11.37 2.76 43.50
CA PRO B 442 12.44 1.79 43.72
C PRO B 442 12.02 0.37 43.31
N MET B 443 10.92 0.26 42.57
CA MET B 443 10.42 -1.04 42.09
C MET B 443 10.30 -1.03 40.56
N THR B 444 10.53 0.15 39.98
CA THR B 444 10.48 0.40 38.54
C THR B 444 11.13 -0.66 37.66
N TYR B 445 10.42 -1.13 36.64
CA TYR B 445 10.99 -2.10 35.71
C TYR B 445 11.35 -1.28 34.48
N PHE B 446 12.66 -1.04 34.27
CA PHE B 446 13.14 -0.25 33.15
C PHE B 446 13.30 -1.07 31.86
N ARG B 447 12.65 -0.61 30.79
CA ARG B 447 12.75 -1.25 29.48
C ARG B 447 13.22 -0.23 28.45
N ALA B 448 13.84 -0.71 27.39
CA ALA B 448 14.31 0.18 26.35
C ALA B 448 13.34 0.20 25.18
N ASN B 449 13.19 1.36 24.56
CA ASN B 449 12.32 1.49 23.41
C ASN B 449 13.09 0.83 22.27
N ARG B 450 12.39 0.11 21.38
CA ARG B 450 13.08 -0.57 20.27
C ARG B 450 13.98 0.42 19.53
N ARG B 451 15.13 -0.05 19.09
CA ARG B 451 16.06 0.80 18.37
C ARG B 451 15.78 0.80 16.85
N LEU B 452 15.00 -0.17 16.38
CA LEU B 452 14.66 -0.28 14.96
C LEU B 452 15.86 -0.53 14.01
N LEU B 453 15.87 -1.72 13.41
CA LEU B 453 16.92 -2.13 12.49
C LEU B 453 16.51 -1.67 11.10
N ALA B 454 17.50 -1.42 10.23
CA ALA B 454 17.22 -0.96 8.88
C ALA B 454 16.18 -1.80 8.15
N HIS B 455 16.10 -3.09 8.45
CA HIS B 455 15.09 -3.91 7.78
C HIS B 455 13.76 -3.93 8.54
N ASP B 456 13.73 -3.31 9.71
CA ASP B 456 12.50 -3.21 10.51
C ASP B 456 11.50 -2.24 9.92
N ILE B 457 10.23 -2.63 9.93
CA ILE B 457 9.17 -1.78 9.44
C ILE B 457 8.76 -0.78 10.52
N ASP B 458 8.74 0.50 10.15
CA ASP B 458 8.39 1.57 11.08
C ASP B 458 6.88 1.59 11.34
N ILE B 459 6.49 1.97 12.55
CA ILE B 459 5.07 2.03 12.91
C ILE B 459 4.65 3.41 13.42
N LYS C 5 -7.31 -1.78 -9.66
CA LYS C 5 -6.61 -2.53 -10.75
C LYS C 5 -7.61 -3.11 -11.79
N VAL C 6 -8.42 -4.09 -11.39
CA VAL C 6 -9.40 -4.68 -12.31
C VAL C 6 -10.81 -4.43 -11.81
N PHE C 7 -11.60 -3.69 -12.58
CA PHE C 7 -12.98 -3.36 -12.20
C PHE C 7 -14.00 -4.31 -12.81
N VAL C 8 -14.85 -4.85 -11.94
CA VAL C 8 -15.85 -5.84 -12.35
C VAL C 8 -17.28 -5.34 -12.49
N ASN C 9 -17.90 -5.65 -13.62
CA ASN C 9 -19.28 -5.25 -13.87
C ASN C 9 -20.15 -6.48 -13.73
N ARG C 10 -19.63 -7.61 -14.20
CA ARG C 10 -20.31 -8.89 -14.15
C ARG C 10 -19.32 -9.98 -13.79
N ILE C 11 -19.81 -11.01 -13.11
CA ILE C 11 -19.01 -12.13 -12.68
C ILE C 11 -18.28 -12.84 -13.83
N ILE C 12 -17.04 -13.24 -13.58
CA ILE C 12 -16.27 -14.02 -14.53
C ILE C 12 -15.20 -14.81 -13.78
N ASN C 13 -15.35 -16.13 -13.79
CA ASN C 13 -14.41 -16.99 -13.10
C ASN C 13 -13.34 -17.39 -14.11
N MET C 14 -12.12 -16.87 -13.92
CA MET C 14 -11.04 -17.17 -14.86
C MET C 14 -10.71 -18.67 -14.93
N ARG C 15 -11.12 -19.43 -13.92
CA ARG C 15 -10.84 -20.86 -13.96
C ARG C 15 -11.61 -21.50 -15.11
N LYS C 16 -12.75 -20.92 -15.47
CA LYS C 16 -13.58 -21.46 -16.55
C LYS C 16 -13.12 -20.98 -17.94
N ILE C 17 -12.38 -19.88 -17.99
CA ILE C 17 -11.90 -19.37 -19.26
C ILE C 17 -10.80 -20.27 -19.80
N LYS C 18 -10.99 -20.77 -21.03
CA LYS C 18 -10.00 -21.66 -21.64
C LYS C 18 -9.14 -20.92 -22.64
N LEU C 19 -9.72 -19.89 -23.27
CA LEU C 19 -8.98 -19.09 -24.24
C LEU C 19 -9.19 -17.61 -24.00
N ILE C 20 -8.13 -16.85 -24.18
CA ILE C 20 -8.18 -15.41 -24.04
C ILE C 20 -7.78 -14.86 -25.40
N GLY C 21 -8.69 -14.13 -26.03
CA GLY C 21 -8.42 -13.56 -27.34
C GLY C 21 -8.03 -12.12 -27.14
N LEU C 22 -6.95 -11.69 -27.77
CA LEU C 22 -6.51 -10.33 -27.58
C LEU C 22 -6.45 -9.47 -28.81
N ASP C 23 -6.88 -8.24 -28.63
CA ASP C 23 -6.83 -7.21 -29.65
C ASP C 23 -5.32 -6.90 -29.68
N MET C 24 -4.74 -6.60 -30.82
CA MET C 24 -3.31 -6.32 -30.88
C MET C 24 -3.02 -4.85 -30.60
N ASP C 25 -3.34 -4.01 -31.58
CA ASP C 25 -3.12 -2.57 -31.44
C ASP C 25 -3.92 -1.94 -30.32
N HIS C 26 -3.21 -1.31 -29.39
CA HIS C 26 -3.77 -0.62 -28.24
C HIS C 26 -4.27 -1.50 -27.09
N THR C 27 -4.13 -2.81 -27.20
CA THR C 27 -4.54 -3.70 -26.13
C THR C 27 -3.32 -4.53 -25.72
N LEU C 28 -2.95 -5.53 -26.51
CA LEU C 28 -1.77 -6.35 -26.19
C LEU C 28 -0.54 -5.44 -26.34
N ILE C 29 -0.51 -4.68 -27.43
CA ILE C 29 0.59 -3.76 -27.67
C ILE C 29 0.15 -2.33 -27.39
N ARG C 30 0.83 -1.69 -26.43
CA ARG C 30 0.54 -0.33 -26.04
C ARG C 30 1.25 0.71 -26.93
N TYR C 31 0.55 1.80 -27.24
CA TYR C 31 1.11 2.86 -28.05
C TYR C 31 1.17 4.13 -27.21
N ASN C 32 2.02 5.07 -27.60
CA ASN C 32 2.08 6.33 -26.89
C ASN C 32 0.89 7.08 -27.46
N SER C 33 -0.20 7.14 -26.70
CA SER C 33 -1.41 7.78 -27.19
C SER C 33 -1.21 9.17 -27.76
N LYS C 34 -0.59 10.05 -26.97
CA LYS C 34 -0.33 11.41 -27.41
C LYS C 34 0.29 11.39 -28.83
N ASN C 35 1.42 10.71 -28.97
CA ASN C 35 2.11 10.60 -30.25
C ASN C 35 1.24 10.06 -31.37
N PHE C 36 0.65 8.90 -31.12
CA PHE C 36 -0.19 8.23 -32.09
C PHE C 36 -1.38 9.10 -32.54
N GLU C 37 -2.04 9.74 -31.59
CA GLU C 37 -3.19 10.58 -31.94
C GLU C 37 -2.78 11.69 -32.90
N SER C 38 -1.65 12.33 -32.62
CA SER C 38 -1.17 13.42 -33.47
C SER C 38 -0.78 12.94 -34.86
N LEU C 39 -0.10 11.79 -34.94
CA LEU C 39 0.29 11.26 -36.23
C LEU C 39 -0.96 11.12 -37.11
N VAL C 40 -1.99 10.47 -36.57
CA VAL C 40 -3.23 10.26 -37.30
C VAL C 40 -3.85 11.61 -37.60
N TYR C 41 -3.69 12.54 -36.66
CA TYR C 41 -4.22 13.88 -36.83
C TYR C 41 -3.56 14.58 -38.03
N ASP C 42 -2.23 14.50 -38.09
CA ASP C 42 -1.49 15.12 -39.20
C ASP C 42 -1.78 14.46 -40.54
N LEU C 43 -1.78 13.14 -40.57
CA LEU C 43 -2.03 12.40 -41.80
C LEU C 43 -3.41 12.66 -42.38
N VAL C 44 -4.38 12.97 -41.54
CA VAL C 44 -5.73 13.22 -42.03
C VAL C 44 -5.89 14.63 -42.58
N LYS C 45 -5.38 15.63 -41.88
CA LYS C 45 -5.49 16.99 -42.36
C LYS C 45 -4.69 17.07 -43.65
N GLU C 46 -3.57 16.36 -43.65
CA GLU C 46 -2.70 16.31 -44.82
C GLU C 46 -3.45 15.72 -46.01
N ARG C 47 -4.15 14.61 -45.77
CA ARG C 47 -4.89 13.95 -46.85
C ARG C 47 -6.11 14.76 -47.27
N LEU C 48 -6.58 15.65 -46.40
CA LEU C 48 -7.74 16.49 -46.73
C LEU C 48 -7.33 17.56 -47.73
N ALA C 49 -6.29 18.32 -47.37
CA ALA C 49 -5.79 19.37 -48.25
C ALA C 49 -4.97 18.71 -49.35
N GLU C 50 -5.64 17.83 -50.09
CA GLU C 50 -5.00 17.10 -51.17
C GLU C 50 -6.03 16.32 -51.98
N SER C 51 -6.53 15.23 -51.42
CA SER C 51 -7.53 14.41 -52.11
C SER C 51 -8.91 15.07 -52.07
N PHE C 52 -8.98 16.27 -51.47
CA PHE C 52 -10.24 17.00 -51.35
C PHE C 52 -10.07 18.50 -51.54
N HIS C 53 -8.82 18.93 -51.78
CA HIS C 53 -8.51 20.33 -51.99
C HIS C 53 -9.10 21.26 -50.93
N TYR C 54 -8.88 20.96 -49.65
CA TYR C 54 -9.40 21.83 -48.59
C TYR C 54 -8.50 23.05 -48.41
N PRO C 55 -9.08 24.18 -47.96
CA PRO C 55 -8.33 25.43 -47.75
C PRO C 55 -6.95 25.23 -47.16
N GLU C 56 -5.93 25.60 -47.92
CA GLU C 56 -4.55 25.45 -47.47
C GLU C 56 -4.31 25.91 -46.04
N GLU C 57 -5.19 26.76 -45.53
CA GLU C 57 -5.04 27.26 -44.17
C GLU C 57 -5.14 26.22 -43.06
N ILE C 58 -5.76 25.08 -43.36
CA ILE C 58 -5.91 24.03 -42.35
C ILE C 58 -4.57 23.46 -41.94
N LYS C 59 -3.57 23.58 -42.81
CA LYS C 59 -2.23 23.07 -42.51
C LYS C 59 -1.67 23.82 -41.29
N LYS C 60 -2.24 24.98 -41.02
CA LYS C 60 -1.82 25.82 -39.91
C LYS C 60 -2.35 25.31 -38.57
N PHE C 61 -3.47 24.59 -38.62
CA PHE C 61 -4.13 24.03 -37.43
C PHE C 61 -3.19 23.23 -36.53
N LYS C 62 -3.21 23.55 -35.24
CA LYS C 62 -2.37 22.86 -34.28
C LYS C 62 -3.19 21.77 -33.58
N PHE C 63 -2.48 20.79 -33.01
CA PHE C 63 -3.13 19.69 -32.32
C PHE C 63 -2.95 19.79 -30.81
N ASN C 64 -4.06 19.95 -30.09
CA ASN C 64 -4.01 20.03 -28.65
C ASN C 64 -4.81 18.88 -28.03
N PHE C 65 -4.09 17.81 -27.73
CA PHE C 65 -4.65 16.59 -27.15
C PHE C 65 -5.79 16.80 -26.16
N ASP C 66 -5.79 17.92 -25.44
CA ASP C 66 -6.83 18.17 -24.45
C ASP C 66 -8.05 18.92 -24.97
N ASP C 67 -8.16 19.13 -26.28
CA ASP C 67 -9.32 19.83 -26.80
C ASP C 67 -10.54 18.92 -26.91
N ALA C 68 -10.30 17.61 -26.88
CA ALA C 68 -11.37 16.62 -26.96
C ALA C 68 -11.18 15.55 -25.90
N ILE C 69 -12.23 14.79 -25.64
CA ILE C 69 -12.18 13.75 -24.66
C ILE C 69 -12.83 12.52 -25.27
N ARG C 70 -12.56 11.36 -24.69
CA ARG C 70 -13.16 10.14 -25.21
C ARG C 70 -14.66 10.13 -24.97
N GLY C 71 -15.40 9.39 -25.79
CA GLY C 71 -16.85 9.28 -25.62
C GLY C 71 -17.72 10.31 -26.29
N LEU C 72 -17.14 11.41 -26.74
CA LEU C 72 -17.91 12.46 -27.40
C LEU C 72 -18.59 11.96 -28.68
N VAL C 73 -19.65 12.65 -29.09
CA VAL C 73 -20.40 12.31 -30.29
C VAL C 73 -20.43 13.50 -31.25
N ILE C 74 -20.34 13.21 -32.54
CA ILE C 74 -20.35 14.27 -33.53
C ILE C 74 -21.70 14.37 -34.22
N ASP C 75 -22.21 15.59 -34.29
CA ASP C 75 -23.48 15.88 -34.93
C ASP C 75 -23.09 16.46 -36.30
N SER C 76 -22.92 15.59 -37.29
CA SER C 76 -22.52 16.05 -38.62
C SER C 76 -23.46 17.11 -39.16
N LYS C 77 -24.77 16.84 -39.10
CA LYS C 77 -25.77 17.78 -39.59
C LYS C 77 -25.51 19.23 -39.17
N ASN C 78 -25.36 19.47 -37.87
CA ASN C 78 -25.14 20.83 -37.37
C ASN C 78 -23.70 21.18 -37.06
N GLY C 79 -22.78 20.29 -37.38
CA GLY C 79 -21.37 20.56 -37.11
C GLY C 79 -21.11 20.76 -35.62
N ASN C 80 -21.62 19.84 -34.79
CA ASN C 80 -21.44 19.93 -33.35
C ASN C 80 -20.85 18.68 -32.72
N ILE C 81 -20.28 18.87 -31.54
CA ILE C 81 -19.69 17.79 -30.78
C ILE C 81 -20.49 17.77 -29.49
N LEU C 82 -21.09 16.61 -29.19
CA LEU C 82 -21.94 16.47 -28.00
C LEU C 82 -21.48 15.42 -26.99
N LYS C 83 -21.69 15.70 -25.72
CA LYS C 83 -21.38 14.76 -24.65
C LYS C 83 -22.74 14.34 -24.10
N LEU C 84 -23.14 13.12 -24.42
CA LEU C 84 -24.42 12.60 -23.97
C LEU C 84 -24.37 11.80 -22.67
N SER C 85 -25.50 11.76 -21.98
CA SER C 85 -25.64 11.01 -20.74
C SER C 85 -25.90 9.56 -21.18
N ARG C 86 -25.96 8.63 -20.23
CA ARG C 86 -26.20 7.24 -20.61
C ARG C 86 -27.50 7.07 -21.41
N TYR C 87 -28.45 7.99 -21.24
CA TYR C 87 -29.73 7.88 -21.94
C TYR C 87 -29.85 8.70 -23.20
N GLY C 88 -28.75 9.34 -23.59
CA GLY C 88 -28.77 10.13 -24.81
C GLY C 88 -29.09 11.61 -24.63
N ALA C 89 -29.06 12.09 -23.40
CA ALA C 89 -29.35 13.50 -23.16
C ALA C 89 -28.08 14.34 -23.31
N ILE C 90 -28.21 15.45 -24.02
CA ILE C 90 -27.08 16.35 -24.21
C ILE C 90 -26.84 17.07 -22.88
N ARG C 91 -25.62 16.96 -22.35
CA ARG C 91 -25.31 17.59 -21.08
C ARG C 91 -24.21 18.62 -21.22
N LEU C 92 -23.68 18.76 -22.44
CA LEU C 92 -22.61 19.69 -22.75
C LEU C 92 -22.48 19.65 -24.27
N SER C 93 -22.54 20.81 -24.91
CA SER C 93 -22.45 20.86 -26.37
C SER C 93 -21.53 21.94 -26.88
N TYR C 94 -21.04 21.76 -28.10
CA TYR C 94 -20.15 22.71 -28.75
C TYR C 94 -20.39 22.73 -30.26
N HIS C 95 -20.07 23.87 -30.86
CA HIS C 95 -20.15 24.05 -32.29
C HIS C 95 -18.71 24.43 -32.60
N GLY C 96 -17.95 23.48 -33.13
CA GLY C 96 -16.56 23.77 -33.39
C GLY C 96 -15.87 23.83 -32.03
N THR C 97 -15.20 24.94 -31.75
CA THR C 97 -14.49 25.12 -30.49
C THR C 97 -15.33 25.98 -29.54
N LYS C 98 -16.47 26.44 -30.03
CA LYS C 98 -17.38 27.31 -29.27
C LYS C 98 -18.49 26.57 -28.52
N GLN C 99 -18.49 26.69 -27.19
CA GLN C 99 -19.50 26.04 -26.36
C GLN C 99 -20.88 26.62 -26.58
N ILE C 100 -21.79 25.79 -27.08
CA ILE C 100 -23.17 26.23 -27.34
C ILE C 100 -23.91 26.58 -26.05
N SER C 101 -24.51 27.77 -26.04
CA SER C 101 -25.24 28.28 -24.90
C SER C 101 -26.46 27.44 -24.54
N PHE C 102 -26.80 27.44 -23.25
CA PHE C 102 -27.95 26.68 -22.77
C PHE C 102 -29.17 27.04 -23.61
N SER C 103 -29.34 28.34 -23.86
CA SER C 103 -30.46 28.84 -24.65
C SER C 103 -30.33 28.45 -26.12
N ASP C 104 -29.16 28.71 -26.69
CA ASP C 104 -28.90 28.40 -28.08
C ASP C 104 -29.12 26.91 -28.35
N GLN C 105 -28.76 26.08 -27.37
CA GLN C 105 -28.92 24.64 -27.48
C GLN C 105 -30.40 24.29 -27.66
N LYS C 106 -31.25 24.98 -26.88
CA LYS C 106 -32.69 24.78 -26.94
C LYS C 106 -33.27 24.98 -28.34
N LYS C 107 -32.77 26.00 -29.04
CA LYS C 107 -33.27 26.30 -30.38
C LYS C 107 -32.83 25.26 -31.42
N ILE C 108 -31.56 24.86 -31.35
CA ILE C 108 -31.01 23.88 -32.29
C ILE C 108 -31.64 22.49 -32.12
N TYR C 109 -31.75 22.05 -30.88
CA TYR C 109 -32.33 20.73 -30.59
C TYR C 109 -33.68 20.87 -29.90
N ARG C 110 -34.72 20.34 -30.53
CA ARG C 110 -36.07 20.39 -29.96
C ARG C 110 -36.05 19.75 -28.56
N SER C 111 -35.60 18.51 -28.52
CA SER C 111 -35.49 17.77 -27.27
C SER C 111 -34.03 17.74 -26.86
N ILE C 112 -33.76 17.43 -25.60
CA ILE C 112 -32.39 17.37 -25.12
C ILE C 112 -31.84 15.97 -25.39
N TYR C 113 -32.72 15.07 -25.82
CA TYR C 113 -32.34 13.70 -26.12
C TYR C 113 -32.14 13.52 -27.62
N VAL C 114 -31.02 12.92 -28.00
CA VAL C 114 -30.76 12.67 -29.41
C VAL C 114 -30.93 11.18 -29.67
N ASP C 115 -31.27 10.84 -30.90
CA ASP C 115 -31.45 9.44 -31.29
C ASP C 115 -30.21 9.01 -32.06
N LEU C 116 -29.36 8.21 -31.42
CA LEU C 116 -28.14 7.75 -32.07
C LEU C 116 -28.45 6.71 -33.15
N GLY C 117 -29.73 6.44 -33.36
CA GLY C 117 -30.15 5.50 -34.38
C GLY C 117 -30.11 6.24 -35.71
N ASP C 118 -30.21 7.56 -35.62
CA ASP C 118 -30.17 8.42 -36.79
C ASP C 118 -28.73 8.44 -37.24
N PRO C 119 -28.45 7.88 -38.44
CA PRO C 119 -27.10 7.81 -39.01
C PRO C 119 -26.40 9.16 -39.11
N ASN C 120 -27.13 10.24 -38.82
CA ASN C 120 -26.54 11.57 -38.87
C ASN C 120 -25.52 11.79 -37.77
N TYR C 121 -25.69 11.10 -36.64
CA TYR C 121 -24.76 11.24 -35.53
C TYR C 121 -23.62 10.24 -35.67
N MET C 122 -22.41 10.69 -35.37
CA MET C 122 -21.25 9.82 -35.44
C MET C 122 -20.89 9.46 -34.01
N ALA C 123 -21.33 8.28 -33.59
CA ALA C 123 -21.08 7.83 -32.23
C ALA C 123 -20.23 6.57 -32.13
N ILE C 124 -19.12 6.55 -32.86
CA ILE C 124 -18.23 5.39 -32.85
C ILE C 124 -16.98 5.59 -32.01
N ASP C 125 -16.80 4.69 -31.03
CA ASP C 125 -15.65 4.73 -30.14
C ASP C 125 -14.46 4.10 -30.86
N THR C 126 -13.50 4.95 -31.25
CA THR C 126 -12.31 4.50 -31.96
C THR C 126 -11.05 5.01 -31.28
N SER C 127 -9.91 4.50 -31.71
CA SER C 127 -8.62 4.91 -31.17
C SER C 127 -8.21 6.27 -31.72
N PHE C 128 -9.05 6.84 -32.58
CA PHE C 128 -8.78 8.16 -33.17
C PHE C 128 -9.95 9.12 -32.98
N SER C 129 -10.84 8.75 -32.07
CA SER C 129 -12.01 9.57 -31.73
C SER C 129 -11.60 10.98 -31.35
N ILE C 130 -10.62 11.08 -30.47
CA ILE C 130 -10.14 12.37 -30.00
C ILE C 130 -9.62 13.22 -31.15
N ALA C 131 -8.75 12.66 -31.97
CA ALA C 131 -8.20 13.37 -33.11
C ALA C 131 -9.35 13.84 -33.99
N PHE C 132 -10.31 12.94 -34.22
CA PHE C 132 -11.47 13.27 -35.05
C PHE C 132 -12.17 14.53 -34.55
N CYS C 133 -12.56 14.54 -33.27
CA CYS C 133 -13.24 15.69 -32.71
C CYS C 133 -12.41 16.96 -32.85
N ILE C 134 -11.21 16.97 -32.28
CA ILE C 134 -10.36 18.14 -32.35
C ILE C 134 -10.29 18.75 -33.74
N LEU C 135 -9.95 17.93 -34.73
CA LEU C 135 -9.86 18.41 -36.11
C LEU C 135 -11.20 18.93 -36.61
N TYR C 136 -12.22 18.06 -36.58
CA TYR C 136 -13.55 18.42 -37.04
C TYR C 136 -14.03 19.74 -36.46
N GLY C 137 -13.58 20.03 -35.24
CA GLY C 137 -13.97 21.27 -34.60
C GLY C 137 -13.33 22.48 -35.26
N GLN C 138 -12.02 22.42 -35.45
CA GLN C 138 -11.29 23.51 -36.08
C GLN C 138 -11.74 23.68 -37.53
N LEU C 139 -12.05 22.57 -38.18
CA LEU C 139 -12.52 22.60 -39.56
C LEU C 139 -13.78 23.45 -39.66
N VAL C 140 -14.76 23.18 -38.79
CA VAL C 140 -15.99 23.96 -38.81
C VAL C 140 -15.70 25.35 -38.23
N ASP C 141 -14.73 25.42 -37.33
CA ASP C 141 -14.35 26.69 -36.72
C ASP C 141 -13.97 27.66 -37.83
N LEU C 142 -13.13 27.19 -38.74
CA LEU C 142 -12.70 28.00 -39.88
C LEU C 142 -13.39 27.48 -41.14
N LYS C 143 -14.71 27.42 -41.06
CA LYS C 143 -15.56 26.98 -42.17
C LYS C 143 -16.69 28.00 -42.27
N ASP C 144 -17.04 28.59 -41.13
CA ASP C 144 -18.09 29.59 -41.09
C ASP C 144 -17.54 30.93 -41.57
N THR C 145 -16.21 31.02 -41.66
CA THR C 145 -15.56 32.25 -42.12
C THR C 145 -15.71 32.41 -43.62
N ASN C 146 -16.40 31.46 -44.26
CA ASN C 146 -16.62 31.48 -45.70
C ASN C 146 -17.31 30.18 -46.11
N PRO C 147 -18.61 30.05 -45.81
CA PRO C 147 -19.41 28.87 -46.13
C PRO C 147 -19.53 28.56 -47.63
N ASP C 148 -18.58 29.02 -48.42
CA ASP C 148 -18.59 28.78 -49.86
C ASP C 148 -17.39 27.96 -50.28
N LYS C 149 -16.39 27.90 -49.41
CA LYS C 149 -15.18 27.14 -49.69
C LYS C 149 -15.30 25.67 -49.26
N MET C 150 -15.28 25.44 -47.94
CA MET C 150 -15.39 24.09 -47.40
C MET C 150 -16.84 23.63 -47.48
N PRO C 151 -17.07 22.38 -47.90
CA PRO C 151 -18.41 21.80 -48.02
C PRO C 151 -19.30 21.96 -46.78
N SER C 152 -20.44 21.28 -46.79
CA SER C 152 -21.39 21.35 -45.68
C SER C 152 -20.90 20.62 -44.44
N TYR C 153 -21.40 21.05 -43.28
CA TYR C 153 -21.05 20.46 -42.00
C TYR C 153 -21.03 18.94 -42.09
N GLN C 154 -22.10 18.37 -42.66
CA GLN C 154 -22.22 16.93 -42.78
C GLN C 154 -21.27 16.36 -43.83
N ALA C 155 -20.92 17.20 -44.81
CA ALA C 155 -20.01 16.77 -45.87
C ALA C 155 -18.61 16.64 -45.27
N ILE C 156 -18.17 17.70 -44.60
CA ILE C 156 -16.86 17.71 -43.97
C ILE C 156 -16.67 16.44 -43.14
N ALA C 157 -17.60 16.20 -42.23
CA ALA C 157 -17.56 15.03 -41.36
C ALA C 157 -17.39 13.73 -42.12
N GLN C 158 -18.06 13.61 -43.27
CA GLN C 158 -17.95 12.38 -44.06
C GLN C 158 -16.60 12.26 -44.74
N ASP C 159 -16.02 13.41 -45.09
CA ASP C 159 -14.71 13.40 -45.75
C ASP C 159 -13.66 12.98 -44.73
N VAL C 160 -13.62 13.69 -43.61
CA VAL C 160 -12.66 13.41 -42.55
C VAL C 160 -12.65 11.91 -42.26
N GLN C 161 -13.83 11.31 -42.27
CA GLN C 161 -13.96 9.88 -42.00
C GLN C 161 -13.27 9.06 -43.08
N TYR C 162 -13.45 9.47 -44.33
CA TYR C 162 -12.86 8.79 -45.46
C TYR C 162 -11.34 8.82 -45.37
N CYS C 163 -10.80 9.95 -44.94
CA CYS C 163 -9.35 10.09 -44.79
C CYS C 163 -8.82 9.15 -43.72
N VAL C 164 -9.47 9.11 -42.57
CA VAL C 164 -9.04 8.23 -41.51
C VAL C 164 -9.05 6.79 -42.00
N ASP C 165 -10.10 6.41 -42.71
CA ASP C 165 -10.22 5.05 -43.21
C ASP C 165 -9.19 4.71 -44.29
N LYS C 166 -8.95 5.66 -45.18
CA LYS C 166 -7.99 5.44 -46.26
C LYS C 166 -6.57 5.37 -45.71
N VAL C 167 -6.19 6.39 -44.93
CA VAL C 167 -4.85 6.44 -44.34
C VAL C 167 -4.55 5.18 -43.51
N HIS C 168 -5.61 4.49 -43.08
CA HIS C 168 -5.48 3.26 -42.30
C HIS C 168 -5.35 2.03 -43.18
N SER C 169 -5.48 2.24 -44.49
CA SER C 169 -5.38 1.15 -45.46
C SER C 169 -4.30 1.43 -46.51
N ASP C 170 -4.01 2.70 -46.73
CA ASP C 170 -2.97 3.08 -47.68
C ASP C 170 -1.67 2.51 -47.14
N GLY C 171 -1.66 2.28 -45.83
CA GLY C 171 -0.46 1.78 -45.17
C GLY C 171 0.33 3.00 -44.74
N THR C 172 -0.19 4.17 -45.07
CA THR C 172 0.46 5.42 -44.74
C THR C 172 0.80 5.51 -43.26
N LEU C 173 -0.18 5.20 -42.42
CA LEU C 173 -0.03 5.24 -40.97
C LEU C 173 0.89 4.13 -40.47
N LYS C 174 0.65 2.90 -40.93
CA LYS C 174 1.45 1.77 -40.50
C LYS C 174 2.92 1.94 -40.86
N ASN C 175 3.19 2.36 -42.09
CA ASN C 175 4.56 2.57 -42.54
C ASN C 175 5.32 3.56 -41.66
N ILE C 176 4.68 4.66 -41.30
CA ILE C 176 5.35 5.64 -40.45
C ILE C 176 5.76 5.05 -39.11
N ILE C 177 4.80 4.47 -38.37
CA ILE C 177 5.10 3.89 -37.07
C ILE C 177 6.02 2.68 -37.13
N ILE C 178 6.05 2.00 -38.27
CA ILE C 178 6.91 0.82 -38.40
C ILE C 178 8.36 1.26 -38.56
N LYS C 179 8.56 2.44 -39.13
CA LYS C 179 9.90 2.99 -39.34
C LYS C 179 10.37 3.84 -38.17
N ASN C 180 9.66 3.79 -37.05
CA ASN C 180 10.03 4.56 -35.87
C ASN C 180 9.32 3.99 -34.64
N LEU C 181 9.36 2.67 -34.54
CA LEU C 181 8.72 1.95 -33.45
C LEU C 181 8.99 2.55 -32.07
N LYS C 182 10.20 3.04 -31.86
CA LYS C 182 10.58 3.61 -30.57
C LYS C 182 9.72 4.81 -30.17
N LYS C 183 9.29 5.57 -31.16
CA LYS C 183 8.47 6.76 -30.92
C LYS C 183 6.99 6.51 -30.68
N TYR C 184 6.47 5.38 -31.17
CA TYR C 184 5.04 5.10 -31.05
C TYR C 184 4.60 3.95 -30.15
N VAL C 185 5.34 2.86 -30.12
CA VAL C 185 4.91 1.75 -29.28
C VAL C 185 5.71 1.69 -27.99
N ILE C 186 5.07 1.28 -26.91
CA ILE C 186 5.81 1.22 -25.66
C ILE C 186 5.92 -0.22 -25.20
N ARG C 187 7.13 -0.59 -24.77
CA ARG C 187 7.41 -1.93 -24.31
C ARG C 187 7.07 -2.10 -22.85
N GLU C 188 6.66 -3.32 -22.48
CA GLU C 188 6.31 -3.59 -21.09
C GLU C 188 6.49 -5.05 -20.72
N LYS C 189 7.59 -5.33 -20.04
CA LYS C 189 7.93 -6.67 -19.60
C LYS C 189 6.76 -7.42 -18.98
N GLU C 190 6.05 -6.73 -18.10
CA GLU C 190 4.92 -7.30 -17.40
C GLU C 190 3.99 -8.08 -18.33
N VAL C 191 3.68 -7.51 -19.48
CA VAL C 191 2.81 -8.13 -20.46
C VAL C 191 3.24 -9.54 -20.83
N VAL C 192 4.51 -9.72 -21.16
CA VAL C 192 5.01 -11.03 -21.54
C VAL C 192 5.01 -11.97 -20.35
N GLU C 193 5.37 -11.47 -19.17
CA GLU C 193 5.39 -12.32 -17.98
C GLU C 193 4.00 -12.86 -17.68
N GLY C 194 3.02 -11.96 -17.64
CA GLY C 194 1.65 -12.37 -17.37
C GLY C 194 1.14 -13.36 -18.39
N LEU C 195 1.40 -13.10 -19.67
CA LEU C 195 0.95 -14.02 -20.69
C LEU C 195 1.50 -15.41 -20.38
N LYS C 196 2.82 -15.49 -20.14
CA LYS C 196 3.45 -16.77 -19.86
C LYS C 196 2.87 -17.41 -18.59
N HIS C 197 2.51 -16.57 -17.63
CA HIS C 197 1.93 -17.06 -16.38
C HIS C 197 0.60 -17.76 -16.69
N PHE C 198 -0.25 -17.09 -17.47
CA PHE C 198 -1.54 -17.65 -17.85
C PHE C 198 -1.38 -18.91 -18.68
N ILE C 199 -0.41 -18.90 -19.60
CA ILE C 199 -0.19 -20.07 -20.43
C ILE C 199 0.31 -21.20 -19.55
N ARG C 200 1.02 -20.84 -18.48
CA ARG C 200 1.55 -21.85 -17.56
C ARG C 200 0.37 -22.50 -16.82
N TYR C 201 -0.76 -21.80 -16.77
CA TYR C 201 -1.95 -22.32 -16.10
C TYR C 201 -2.98 -22.92 -17.05
N GLY C 202 -2.55 -23.33 -18.23
CA GLY C 202 -3.48 -23.94 -19.18
C GLY C 202 -4.22 -23.03 -20.15
N LYS C 203 -4.20 -21.73 -19.93
CA LYS C 203 -4.86 -20.80 -20.83
C LYS C 203 -4.24 -20.77 -22.24
N LYS C 204 -5.08 -20.62 -23.27
CA LYS C 204 -4.59 -20.52 -24.63
C LYS C 204 -4.85 -19.08 -25.07
N ILE C 205 -3.80 -18.39 -25.49
CA ILE C 205 -3.94 -17.00 -25.91
C ILE C 205 -3.92 -16.89 -27.41
N PHE C 206 -4.70 -15.97 -27.94
CA PHE C 206 -4.71 -15.77 -29.38
C PHE C 206 -4.93 -14.30 -29.71
N ILE C 207 -4.39 -13.90 -30.85
CA ILE C 207 -4.51 -12.53 -31.30
C ILE C 207 -5.65 -12.41 -32.31
N LEU C 208 -6.35 -11.30 -32.25
CA LEU C 208 -7.45 -11.00 -33.15
C LEU C 208 -7.29 -9.53 -33.51
N THR C 209 -6.58 -9.26 -34.58
CA THR C 209 -6.30 -7.89 -35.00
C THR C 209 -6.83 -7.55 -36.39
N ASN C 210 -7.17 -6.28 -36.57
CA ASN C 210 -7.65 -5.82 -37.86
C ASN C 210 -6.49 -5.52 -38.79
N SER C 211 -5.27 -5.60 -38.24
CA SER C 211 -4.06 -5.34 -39.00
C SER C 211 -3.57 -6.52 -39.83
N GLU C 212 -2.79 -6.19 -40.84
CA GLU C 212 -2.21 -7.19 -41.74
C GLU C 212 -1.13 -7.99 -40.98
N TYR C 213 -0.85 -9.20 -41.45
CA TYR C 213 0.14 -10.06 -40.82
C TYR C 213 1.57 -9.51 -40.89
N SER C 214 1.98 -8.99 -42.05
CA SER C 214 3.33 -8.46 -42.20
C SER C 214 3.63 -7.40 -41.15
N TYR C 215 2.64 -6.58 -40.89
CA TYR C 215 2.76 -5.50 -39.92
C TYR C 215 2.74 -6.08 -38.51
N SER C 216 1.90 -7.09 -38.31
CA SER C 216 1.78 -7.73 -37.02
C SER C 216 3.09 -8.35 -36.56
N LYS C 217 3.76 -9.05 -37.46
CA LYS C 217 5.05 -9.68 -37.15
C LYS C 217 6.04 -8.64 -36.65
N LEU C 218 6.22 -7.58 -37.43
CA LEU C 218 7.15 -6.52 -37.04
C LEU C 218 6.83 -5.93 -35.67
N LEU C 219 5.57 -5.58 -35.42
CA LEU C 219 5.18 -4.99 -34.14
C LEU C 219 5.31 -5.96 -32.97
N LEU C 220 4.92 -7.21 -33.17
CA LEU C 220 4.97 -8.21 -32.12
C LEU C 220 6.40 -8.59 -31.73
N ASP C 221 7.29 -8.65 -32.72
CA ASP C 221 8.68 -9.00 -32.49
C ASP C 221 9.32 -7.86 -31.69
N TYR C 222 9.05 -6.63 -32.12
CA TYR C 222 9.60 -5.47 -31.44
C TYR C 222 9.15 -5.37 -29.99
N ALA C 223 7.86 -5.56 -29.75
CA ALA C 223 7.30 -5.40 -28.41
C ALA C 223 7.32 -6.58 -27.46
N LEU C 224 7.46 -7.79 -27.96
CA LEU C 224 7.44 -8.94 -27.07
C LEU C 224 8.76 -9.67 -26.95
N SER C 225 9.46 -9.80 -28.09
CA SER C 225 10.74 -10.49 -28.13
C SER C 225 11.78 -10.06 -27.06
N PRO C 226 11.85 -8.77 -26.70
CA PRO C 226 12.86 -8.44 -25.69
C PRO C 226 12.68 -9.07 -24.32
N PHE C 227 11.50 -9.58 -24.02
CA PHE C 227 11.25 -10.13 -22.70
C PHE C 227 11.12 -11.65 -22.67
N LEU C 228 11.58 -12.27 -23.76
CA LEU C 228 11.55 -13.72 -23.91
C LEU C 228 12.84 -14.38 -23.46
N ASP C 229 12.73 -15.62 -23.00
CA ASP C 229 13.90 -16.36 -22.57
C ASP C 229 14.69 -16.70 -23.83
N LYS C 230 16.00 -16.88 -23.69
CA LYS C 230 16.84 -17.21 -24.83
C LYS C 230 16.29 -18.47 -25.50
N GLY C 231 16.08 -18.38 -26.81
CA GLY C 231 15.56 -19.51 -27.56
C GLY C 231 14.10 -19.34 -27.95
N GLU C 232 13.29 -18.77 -27.05
CA GLU C 232 11.86 -18.58 -27.32
C GLU C 232 11.56 -17.65 -28.48
N HIS C 233 10.38 -17.84 -29.07
CA HIS C 233 9.90 -17.01 -30.16
C HIS C 233 8.56 -16.44 -29.68
N TRP C 234 8.24 -15.21 -30.09
CA TRP C 234 6.98 -14.64 -29.66
C TRP C 234 5.76 -15.40 -30.16
N GLN C 235 5.82 -15.93 -31.39
CA GLN C 235 4.68 -16.67 -31.92
C GLN C 235 4.30 -17.88 -31.08
N GLY C 236 5.23 -18.32 -30.24
CA GLY C 236 4.95 -19.45 -29.37
C GLY C 236 4.01 -19.06 -28.23
N LEU C 237 3.83 -17.75 -28.04
CA LEU C 237 2.96 -17.22 -27.00
C LEU C 237 1.50 -17.33 -27.44
N PHE C 238 1.29 -17.43 -28.75
CA PHE C 238 -0.06 -17.46 -29.29
C PHE C 238 -0.47 -18.73 -30.03
N GLU C 239 -1.61 -19.29 -29.62
CA GLU C 239 -2.17 -20.49 -30.22
C GLU C 239 -2.64 -20.14 -31.64
N PHE C 240 -3.30 -19.01 -31.78
CA PHE C 240 -3.79 -18.55 -33.08
C PHE C 240 -3.52 -17.05 -33.23
N VAL C 241 -3.23 -16.63 -34.45
CA VAL C 241 -3.03 -15.22 -34.68
C VAL C 241 -3.84 -14.92 -35.95
N ILE C 242 -4.99 -14.29 -35.71
CA ILE C 242 -5.95 -13.95 -36.75
C ILE C 242 -5.79 -12.48 -37.17
N THR C 243 -5.45 -12.26 -38.44
CA THR C 243 -5.22 -10.92 -38.97
C THR C 243 -6.32 -10.42 -39.89
N LEU C 244 -6.39 -9.10 -40.09
CA LEU C 244 -7.42 -8.50 -40.92
C LEU C 244 -8.74 -9.14 -40.50
N ALA C 245 -8.89 -9.24 -39.18
CA ALA C 245 -10.09 -9.85 -38.59
C ALA C 245 -11.36 -9.18 -39.06
N ASN C 246 -11.25 -7.91 -39.44
CA ASN C 246 -12.41 -7.16 -39.91
C ASN C 246 -13.48 -7.08 -38.83
N LYS C 247 -13.08 -6.64 -37.63
CA LYS C 247 -14.01 -6.45 -36.54
C LYS C 247 -14.72 -5.13 -36.86
N PRO C 248 -15.96 -4.95 -36.39
CA PRO C 248 -16.76 -5.85 -35.57
C PRO C 248 -17.38 -7.07 -36.26
N ARG C 249 -17.59 -6.97 -37.56
CA ARG C 249 -18.21 -8.07 -38.31
C ARG C 249 -17.65 -9.44 -37.97
N PHE C 250 -16.37 -9.50 -37.62
CA PHE C 250 -15.78 -10.79 -37.28
C PHE C 250 -16.65 -11.49 -36.22
N PHE C 251 -17.17 -10.70 -35.30
CA PHE C 251 -17.96 -11.25 -34.21
C PHE C 251 -19.35 -11.77 -34.53
N TYR C 252 -20.10 -11.05 -35.35
CA TYR C 252 -21.46 -11.48 -35.65
C TYR C 252 -21.73 -11.89 -37.09
N ASP C 253 -20.82 -11.57 -38.00
CA ASP C 253 -21.01 -11.89 -39.41
C ASP C 253 -20.59 -13.32 -39.73
N ASN C 254 -20.42 -13.64 -41.01
CA ASN C 254 -20.04 -15.00 -41.38
C ASN C 254 -18.94 -15.06 -42.43
N LEU C 255 -18.04 -14.07 -42.42
CA LEU C 255 -16.93 -14.04 -43.37
C LEU C 255 -16.01 -15.25 -43.14
N ARG C 256 -15.44 -15.78 -44.22
CA ARG C 256 -14.58 -16.95 -44.12
C ARG C 256 -13.14 -16.71 -43.71
N PHE C 257 -12.54 -17.75 -43.16
CA PHE C 257 -11.16 -17.73 -42.71
C PHE C 257 -10.21 -18.03 -43.88
N LEU C 258 -9.03 -17.46 -43.81
CA LEU C 258 -8.03 -17.74 -44.83
C LEU C 258 -6.80 -18.19 -44.06
N SER C 259 -6.22 -19.32 -44.48
CA SER C 259 -5.05 -19.85 -43.82
C SER C 259 -3.87 -19.05 -44.36
N VAL C 260 -3.00 -18.57 -43.46
CA VAL C 260 -1.83 -17.80 -43.87
C VAL C 260 -0.54 -18.58 -43.68
N ASN C 261 0.24 -18.67 -44.76
CA ASN C 261 1.52 -19.36 -44.72
C ASN C 261 2.48 -18.36 -44.07
N PRO C 262 2.87 -18.63 -42.80
CA PRO C 262 3.77 -17.77 -42.02
C PRO C 262 5.03 -17.34 -42.76
N GLU C 263 5.41 -18.15 -43.75
CA GLU C 263 6.59 -17.91 -44.54
C GLU C 263 6.34 -16.83 -45.61
N ASN C 264 5.88 -17.28 -46.79
CA ASN C 264 5.60 -16.40 -47.94
C ASN C 264 4.39 -15.48 -47.79
N GLY C 265 3.58 -15.68 -46.76
CA GLY C 265 2.42 -14.83 -46.54
C GLY C 265 1.21 -15.17 -47.39
N THR C 266 1.41 -15.92 -48.47
CA THR C 266 0.32 -16.30 -49.36
C THR C 266 -0.76 -17.02 -48.55
N MET C 267 -1.98 -17.08 -49.09
CA MET C 267 -3.09 -17.71 -48.39
C MET C 267 -3.87 -18.74 -49.21
N THR C 268 -4.50 -19.66 -48.49
CA THR C 268 -5.31 -20.70 -49.11
C THR C 268 -6.67 -20.72 -48.41
N ASN C 269 -7.70 -21.15 -49.13
CA ASN C 269 -9.02 -21.23 -48.54
C ASN C 269 -9.05 -22.33 -47.51
N VAL C 270 -9.92 -22.18 -46.52
CA VAL C 270 -10.02 -23.17 -45.46
C VAL C 270 -11.12 -24.19 -45.67
N HIS C 271 -10.76 -25.44 -45.48
CA HIS C 271 -11.68 -26.57 -45.58
C HIS C 271 -11.48 -27.26 -44.25
N GLY C 272 -12.55 -27.68 -43.60
CA GLY C 272 -12.40 -28.33 -42.32
C GLY C 272 -12.13 -27.35 -41.20
N PRO C 273 -12.02 -27.81 -39.95
CA PRO C 273 -11.77 -26.93 -38.79
C PRO C 273 -10.40 -26.28 -38.83
N ILE C 274 -10.27 -25.14 -38.17
CA ILE C 274 -9.00 -24.44 -38.14
C ILE C 274 -8.11 -25.08 -37.09
N VAL C 275 -6.80 -24.95 -37.28
CA VAL C 275 -5.78 -25.48 -36.38
C VAL C 275 -4.81 -24.37 -36.02
N PRO C 276 -4.13 -24.51 -34.88
CA PRO C 276 -3.15 -23.50 -34.44
C PRO C 276 -2.29 -22.99 -35.59
N GLY C 277 -2.32 -21.67 -35.80
CA GLY C 277 -1.54 -21.09 -36.89
C GLY C 277 -2.02 -19.68 -37.21
N VAL C 278 -1.60 -19.14 -38.34
CA VAL C 278 -1.98 -17.79 -38.72
C VAL C 278 -3.12 -17.77 -39.72
N TYR C 279 -4.09 -16.90 -39.47
CA TYR C 279 -5.24 -16.79 -40.35
C TYR C 279 -5.57 -15.35 -40.66
N GLN C 280 -6.47 -15.16 -41.62
CA GLN C 280 -6.93 -13.84 -42.02
C GLN C 280 -8.47 -13.94 -42.09
N GLY C 281 -9.16 -12.84 -41.76
CA GLY C 281 -10.62 -12.85 -41.82
C GLY C 281 -11.26 -13.74 -40.79
N GLY C 282 -12.26 -14.51 -41.20
CA GLY C 282 -12.92 -15.41 -40.26
C GLY C 282 -14.09 -14.80 -39.53
N ASN C 283 -14.66 -15.58 -38.62
CA ASN C 283 -15.80 -15.13 -37.82
C ASN C 283 -15.80 -15.91 -36.51
N ALA C 284 -16.28 -15.27 -35.44
CA ALA C 284 -16.32 -15.90 -34.12
C ALA C 284 -17.05 -17.24 -34.06
N LYS C 285 -18.10 -17.37 -34.87
CA LYS C 285 -18.89 -18.59 -34.90
C LYS C 285 -18.07 -19.83 -35.23
N LYS C 286 -17.43 -19.83 -36.40
CA LYS C 286 -16.63 -20.96 -36.82
C LYS C 286 -15.48 -21.22 -35.85
N PHE C 287 -14.89 -20.14 -35.32
CA PHE C 287 -13.78 -20.25 -34.38
C PHE C 287 -14.21 -21.03 -33.14
N THR C 288 -15.27 -20.56 -32.49
CA THR C 288 -15.76 -21.22 -31.28
C THR C 288 -16.06 -22.71 -31.49
N GLU C 289 -16.75 -23.03 -32.58
CA GLU C 289 -17.07 -24.42 -32.83
C GLU C 289 -15.83 -25.24 -33.12
N ASP C 290 -14.95 -24.70 -33.95
CA ASP C 290 -13.73 -25.41 -34.30
C ASP C 290 -12.89 -25.76 -33.07
N LEU C 291 -12.97 -24.93 -32.04
CA LEU C 291 -12.22 -25.19 -30.82
C LEU C 291 -13.02 -26.04 -29.83
N GLY C 292 -14.23 -26.43 -30.26
CA GLY C 292 -15.08 -27.27 -29.43
C GLY C 292 -15.33 -26.79 -28.01
N VAL C 293 -15.59 -25.50 -27.86
CA VAL C 293 -15.85 -24.95 -26.55
C VAL C 293 -17.09 -24.07 -26.63
N GLY C 294 -17.55 -23.60 -25.48
CA GLY C 294 -18.70 -22.72 -25.46
C GLY C 294 -18.20 -21.30 -25.48
N GLY C 295 -18.99 -20.41 -26.07
CA GLY C 295 -18.61 -19.01 -26.12
C GLY C 295 -18.22 -18.45 -24.76
N ASP C 296 -18.89 -18.89 -23.69
CA ASP C 296 -18.59 -18.40 -22.35
C ASP C 296 -17.25 -18.86 -21.77
N GLU C 297 -16.49 -19.64 -22.54
CA GLU C 297 -15.19 -20.13 -22.12
C GLU C 297 -14.11 -19.34 -22.84
N ILE C 298 -14.53 -18.35 -23.61
CA ILE C 298 -13.64 -17.49 -24.36
C ILE C 298 -13.78 -16.04 -23.86
N LEU C 299 -12.65 -15.43 -23.55
CA LEU C 299 -12.64 -14.04 -23.10
C LEU C 299 -11.86 -13.18 -24.09
N TYR C 300 -12.56 -12.22 -24.70
CA TYR C 300 -11.92 -11.33 -25.64
C TYR C 300 -11.71 -9.96 -24.97
N ILE C 301 -10.51 -9.40 -25.16
CA ILE C 301 -10.19 -8.10 -24.58
C ILE C 301 -9.80 -7.12 -25.67
N GLY C 302 -10.51 -6.00 -25.74
CA GLY C 302 -10.22 -4.98 -26.73
C GLY C 302 -10.00 -3.67 -26.02
N ASP C 303 -9.89 -2.58 -26.77
CA ASP C 303 -9.68 -1.27 -26.17
C ASP C 303 -10.76 -0.27 -26.54
N HIS C 304 -11.55 -0.59 -27.55
CA HIS C 304 -12.63 0.30 -27.95
C HIS C 304 -13.90 -0.44 -28.29
N ILE C 305 -15.02 0.11 -27.83
CA ILE C 305 -16.32 -0.48 -28.06
C ILE C 305 -16.70 -0.27 -29.51
N TYR C 306 -16.22 -1.17 -30.36
CA TYR C 306 -16.48 -1.12 -31.80
C TYR C 306 -17.91 -1.46 -32.20
N GLY C 307 -18.61 -0.47 -32.75
CA GLY C 307 -19.97 -0.68 -33.21
C GLY C 307 -21.07 -0.75 -32.16
N ASP C 308 -22.20 -1.30 -32.58
CA ASP C 308 -23.38 -1.44 -31.73
C ASP C 308 -23.21 -2.61 -30.77
N ILE C 309 -23.19 -2.29 -29.49
CA ILE C 309 -23.02 -3.28 -28.43
C ILE C 309 -24.05 -4.41 -28.43
N LEU C 310 -25.31 -4.07 -28.66
CA LEU C 310 -26.40 -5.05 -28.65
C LEU C 310 -26.23 -6.14 -29.72
N ARG C 311 -25.85 -5.74 -30.93
CA ARG C 311 -25.65 -6.67 -32.02
C ARG C 311 -24.44 -7.55 -31.69
N LEU C 312 -23.44 -6.93 -31.06
CA LEU C 312 -22.22 -7.60 -30.68
C LEU C 312 -22.34 -8.50 -29.44
N LYS C 313 -23.31 -8.21 -28.57
CA LYS C 313 -23.48 -9.01 -27.35
C LYS C 313 -24.61 -10.04 -27.47
N LYS C 314 -25.52 -9.81 -28.40
CA LYS C 314 -26.65 -10.72 -28.62
C LYS C 314 -26.24 -11.85 -29.56
N ASP C 315 -25.44 -11.51 -30.56
CA ASP C 315 -25.01 -12.46 -31.58
C ASP C 315 -23.65 -13.13 -31.34
N CYS C 316 -22.93 -12.73 -30.30
CA CYS C 316 -21.63 -13.35 -30.07
C CYS C 316 -21.59 -14.38 -28.95
N ASN C 317 -21.88 -13.95 -27.73
CA ASN C 317 -21.89 -14.86 -26.57
C ASN C 317 -20.52 -15.05 -25.90
N TRP C 318 -19.48 -14.47 -26.50
CA TRP C 318 -18.12 -14.51 -25.94
C TRP C 318 -18.07 -13.54 -24.76
N ARG C 319 -17.22 -13.84 -23.77
CA ARG C 319 -17.08 -12.93 -22.64
C ARG C 319 -16.20 -11.78 -23.18
N THR C 320 -16.58 -10.55 -22.88
CA THR C 320 -15.78 -9.44 -23.37
C THR C 320 -15.29 -8.51 -22.26
N ALA C 321 -14.00 -8.19 -22.33
CA ALA C 321 -13.35 -7.32 -21.38
C ALA C 321 -12.83 -6.10 -22.13
N LEU C 322 -12.56 -5.04 -21.40
CA LEU C 322 -12.11 -3.81 -22.03
C LEU C 322 -10.94 -3.15 -21.30
N VAL C 323 -10.02 -2.61 -22.08
CA VAL C 323 -8.87 -1.91 -21.55
C VAL C 323 -9.20 -0.45 -21.81
N VAL C 324 -9.17 0.37 -20.77
CA VAL C 324 -9.49 1.78 -20.93
C VAL C 324 -8.35 2.62 -20.39
N GLU C 325 -7.49 3.09 -21.30
CA GLU C 325 -6.32 3.88 -20.91
C GLU C 325 -6.64 5.18 -20.17
N GLU C 326 -7.66 5.90 -20.63
CA GLU C 326 -8.01 7.15 -19.99
C GLU C 326 -8.40 6.98 -18.52
N LEU C 327 -8.51 5.74 -18.05
CA LEU C 327 -8.86 5.49 -16.65
C LEU C 327 -7.82 6.06 -15.69
N GLY C 328 -6.55 6.01 -16.11
CA GLY C 328 -5.46 6.52 -15.31
C GLY C 328 -5.69 7.96 -14.89
N GLU C 329 -6.04 8.83 -15.84
CA GLU C 329 -6.30 10.23 -15.52
C GLU C 329 -7.65 10.42 -14.85
N GLU C 330 -8.63 9.59 -15.21
CA GLU C 330 -9.95 9.71 -14.60
C GLU C 330 -9.85 9.41 -13.11
N ILE C 331 -9.05 8.40 -12.77
CA ILE C 331 -8.89 8.01 -11.39
C ILE C 331 -8.02 9.01 -10.61
N ALA C 332 -6.88 9.39 -11.15
CA ALA C 332 -6.01 10.35 -10.46
C ALA C 332 -6.83 11.60 -10.09
N SER C 333 -7.47 12.20 -11.08
CA SER C 333 -8.28 13.40 -10.85
C SER C 333 -9.36 13.15 -9.81
N GLN C 334 -9.97 11.97 -9.85
CA GLN C 334 -11.01 11.64 -8.89
C GLN C 334 -10.46 11.73 -7.48
N ILE C 335 -9.25 11.22 -7.31
CA ILE C 335 -8.60 11.24 -6.01
C ILE C 335 -8.28 12.67 -5.56
N ARG C 336 -7.93 13.54 -6.51
CA ARG C 336 -7.63 14.92 -6.17
C ARG C 336 -8.86 15.66 -5.65
N ALA C 337 -10.01 15.40 -6.25
CA ALA C 337 -11.24 16.06 -5.81
C ALA C 337 -11.82 15.38 -4.59
N LEU C 338 -11.13 14.36 -4.09
CA LEU C 338 -11.62 13.63 -2.92
C LEU C 338 -12.03 14.53 -1.77
N PRO C 339 -11.16 15.44 -1.32
CA PRO C 339 -11.56 16.31 -0.21
C PRO C 339 -12.74 17.20 -0.57
N ILE C 340 -12.81 17.60 -1.84
CA ILE C 340 -13.90 18.45 -2.33
C ILE C 340 -15.17 17.59 -2.46
N GLU C 341 -14.94 16.28 -2.55
CA GLU C 341 -16.03 15.32 -2.65
C GLU C 341 -16.59 15.16 -1.24
N LYS C 342 -15.68 15.08 -0.27
CA LYS C 342 -16.05 14.93 1.12
C LYS C 342 -17.01 16.04 1.53
N LYS C 343 -16.66 17.27 1.17
CA LYS C 343 -17.47 18.44 1.52
C LYS C 343 -18.83 18.47 0.84
N ILE C 344 -18.92 17.89 -0.35
CA ILE C 344 -20.20 17.84 -1.07
C ILE C 344 -21.13 16.88 -0.32
N GLY C 345 -20.58 15.76 0.13
CA GLY C 345 -21.35 14.77 0.86
C GLY C 345 -21.73 15.28 2.23
N GLU C 346 -21.17 16.42 2.60
CA GLU C 346 -21.46 17.05 3.89
C GLU C 346 -22.70 17.94 3.71
N ALA C 347 -22.62 18.89 2.78
CA ALA C 347 -23.72 19.80 2.52
C ALA C 347 -24.93 19.07 1.94
N MET C 348 -24.68 17.87 1.42
CA MET C 348 -25.73 17.05 0.83
C MET C 348 -26.64 16.44 1.89
N ALA C 349 -26.05 16.08 3.04
CA ALA C 349 -26.79 15.48 4.13
C ALA C 349 -27.47 16.54 4.98
N ILE C 350 -26.91 17.75 4.99
CA ILE C 350 -27.49 18.85 5.76
C ILE C 350 -28.76 19.21 5.01
N LYS C 351 -28.82 18.80 3.75
CA LYS C 351 -29.96 19.05 2.88
C LYS C 351 -31.03 18.02 3.22
N LYS C 352 -30.63 16.74 3.27
CA LYS C 352 -31.55 15.65 3.57
C LYS C 352 -32.36 15.88 4.85
N GLU C 353 -31.74 16.50 5.85
CA GLU C 353 -32.44 16.77 7.11
C GLU C 353 -33.35 17.98 7.03
N LEU C 354 -32.84 19.08 6.49
CA LEU C 354 -33.64 20.30 6.35
C LEU C 354 -34.76 20.02 5.36
N GLU C 355 -34.54 18.99 4.53
CA GLU C 355 -35.53 18.58 3.54
C GLU C 355 -36.59 17.79 4.29
N GLN C 356 -36.14 16.83 5.09
CA GLN C 356 -37.05 16.00 5.87
C GLN C 356 -37.69 16.87 6.97
N LYS C 357 -37.10 18.05 7.21
CA LYS C 357 -37.63 18.97 8.21
C LYS C 357 -38.85 19.68 7.65
N TYR C 358 -38.72 20.14 6.40
CA TYR C 358 -39.81 20.83 5.73
C TYR C 358 -41.03 19.92 5.60
N VAL C 359 -40.83 18.69 5.12
CA VAL C 359 -41.94 17.75 4.97
C VAL C 359 -42.54 17.41 6.33
N ASP C 360 -41.81 17.72 7.40
CA ASP C 360 -42.30 17.47 8.74
C ASP C 360 -43.28 18.57 9.11
N LEU C 361 -44.01 19.08 8.12
CA LEU C 361 -44.99 20.13 8.32
C LEU C 361 -46.27 19.86 7.52
N HIS C 378 -41.34 28.83 5.44
CA HIS C 378 -40.61 29.86 4.68
C HIS C 378 -39.29 30.17 5.38
N ASP C 379 -39.28 30.12 6.71
CA ASP C 379 -38.08 30.40 7.49
C ASP C 379 -37.14 29.21 7.32
N LEU C 380 -37.72 28.08 6.92
CA LEU C 380 -36.98 26.85 6.69
C LEU C 380 -36.62 26.69 5.21
N GLN C 381 -37.58 27.02 4.34
CA GLN C 381 -37.38 26.90 2.90
C GLN C 381 -36.26 27.78 2.38
N LEU C 382 -36.05 28.92 3.04
CA LEU C 382 -34.99 29.84 2.63
C LEU C 382 -33.68 29.43 3.28
N GLN C 383 -33.78 28.83 4.46
CA GLN C 383 -32.62 28.36 5.22
C GLN C 383 -31.92 27.22 4.49
N ILE C 384 -32.71 26.42 3.80
CA ILE C 384 -32.21 25.28 3.05
C ILE C 384 -31.80 25.69 1.63
N SER C 385 -32.50 26.68 1.08
CA SER C 385 -32.21 27.17 -0.27
C SER C 385 -30.81 27.79 -0.36
N THR C 386 -30.12 27.83 0.77
CA THR C 386 -28.77 28.37 0.86
C THR C 386 -27.77 27.23 0.64
N VAL C 387 -28.12 26.06 1.15
CA VAL C 387 -27.29 24.88 1.01
C VAL C 387 -27.23 24.48 -0.47
N ASP C 388 -28.29 24.77 -1.21
CA ASP C 388 -28.37 24.47 -2.65
C ASP C 388 -27.28 25.25 -3.38
N LEU C 389 -27.26 26.56 -3.15
CA LEU C 389 -26.27 27.44 -3.76
C LEU C 389 -24.88 27.04 -3.30
N GLN C 390 -24.81 26.36 -2.16
CA GLN C 390 -23.54 25.90 -1.62
C GLN C 390 -23.15 24.66 -2.40
N ILE C 391 -24.16 23.87 -2.80
CA ILE C 391 -23.96 22.66 -3.58
C ILE C 391 -23.55 23.07 -5.00
N SER C 392 -24.13 24.16 -5.48
CA SER C 392 -23.84 24.66 -6.81
C SER C 392 -22.37 25.05 -7.00
N ARG C 393 -21.80 25.75 -6.02
CA ARG C 393 -20.40 26.17 -6.09
C ARG C 393 -19.46 24.98 -5.89
N LEU C 394 -19.71 24.17 -4.86
CA LEU C 394 -18.89 23.00 -4.59
C LEU C 394 -18.73 22.16 -5.85
N LEU C 395 -19.83 21.61 -6.36
CA LEU C 395 -19.79 20.79 -7.56
C LEU C 395 -19.03 21.49 -8.70
N GLN C 396 -19.12 22.81 -8.73
CA GLN C 396 -18.46 23.60 -9.76
C GLN C 396 -16.94 23.69 -9.56
N GLU C 397 -16.51 23.93 -8.32
CA GLU C 397 -15.08 24.02 -8.03
C GLU C 397 -14.46 22.64 -8.18
N GLN C 398 -15.32 21.63 -8.33
CA GLN C 398 -14.89 20.25 -8.48
C GLN C 398 -14.52 19.95 -9.95
N ASN C 399 -15.12 20.68 -10.88
CA ASN C 399 -14.82 20.50 -12.30
C ASN C 399 -13.36 20.90 -12.57
N SER C 400 -12.80 21.68 -11.66
CA SER C 400 -11.43 22.15 -11.78
C SER C 400 -10.42 21.01 -11.86
N PHE C 401 -10.77 19.86 -11.30
CA PHE C 401 -9.86 18.72 -11.30
C PHE C 401 -9.94 17.83 -12.55
N TYR C 402 -10.91 18.09 -13.43
CA TYR C 402 -11.08 17.30 -14.65
C TYR C 402 -10.89 18.15 -15.91
N ASN C 403 -11.04 17.54 -17.08
CA ASN C 403 -10.87 18.26 -18.33
C ASN C 403 -11.61 19.59 -18.32
N PRO C 404 -10.91 20.69 -18.60
CA PRO C 404 -11.53 22.02 -18.61
C PRO C 404 -12.70 22.20 -19.57
N LYS C 405 -12.63 21.56 -20.73
CA LYS C 405 -13.69 21.70 -21.74
C LYS C 405 -14.82 20.66 -21.75
N TRP C 406 -14.57 19.44 -21.28
CA TRP C 406 -15.60 18.40 -21.30
C TRP C 406 -15.84 17.59 -20.01
N GLU C 407 -15.23 17.98 -18.89
CA GLU C 407 -15.38 17.27 -17.61
C GLU C 407 -15.01 15.78 -17.70
N ARG C 408 -15.64 14.94 -16.89
CA ARG C 408 -15.29 13.50 -16.87
C ARG C 408 -15.67 12.64 -18.08
N VAL C 409 -14.88 11.58 -18.29
CA VAL C 409 -15.15 10.66 -19.38
C VAL C 409 -16.34 9.76 -19.04
N PHE C 410 -16.40 9.29 -17.80
CA PHE C 410 -17.46 8.39 -17.34
C PHE C 410 -18.71 9.10 -16.81
N ARG C 411 -18.65 10.41 -16.68
CA ARG C 411 -19.79 11.16 -16.15
C ARG C 411 -20.25 12.28 -17.10
N ALA C 412 -21.56 12.32 -17.35
CA ALA C 412 -22.15 13.35 -18.21
C ALA C 412 -22.97 14.18 -17.24
N GLY C 413 -22.38 15.25 -16.74
CA GLY C 413 -23.08 16.04 -15.75
C GLY C 413 -23.02 15.17 -14.50
N ALA C 414 -24.17 15.00 -13.84
CA ALA C 414 -24.20 14.19 -12.62
C ALA C 414 -24.37 12.72 -12.96
N GLU C 415 -24.98 12.44 -14.11
CA GLU C 415 -25.25 11.07 -14.56
C GLU C 415 -24.01 10.43 -15.18
N GLU C 416 -24.06 9.12 -15.41
CA GLU C 416 -22.94 8.48 -16.08
C GLU C 416 -23.11 8.87 -17.55
N SER C 417 -22.00 8.95 -18.27
CA SER C 417 -22.02 9.32 -19.67
C SER C 417 -22.42 8.13 -20.55
N TYR C 418 -22.62 8.40 -21.84
CA TYR C 418 -22.99 7.35 -22.78
C TYR C 418 -21.83 6.34 -22.82
N PHE C 419 -20.60 6.84 -22.75
CA PHE C 419 -19.45 5.96 -22.77
C PHE C 419 -19.46 5.03 -21.56
N ALA C 420 -19.81 5.57 -20.39
CA ALA C 420 -19.85 4.76 -19.17
C ALA C 420 -20.84 3.61 -19.36
N TYR C 421 -21.96 3.91 -20.01
CA TYR C 421 -22.98 2.92 -20.27
C TYR C 421 -22.43 1.82 -21.17
N GLN C 422 -21.70 2.23 -22.20
CA GLN C 422 -21.13 1.29 -23.14
C GLN C 422 -20.18 0.34 -22.45
N VAL C 423 -19.34 0.88 -21.56
CA VAL C 423 -18.38 0.06 -20.84
C VAL C 423 -19.14 -0.93 -19.97
N ASP C 424 -20.12 -0.42 -19.23
CA ASP C 424 -20.93 -1.25 -18.36
C ASP C 424 -21.59 -2.39 -19.14
N ARG C 425 -22.19 -2.06 -20.27
CA ARG C 425 -22.87 -3.06 -21.07
C ARG C 425 -21.93 -4.00 -21.81
N PHE C 426 -20.87 -3.45 -22.40
CA PHE C 426 -19.95 -4.27 -23.17
C PHE C 426 -18.91 -5.07 -22.38
N ALA C 427 -18.39 -4.48 -21.32
CA ALA C 427 -17.33 -5.15 -20.57
C ALA C 427 -17.73 -5.82 -19.25
N CYS C 428 -17.28 -7.05 -19.04
CA CYS C 428 -17.55 -7.77 -17.81
C CYS C 428 -16.53 -7.30 -16.79
N ILE C 429 -15.35 -6.98 -17.28
CA ILE C 429 -14.28 -6.41 -16.45
C ILE C 429 -13.54 -5.45 -17.33
N TYR C 430 -13.00 -4.40 -16.72
CA TYR C 430 -12.23 -3.40 -17.44
C TYR C 430 -11.07 -2.92 -16.59
N MET C 431 -9.99 -2.51 -17.27
CA MET C 431 -8.80 -2.03 -16.59
C MET C 431 -8.11 -0.95 -17.39
N GLU C 432 -7.10 -0.32 -16.79
CA GLU C 432 -6.37 0.71 -17.50
C GLU C 432 -5.52 0.13 -18.62
N LYS C 433 -4.84 -0.97 -18.32
CA LYS C 433 -4.02 -1.64 -19.33
C LYS C 433 -4.08 -3.13 -19.12
N LEU C 434 -3.72 -3.89 -20.16
CA LEU C 434 -3.76 -5.34 -20.11
C LEU C 434 -2.98 -6.02 -18.99
N SER C 435 -1.79 -5.54 -18.70
CA SER C 435 -0.99 -6.15 -17.64
C SER C 435 -1.71 -6.12 -16.30
N ASP C 436 -2.65 -5.19 -16.13
CA ASP C 436 -3.40 -5.12 -14.86
C ASP C 436 -4.18 -6.42 -14.64
N LEU C 437 -4.71 -6.98 -15.71
CA LEU C 437 -5.46 -8.23 -15.64
C LEU C 437 -4.46 -9.39 -15.50
N LEU C 438 -3.46 -9.40 -16.38
CA LEU C 438 -2.46 -10.45 -16.34
C LEU C 438 -1.64 -10.53 -15.04
N GLU C 439 -1.72 -9.50 -14.21
CA GLU C 439 -1.01 -9.47 -12.95
C GLU C 439 -1.72 -10.39 -11.95
N HIS C 440 -3.03 -10.50 -12.08
CA HIS C 440 -3.83 -11.36 -11.20
C HIS C 440 -3.60 -12.84 -11.46
N SER C 441 -3.95 -13.65 -10.49
CA SER C 441 -3.81 -15.09 -10.62
C SER C 441 -4.70 -15.63 -11.71
N PRO C 442 -4.18 -16.52 -12.57
CA PRO C 442 -4.90 -17.14 -13.68
C PRO C 442 -6.14 -17.91 -13.21
N MET C 443 -6.27 -18.13 -11.90
CA MET C 443 -7.43 -18.84 -11.40
C MET C 443 -8.27 -17.95 -10.48
N THR C 444 -8.18 -16.64 -10.71
CA THR C 444 -8.92 -15.68 -9.91
C THR C 444 -10.40 -15.66 -10.30
N TYR C 445 -11.27 -15.33 -9.34
CA TYR C 445 -12.69 -15.26 -9.57
C TYR C 445 -13.13 -13.80 -9.35
N PHE C 446 -13.49 -13.12 -10.44
CA PHE C 446 -13.91 -11.73 -10.36
C PHE C 446 -15.39 -11.58 -10.03
N ARG C 447 -15.68 -10.84 -8.97
CA ARG C 447 -17.07 -10.62 -8.55
C ARG C 447 -17.47 -9.17 -8.62
N ALA C 448 -18.72 -8.94 -9.00
CA ALA C 448 -19.28 -7.60 -9.13
C ALA C 448 -19.45 -6.92 -7.77
N ASN C 449 -18.97 -5.69 -7.69
CA ASN C 449 -19.03 -4.89 -6.49
C ASN C 449 -20.46 -4.72 -5.99
N ARG C 450 -20.62 -4.22 -4.78
CA ARG C 450 -21.93 -4.01 -4.14
C ARG C 450 -22.61 -2.66 -4.48
N ARG C 451 -23.57 -2.70 -5.41
CA ARG C 451 -24.30 -1.51 -5.86
C ARG C 451 -25.66 -1.30 -5.19
N LEU C 452 -26.17 -0.07 -5.25
CA LEU C 452 -27.45 0.24 -4.64
C LEU C 452 -28.37 1.10 -5.51
N LEU C 453 -29.67 0.81 -5.42
CA LEU C 453 -30.70 1.54 -6.16
C LEU C 453 -31.05 2.83 -5.42
N ALA C 454 -31.60 3.80 -6.14
CA ALA C 454 -31.95 5.08 -5.55
C ALA C 454 -32.83 4.93 -4.30
N HIS C 455 -33.60 3.84 -4.21
CA HIS C 455 -34.49 3.63 -3.07
C HIS C 455 -34.00 2.60 -2.03
N ASP C 456 -32.79 2.09 -2.19
CA ASP C 456 -32.25 1.12 -1.25
C ASP C 456 -31.76 1.80 0.03
N ILE C 457 -31.52 0.99 1.06
CA ILE C 457 -31.03 1.50 2.33
C ILE C 457 -29.58 1.02 2.47
N ASP C 458 -28.64 1.96 2.45
CA ASP C 458 -27.23 1.62 2.56
C ASP C 458 -26.87 1.29 4.01
N THR D 3 -42.88 8.29 5.40
CA THR D 3 -42.50 9.73 5.45
C THR D 3 -42.42 10.36 4.07
N HIS D 4 -43.18 9.82 3.11
CA HIS D 4 -43.18 10.37 1.77
C HIS D 4 -41.82 10.46 1.07
N LYS D 5 -41.09 9.36 0.96
CA LYS D 5 -39.80 9.44 0.28
C LYS D 5 -39.96 9.59 -1.23
N VAL D 6 -39.12 10.44 -1.80
CA VAL D 6 -39.11 10.67 -3.23
C VAL D 6 -37.72 10.29 -3.71
N PHE D 7 -37.66 9.33 -4.63
CA PHE D 7 -36.39 8.85 -5.17
C PHE D 7 -36.03 9.64 -6.41
N VAL D 8 -34.78 10.06 -6.49
CA VAL D 8 -34.30 10.88 -7.60
C VAL D 8 -33.31 10.19 -8.54
N ASN D 9 -33.64 10.15 -9.82
CA ASN D 9 -32.77 9.57 -10.82
C ASN D 9 -31.98 10.67 -11.53
N ARG D 10 -32.61 11.84 -11.65
CA ARG D 10 -31.99 12.97 -12.35
C ARG D 10 -32.49 14.26 -11.75
N ILE D 11 -31.61 15.26 -11.79
CA ILE D 11 -31.95 16.58 -11.26
C ILE D 11 -33.22 17.14 -11.85
N ILE D 12 -34.03 17.78 -11.00
CA ILE D 12 -35.23 18.50 -11.41
C ILE D 12 -35.48 19.56 -10.36
N ASN D 13 -35.43 20.81 -10.81
CA ASN D 13 -35.60 21.98 -9.97
C ASN D 13 -37.09 22.34 -9.96
N MET D 14 -37.82 21.85 -8.96
CA MET D 14 -39.26 22.12 -8.91
C MET D 14 -39.56 23.60 -8.96
N ARG D 15 -38.63 24.44 -8.51
CA ARG D 15 -38.80 25.88 -8.52
C ARG D 15 -39.08 26.40 -9.93
N LYS D 16 -38.41 25.81 -10.91
CA LYS D 16 -38.57 26.22 -12.30
C LYS D 16 -39.70 25.50 -13.04
N ILE D 17 -40.51 24.74 -12.31
CA ILE D 17 -41.62 24.01 -12.91
C ILE D 17 -42.88 24.85 -12.73
N LYS D 18 -43.50 25.21 -13.84
CA LYS D 18 -44.70 26.03 -13.78
C LYS D 18 -46.00 25.25 -13.77
N LEU D 19 -46.07 24.18 -14.55
CA LEU D 19 -47.28 23.38 -14.61
C LEU D 19 -47.00 21.91 -14.32
N ILE D 20 -47.88 21.30 -13.51
CA ILE D 20 -47.75 19.90 -13.18
C ILE D 20 -48.96 19.15 -13.73
N GLY D 21 -48.70 18.30 -14.72
CA GLY D 21 -49.76 17.52 -15.33
C GLY D 21 -49.91 16.20 -14.61
N LEU D 22 -51.13 15.92 -14.17
CA LEU D 22 -51.39 14.69 -13.45
C LEU D 22 -52.26 13.69 -14.18
N ASP D 23 -51.80 12.47 -14.22
CA ASP D 23 -52.53 11.33 -14.80
C ASP D 23 -53.61 11.12 -13.74
N MET D 24 -54.84 10.78 -14.13
CA MET D 24 -55.90 10.60 -13.14
C MET D 24 -56.02 9.20 -12.52
N ASP D 25 -56.43 8.22 -13.31
CA ASP D 25 -56.58 6.87 -12.80
C ASP D 25 -55.25 6.21 -12.42
N HIS D 26 -55.04 6.03 -11.12
CA HIS D 26 -53.84 5.43 -10.55
C HIS D 26 -52.72 6.38 -10.19
N THR D 27 -52.86 7.65 -10.53
CA THR D 27 -51.84 8.61 -10.13
C THR D 27 -52.49 9.57 -9.13
N LEU D 28 -53.37 10.46 -9.63
CA LEU D 28 -54.07 11.43 -8.75
C LEU D 28 -55.10 10.75 -7.89
N ILE D 29 -55.78 9.75 -8.44
CA ILE D 29 -56.79 9.01 -7.72
C ILE D 29 -56.31 7.58 -7.51
N ARG D 30 -56.19 7.18 -6.25
CA ARG D 30 -55.71 5.84 -5.94
C ARG D 30 -56.77 4.73 -6.00
N TYR D 31 -56.35 3.57 -6.49
CA TYR D 31 -57.23 2.41 -6.61
C TYR D 31 -56.70 1.26 -5.77
N ASN D 32 -57.61 0.40 -5.35
CA ASN D 32 -57.25 -0.79 -4.60
C ASN D 32 -56.71 -1.78 -5.64
N SER D 33 -55.39 -1.88 -5.75
CA SER D 33 -54.73 -2.74 -6.73
C SER D 33 -55.27 -4.16 -6.88
N LYS D 34 -55.36 -4.88 -5.78
CA LYS D 34 -55.83 -6.26 -5.83
C LYS D 34 -57.22 -6.33 -6.42
N ASN D 35 -58.14 -5.55 -5.86
CA ASN D 35 -59.52 -5.58 -6.34
C ASN D 35 -59.61 -5.17 -7.80
N PHE D 36 -58.86 -4.14 -8.17
CA PHE D 36 -58.87 -3.65 -9.53
C PHE D 36 -58.25 -4.64 -10.51
N GLU D 37 -57.13 -5.26 -10.13
CA GLU D 37 -56.51 -6.24 -11.02
C GLU D 37 -57.48 -7.38 -11.22
N SER D 38 -58.03 -7.86 -10.11
CA SER D 38 -59.00 -8.94 -10.13
C SER D 38 -60.18 -8.67 -11.07
N LEU D 39 -60.71 -7.46 -11.00
CA LEU D 39 -61.83 -7.11 -11.87
C LEU D 39 -61.38 -7.28 -13.33
N VAL D 40 -60.28 -6.63 -13.67
CA VAL D 40 -59.76 -6.72 -15.03
C VAL D 40 -59.58 -8.18 -15.41
N TYR D 41 -59.04 -8.97 -14.50
CA TYR D 41 -58.85 -10.37 -14.80
C TYR D 41 -60.22 -10.99 -15.16
N ASP D 42 -61.20 -10.88 -14.27
CA ASP D 42 -62.52 -11.42 -14.55
C ASP D 42 -63.09 -10.93 -15.88
N LEU D 43 -63.28 -9.62 -16.01
CA LEU D 43 -63.84 -9.07 -17.24
C LEU D 43 -63.15 -9.62 -18.50
N VAL D 44 -61.81 -9.69 -18.46
CA VAL D 44 -61.04 -10.18 -19.60
C VAL D 44 -61.20 -11.66 -19.83
N LYS D 45 -61.22 -12.43 -18.74
CA LYS D 45 -61.36 -13.87 -18.84
C LYS D 45 -62.74 -14.18 -19.40
N GLU D 46 -63.71 -13.38 -18.98
CA GLU D 46 -65.09 -13.53 -19.42
C GLU D 46 -65.22 -13.27 -20.92
N ARG D 47 -64.76 -12.09 -21.34
CA ARG D 47 -64.81 -11.70 -22.74
C ARG D 47 -64.15 -12.72 -23.68
N LEU D 48 -63.27 -13.56 -23.14
CA LEU D 48 -62.60 -14.59 -23.94
C LEU D 48 -63.53 -15.77 -24.20
N ALA D 49 -64.15 -16.26 -23.14
CA ALA D 49 -65.04 -17.41 -23.24
C ALA D 49 -66.31 -17.06 -24.02
N GLU D 50 -66.55 -15.78 -24.21
CA GLU D 50 -67.75 -15.35 -24.90
C GLU D 50 -67.56 -14.90 -26.35
N SER D 51 -66.80 -13.83 -26.56
CA SER D 51 -66.58 -13.35 -27.92
C SER D 51 -65.48 -14.09 -28.68
N PHE D 52 -64.75 -14.96 -27.98
CA PHE D 52 -63.67 -15.71 -28.64
C PHE D 52 -63.87 -17.22 -28.61
N HIS D 53 -64.91 -17.66 -27.92
CA HIS D 53 -65.23 -19.09 -27.87
C HIS D 53 -64.05 -19.98 -27.45
N TYR D 54 -63.57 -19.77 -26.23
CA TYR D 54 -62.46 -20.54 -25.68
C TYR D 54 -63.04 -21.65 -24.80
N PRO D 55 -62.23 -22.66 -24.46
CA PRO D 55 -62.73 -23.77 -23.63
C PRO D 55 -63.54 -23.29 -22.44
N GLU D 56 -64.64 -23.98 -22.16
CA GLU D 56 -65.51 -23.65 -21.04
C GLU D 56 -64.73 -23.78 -19.74
N GLU D 57 -63.59 -24.43 -19.82
CA GLU D 57 -62.74 -24.66 -18.66
C GLU D 57 -62.12 -23.38 -18.08
N ILE D 58 -61.85 -22.40 -18.92
CA ILE D 58 -61.23 -21.15 -18.47
C ILE D 58 -62.05 -20.41 -17.41
N LYS D 59 -63.36 -20.49 -17.50
CA LYS D 59 -64.22 -19.81 -16.53
C LYS D 59 -63.87 -20.27 -15.11
N LYS D 60 -63.26 -21.45 -15.02
CA LYS D 60 -62.90 -22.02 -13.73
C LYS D 60 -61.59 -21.43 -13.18
N PHE D 61 -60.79 -20.82 -14.04
CA PHE D 61 -59.50 -20.22 -13.64
C PHE D 61 -59.60 -19.33 -12.41
N LYS D 62 -58.70 -19.57 -11.45
CA LYS D 62 -58.68 -18.79 -10.23
C LYS D 62 -57.59 -17.73 -10.29
N PHE D 63 -57.93 -16.53 -9.79
CA PHE D 63 -56.99 -15.41 -9.79
C PHE D 63 -56.25 -15.23 -8.46
N ASN D 64 -54.93 -15.31 -8.52
CA ASN D 64 -54.10 -15.12 -7.34
C ASN D 64 -53.09 -14.02 -7.61
N PHE D 65 -53.35 -12.86 -7.02
CA PHE D 65 -52.53 -11.68 -7.20
C PHE D 65 -51.02 -11.93 -7.19
N ASP D 66 -50.56 -12.84 -6.34
CA ASP D 66 -49.13 -13.10 -6.26
C ASP D 66 -48.53 -14.04 -7.31
N ASP D 67 -49.34 -14.60 -8.20
CA ASP D 67 -48.78 -15.49 -9.22
C ASP D 67 -47.88 -14.76 -10.20
N ALA D 68 -47.98 -13.43 -10.21
CA ALA D 68 -47.14 -12.63 -11.08
C ALA D 68 -46.70 -11.34 -10.37
N ILE D 69 -45.74 -10.65 -10.99
CA ILE D 69 -45.20 -9.42 -10.41
C ILE D 69 -45.07 -8.37 -11.51
N ARG D 70 -44.89 -7.11 -11.14
CA ARG D 70 -44.77 -6.08 -12.16
C ARG D 70 -43.42 -6.12 -12.90
N GLY D 71 -43.43 -5.72 -14.18
CA GLY D 71 -42.20 -5.68 -14.96
C GLY D 71 -41.90 -6.87 -15.84
N LEU D 72 -42.67 -7.95 -15.72
CA LEU D 72 -42.43 -9.15 -16.50
C LEU D 72 -42.64 -8.94 -17.99
N VAL D 73 -42.03 -9.82 -18.78
CA VAL D 73 -42.11 -9.76 -20.24
C VAL D 73 -42.76 -11.02 -20.81
N ILE D 74 -43.67 -10.85 -21.76
CA ILE D 74 -44.30 -12.00 -22.37
C ILE D 74 -43.73 -12.38 -23.74
N ASP D 75 -43.30 -13.63 -23.83
CA ASP D 75 -42.76 -14.18 -25.06
C ASP D 75 -43.93 -14.92 -25.70
N SER D 76 -44.71 -14.19 -26.50
CA SER D 76 -45.88 -14.75 -27.15
C SER D 76 -45.56 -15.92 -28.06
N LYS D 77 -44.41 -15.84 -28.72
CA LYS D 77 -43.97 -16.88 -29.61
C LYS D 77 -43.99 -18.24 -28.93
N ASN D 78 -43.34 -18.35 -27.77
CA ASN D 78 -43.27 -19.62 -27.06
C ASN D 78 -44.12 -19.78 -25.82
N GLY D 79 -45.09 -18.88 -25.65
CA GLY D 79 -45.96 -18.95 -24.48
C GLY D 79 -45.20 -18.94 -23.16
N ASN D 80 -44.18 -18.08 -23.08
CA ASN D 80 -43.37 -17.96 -21.86
C ASN D 80 -43.42 -16.57 -21.23
N ILE D 81 -43.07 -16.50 -19.95
CA ILE D 81 -43.05 -15.24 -19.23
C ILE D 81 -41.65 -15.05 -18.65
N LEU D 82 -41.04 -13.89 -18.92
CA LEU D 82 -39.66 -13.65 -18.50
C LEU D 82 -39.39 -12.50 -17.53
N LYS D 83 -38.36 -12.67 -16.71
CA LYS D 83 -37.89 -11.68 -15.74
C LYS D 83 -36.54 -11.26 -16.36
N LEU D 84 -36.46 -10.04 -16.88
CA LEU D 84 -35.24 -9.58 -17.52
C LEU D 84 -34.40 -8.60 -16.70
N SER D 85 -33.12 -8.52 -17.03
CA SER D 85 -32.21 -7.61 -16.35
C SER D 85 -32.31 -6.35 -17.18
N ARG D 86 -31.67 -5.27 -16.73
CA ARG D 86 -31.74 -4.03 -17.49
C ARG D 86 -31.21 -4.15 -18.93
N TYR D 87 -30.34 -5.13 -19.18
CA TYR D 87 -29.81 -5.30 -20.53
C TYR D 87 -30.49 -6.45 -21.26
N GLY D 88 -31.61 -6.91 -20.71
CA GLY D 88 -32.33 -7.98 -21.35
C GLY D 88 -31.83 -9.38 -21.06
N ALA D 89 -31.09 -9.54 -19.96
CA ALA D 89 -30.60 -10.86 -19.60
C ALA D 89 -31.71 -11.63 -18.89
N ILE D 90 -31.92 -12.88 -19.29
CA ILE D 90 -32.96 -13.69 -18.66
C ILE D 90 -32.54 -14.16 -17.29
N ARG D 91 -33.12 -13.53 -16.26
CA ARG D 91 -32.84 -13.87 -14.88
C ARG D 91 -33.58 -15.15 -14.57
N LEU D 92 -34.84 -15.20 -14.98
CA LEU D 92 -35.64 -16.40 -14.79
C LEU D 92 -36.85 -16.42 -15.71
N SER D 93 -37.32 -17.62 -16.03
CA SER D 93 -38.44 -17.77 -16.94
C SER D 93 -39.40 -18.91 -16.60
N TYR D 94 -40.63 -18.78 -17.09
CA TYR D 94 -41.67 -19.79 -16.89
C TYR D 94 -42.44 -20.02 -18.19
N HIS D 95 -42.88 -21.26 -18.39
CA HIS D 95 -43.70 -21.58 -19.55
C HIS D 95 -45.04 -21.82 -18.88
N GLY D 96 -45.92 -20.83 -18.92
CA GLY D 96 -47.19 -20.96 -18.25
C GLY D 96 -46.91 -20.82 -16.76
N THR D 97 -47.30 -21.81 -15.98
CA THR D 97 -47.08 -21.77 -14.54
C THR D 97 -45.81 -22.52 -14.18
N LYS D 98 -45.42 -23.44 -15.06
CA LYS D 98 -44.22 -24.25 -14.85
C LYS D 98 -42.96 -23.43 -15.09
N GLN D 99 -42.02 -23.51 -14.16
CA GLN D 99 -40.76 -22.78 -14.29
C GLN D 99 -39.82 -23.55 -15.20
N ILE D 100 -39.18 -22.85 -16.13
CA ILE D 100 -38.23 -23.47 -17.03
C ILE D 100 -36.88 -23.59 -16.32
N SER D 101 -36.18 -24.70 -16.55
CA SER D 101 -34.87 -24.94 -15.93
C SER D 101 -33.77 -24.20 -16.70
N PHE D 102 -32.65 -23.93 -16.01
CA PHE D 102 -31.53 -23.23 -16.62
C PHE D 102 -31.13 -23.93 -17.91
N SER D 103 -31.13 -25.25 -17.89
CA SER D 103 -30.76 -26.04 -19.06
C SER D 103 -31.68 -25.80 -20.24
N ASP D 104 -32.98 -26.03 -20.02
CA ASP D 104 -33.96 -25.84 -21.08
C ASP D 104 -34.06 -24.40 -21.55
N GLN D 105 -33.70 -23.46 -20.68
CA GLN D 105 -33.75 -22.06 -21.05
C GLN D 105 -32.75 -21.81 -22.16
N LYS D 106 -31.53 -22.33 -21.98
CA LYS D 106 -30.48 -22.16 -22.98
C LYS D 106 -30.83 -22.85 -24.27
N LYS D 107 -31.63 -23.91 -24.17
CA LYS D 107 -32.06 -24.64 -25.36
C LYS D 107 -32.97 -23.74 -26.18
N ILE D 108 -33.97 -23.16 -25.51
CA ILE D 108 -34.95 -22.28 -26.16
C ILE D 108 -34.45 -20.94 -26.69
N TYR D 109 -33.67 -20.20 -25.90
CA TYR D 109 -33.22 -18.89 -26.36
C TYR D 109 -31.85 -18.81 -27.00
N ARG D 110 -31.09 -19.91 -26.89
CA ARG D 110 -29.75 -19.97 -27.50
C ARG D 110 -29.00 -18.67 -27.23
N SER D 111 -29.14 -18.18 -26.00
CA SER D 111 -28.49 -16.95 -25.55
C SER D 111 -29.05 -16.62 -24.18
N ILE D 112 -28.50 -15.60 -23.52
CA ILE D 112 -29.00 -15.21 -22.22
C ILE D 112 -29.76 -13.89 -22.41
N TYR D 113 -29.46 -13.19 -23.50
CA TYR D 113 -30.11 -11.93 -23.81
C TYR D 113 -31.23 -12.09 -24.84
N VAL D 114 -32.26 -11.26 -24.73
CA VAL D 114 -33.40 -11.30 -25.65
C VAL D 114 -33.53 -9.92 -26.28
N ASP D 115 -33.95 -9.87 -27.55
CA ASP D 115 -34.11 -8.60 -28.24
C ASP D 115 -35.55 -8.11 -28.12
N LEU D 116 -35.77 -7.12 -27.25
CA LEU D 116 -37.11 -6.57 -27.06
C LEU D 116 -37.60 -5.92 -28.34
N GLY D 117 -36.65 -5.59 -29.22
CA GLY D 117 -37.00 -4.97 -30.50
C GLY D 117 -37.87 -5.92 -31.30
N ASP D 118 -37.61 -7.22 -31.14
CA ASP D 118 -38.38 -8.25 -31.81
C ASP D 118 -39.84 -8.14 -31.35
N PRO D 119 -40.78 -8.00 -32.31
CA PRO D 119 -42.21 -7.88 -31.99
C PRO D 119 -42.82 -9.06 -31.25
N ASN D 120 -42.11 -10.20 -31.23
CA ASN D 120 -42.61 -11.39 -30.54
C ASN D 120 -42.77 -11.18 -29.04
N TYR D 121 -41.95 -10.30 -28.48
CA TYR D 121 -42.00 -10.02 -27.05
C TYR D 121 -42.93 -8.86 -26.75
N MET D 122 -43.75 -9.04 -25.71
CA MET D 122 -44.68 -8.00 -25.28
C MET D 122 -44.12 -7.48 -23.95
N ALA D 123 -43.66 -6.24 -23.95
CA ALA D 123 -43.07 -5.66 -22.75
C ALA D 123 -43.66 -4.31 -22.34
N ILE D 124 -44.98 -4.18 -22.47
CA ILE D 124 -45.63 -2.93 -22.11
C ILE D 124 -46.09 -2.87 -20.65
N ASP D 125 -45.63 -1.82 -19.97
CA ASP D 125 -45.96 -1.57 -18.58
C ASP D 125 -47.36 -0.93 -18.51
N THR D 126 -48.34 -1.69 -18.05
CA THR D 126 -49.70 -1.17 -17.96
C THR D 126 -50.30 -1.51 -16.60
N SER D 127 -51.50 -0.98 -16.35
CA SER D 127 -52.20 -1.21 -15.10
C SER D 127 -52.83 -2.60 -15.08
N PHE D 128 -52.78 -3.30 -16.21
CA PHE D 128 -53.34 -4.65 -16.30
C PHE D 128 -52.30 -5.70 -16.70
N SER D 129 -51.02 -5.35 -16.55
CA SER D 129 -49.93 -6.24 -16.88
C SER D 129 -49.92 -7.49 -16.01
N ILE D 130 -50.09 -7.29 -14.72
CA ILE D 130 -50.08 -8.41 -13.80
C ILE D 130 -51.21 -9.39 -14.09
N ALA D 131 -52.40 -8.86 -14.37
CA ALA D 131 -53.52 -9.71 -14.69
C ALA D 131 -53.21 -10.45 -15.98
N PHE D 132 -52.67 -9.72 -16.94
CA PHE D 132 -52.33 -10.29 -18.24
C PHE D 132 -51.43 -11.50 -18.06
N CYS D 133 -50.39 -11.34 -17.24
CA CYS D 133 -49.43 -12.43 -17.01
C CYS D 133 -50.06 -13.65 -16.38
N ILE D 134 -50.83 -13.44 -15.32
CA ILE D 134 -51.48 -14.55 -14.65
C ILE D 134 -52.39 -15.29 -15.63
N LEU D 135 -53.25 -14.55 -16.30
CA LEU D 135 -54.17 -15.15 -17.24
C LEU D 135 -53.41 -15.89 -18.35
N TYR D 136 -52.50 -15.19 -19.02
CA TYR D 136 -51.75 -15.80 -20.10
C TYR D 136 -51.08 -17.08 -19.64
N GLY D 137 -50.52 -17.03 -18.44
CA GLY D 137 -49.85 -18.21 -17.91
C GLY D 137 -50.80 -19.39 -17.88
N GLN D 138 -51.96 -19.20 -17.27
CA GLN D 138 -52.95 -20.26 -17.15
C GLN D 138 -53.46 -20.71 -18.50
N LEU D 139 -53.65 -19.77 -19.42
CA LEU D 139 -54.13 -20.11 -20.74
C LEU D 139 -53.19 -21.10 -21.45
N VAL D 140 -51.89 -20.82 -21.44
CA VAL D 140 -50.95 -21.73 -22.09
C VAL D 140 -50.93 -23.07 -21.35
N ASP D 141 -51.13 -23.05 -20.03
CA ASP D 141 -51.16 -24.29 -19.27
C ASP D 141 -52.26 -25.21 -19.78
N LEU D 142 -53.36 -24.59 -20.19
CA LEU D 142 -54.54 -25.30 -20.69
C LEU D 142 -54.32 -25.69 -22.16
N LYS D 143 -53.67 -24.80 -22.89
CA LYS D 143 -53.37 -25.04 -24.30
C LYS D 143 -52.46 -26.27 -24.45
N ASP D 144 -51.65 -26.54 -23.44
CA ASP D 144 -50.75 -27.68 -23.47
C ASP D 144 -51.48 -28.99 -23.20
N THR D 145 -52.64 -28.92 -22.54
CA THR D 145 -53.40 -30.12 -22.24
C THR D 145 -53.96 -30.73 -23.51
N ASN D 146 -54.65 -29.93 -24.29
CA ASN D 146 -55.23 -30.37 -25.55
C ASN D 146 -54.90 -29.31 -26.60
N PRO D 147 -53.65 -29.29 -27.06
CA PRO D 147 -53.14 -28.34 -28.07
C PRO D 147 -53.92 -28.21 -29.37
N ASP D 148 -55.23 -28.42 -29.32
CA ASP D 148 -56.07 -28.30 -30.51
C ASP D 148 -57.29 -27.47 -30.18
N LYS D 149 -57.78 -27.62 -28.95
CA LYS D 149 -58.94 -26.89 -28.51
C LYS D 149 -58.65 -25.39 -28.36
N MET D 150 -57.38 -25.02 -28.42
CA MET D 150 -57.00 -23.61 -28.28
C MET D 150 -56.01 -23.15 -29.34
N PRO D 151 -56.02 -21.85 -29.66
CA PRO D 151 -55.12 -21.25 -30.66
C PRO D 151 -53.64 -21.45 -30.32
N SER D 152 -52.77 -20.77 -31.05
CA SER D 152 -51.34 -20.88 -30.80
C SER D 152 -50.95 -19.88 -29.71
N TYR D 153 -49.83 -20.13 -29.06
CA TYR D 153 -49.34 -19.24 -27.99
C TYR D 153 -49.44 -17.78 -28.44
N GLN D 154 -48.94 -17.51 -29.64
CA GLN D 154 -48.96 -16.18 -30.24
C GLN D 154 -50.40 -15.64 -30.35
N ALA D 155 -51.29 -16.50 -30.85
CA ALA D 155 -52.69 -16.14 -31.04
C ALA D 155 -53.39 -15.81 -29.72
N ILE D 156 -53.13 -16.65 -28.71
CA ILE D 156 -53.71 -16.44 -27.39
C ILE D 156 -53.32 -15.07 -26.84
N ALA D 157 -52.02 -14.76 -26.85
CA ALA D 157 -51.54 -13.47 -26.35
C ALA D 157 -52.23 -12.31 -27.04
N GLN D 158 -52.44 -12.42 -28.35
CA GLN D 158 -53.10 -11.33 -29.08
C GLN D 158 -54.58 -11.26 -28.76
N ASP D 159 -55.22 -12.42 -28.59
CA ASP D 159 -56.63 -12.44 -28.25
C ASP D 159 -56.81 -11.73 -26.92
N VAL D 160 -56.01 -12.16 -25.94
CA VAL D 160 -56.07 -11.58 -24.60
C VAL D 160 -55.86 -10.07 -24.65
N GLN D 161 -54.88 -9.62 -25.44
CA GLN D 161 -54.64 -8.18 -25.55
C GLN D 161 -55.87 -7.49 -26.14
N TYR D 162 -56.52 -8.14 -27.08
CA TYR D 162 -57.71 -7.61 -27.70
C TYR D 162 -58.81 -7.39 -26.65
N CYS D 163 -59.02 -8.41 -25.81
CA CYS D 163 -60.03 -8.28 -24.77
C CYS D 163 -59.73 -7.14 -23.81
N VAL D 164 -58.47 -7.02 -23.40
CA VAL D 164 -58.07 -5.96 -22.49
C VAL D 164 -58.40 -4.59 -23.08
N ASP D 165 -58.08 -4.40 -24.35
CA ASP D 165 -58.36 -3.13 -25.02
C ASP D 165 -59.86 -2.92 -25.11
N LYS D 166 -60.59 -4.00 -25.43
CA LYS D 166 -62.03 -3.93 -25.57
C LYS D 166 -62.67 -3.57 -24.24
N VAL D 167 -62.36 -4.34 -23.20
CA VAL D 167 -62.92 -4.13 -21.88
C VAL D 167 -62.62 -2.70 -21.38
N HIS D 168 -61.54 -2.11 -21.90
CA HIS D 168 -61.18 -0.75 -21.54
C HIS D 168 -61.87 0.30 -22.41
N SER D 169 -62.65 -0.16 -23.38
CA SER D 169 -63.37 0.72 -24.29
C SER D 169 -64.87 0.48 -24.16
N ASP D 170 -65.25 -0.75 -23.83
CA ASP D 170 -66.63 -1.14 -23.65
C ASP D 170 -67.28 -0.22 -22.65
N GLY D 171 -66.54 0.10 -21.60
CA GLY D 171 -67.07 0.94 -20.54
C GLY D 171 -67.56 -0.04 -19.49
N THR D 172 -67.42 -1.32 -19.80
CA THR D 172 -67.84 -2.37 -18.87
C THR D 172 -67.07 -2.23 -17.56
N LEU D 173 -65.80 -1.92 -17.66
CA LEU D 173 -64.94 -1.76 -16.48
C LEU D 173 -65.36 -0.51 -15.73
N LYS D 174 -65.58 0.58 -16.47
CA LYS D 174 -65.97 1.85 -15.88
C LYS D 174 -67.28 1.76 -15.09
N ASN D 175 -68.31 1.19 -15.69
CA ASN D 175 -69.60 1.08 -15.02
C ASN D 175 -69.52 0.26 -13.74
N ILE D 176 -68.74 -0.82 -13.77
CA ILE D 176 -68.61 -1.64 -12.58
C ILE D 176 -67.94 -0.89 -11.44
N ILE D 177 -66.87 -0.14 -11.73
CA ILE D 177 -66.22 0.56 -10.63
C ILE D 177 -67.07 1.75 -10.18
N ILE D 178 -67.86 2.32 -11.10
CA ILE D 178 -68.72 3.43 -10.72
C ILE D 178 -69.77 2.95 -9.72
N LYS D 179 -70.35 1.78 -9.98
CA LYS D 179 -71.37 1.21 -9.12
C LYS D 179 -70.77 0.63 -7.83
N ASN D 180 -69.45 0.75 -7.65
CA ASN D 180 -68.80 0.19 -6.48
C ASN D 180 -67.59 0.98 -6.03
N LEU D 181 -67.65 2.30 -6.22
CA LEU D 181 -66.55 3.17 -5.86
C LEU D 181 -65.83 2.89 -4.54
N LYS D 182 -66.54 2.66 -3.45
CA LYS D 182 -65.83 2.45 -2.21
C LYS D 182 -65.05 1.16 -2.15
N LYS D 183 -65.30 0.28 -3.10
CA LYS D 183 -64.57 -0.98 -3.15
C LYS D 183 -63.34 -0.87 -4.05
N TYR D 184 -63.36 0.11 -4.96
CA TYR D 184 -62.26 0.29 -5.89
C TYR D 184 -61.34 1.47 -5.67
N VAL D 185 -61.88 2.65 -5.38
CA VAL D 185 -61.02 3.82 -5.18
C VAL D 185 -60.74 4.18 -3.73
N ILE D 186 -59.46 4.43 -3.45
CA ILE D 186 -59.01 4.81 -2.13
C ILE D 186 -58.96 6.34 -2.01
N ARG D 187 -59.52 6.86 -0.91
CA ARG D 187 -59.52 8.30 -0.67
C ARG D 187 -58.35 8.65 0.24
N GLU D 188 -57.79 9.85 0.06
CA GLU D 188 -56.67 10.25 0.88
C GLU D 188 -56.64 11.76 1.04
N LYS D 189 -56.90 12.23 2.26
CA LYS D 189 -56.91 13.67 2.55
C LYS D 189 -55.63 14.35 2.09
N GLU D 190 -54.51 13.74 2.36
CA GLU D 190 -53.21 14.31 2.00
C GLU D 190 -53.14 14.81 0.55
N VAL D 191 -53.71 14.07 -0.39
CA VAL D 191 -53.67 14.47 -1.80
C VAL D 191 -54.22 15.87 -1.97
N VAL D 192 -55.42 16.11 -1.45
CA VAL D 192 -56.06 17.42 -1.54
C VAL D 192 -55.23 18.49 -0.82
N GLU D 193 -54.76 18.19 0.38
CA GLU D 193 -53.94 19.17 1.09
C GLU D 193 -52.70 19.48 0.24
N GLY D 194 -52.14 18.41 -0.33
CA GLY D 194 -50.95 18.55 -1.16
C GLY D 194 -51.16 19.46 -2.35
N LEU D 195 -52.25 19.26 -3.07
CA LEU D 195 -52.53 20.09 -4.23
C LEU D 195 -52.63 21.54 -3.76
N LYS D 196 -53.41 21.76 -2.72
CA LYS D 196 -53.58 23.10 -2.20
C LYS D 196 -52.21 23.67 -1.89
N HIS D 197 -51.40 22.89 -1.18
CA HIS D 197 -50.07 23.33 -0.85
C HIS D 197 -49.40 23.89 -2.11
N PHE D 198 -49.22 23.04 -3.13
CA PHE D 198 -48.58 23.45 -4.37
C PHE D 198 -49.22 24.67 -5.04
N ILE D 199 -50.54 24.70 -5.12
CA ILE D 199 -51.22 25.82 -5.77
C ILE D 199 -50.90 27.10 -5.01
N ARG D 200 -50.91 26.98 -3.68
CA ARG D 200 -50.62 28.10 -2.80
C ARG D 200 -49.31 28.79 -3.20
N TYR D 201 -48.34 28.01 -3.66
CA TYR D 201 -47.05 28.54 -4.08
C TYR D 201 -46.98 28.94 -5.56
N GLY D 202 -48.14 29.15 -6.18
CA GLY D 202 -48.16 29.57 -7.58
C GLY D 202 -48.04 28.46 -8.62
N LYS D 203 -48.17 27.22 -8.18
CA LYS D 203 -48.07 26.10 -9.10
C LYS D 203 -49.40 25.91 -9.81
N LYS D 204 -49.37 25.56 -11.09
CA LYS D 204 -50.59 25.30 -11.84
C LYS D 204 -50.70 23.78 -12.00
N ILE D 205 -51.87 23.25 -11.72
CA ILE D 205 -52.05 21.81 -11.82
C ILE D 205 -53.14 21.45 -12.81
N PHE D 206 -52.83 20.52 -13.71
CA PHE D 206 -53.83 20.09 -14.68
C PHE D 206 -53.91 18.57 -14.73
N ILE D 207 -55.08 18.06 -15.09
CA ILE D 207 -55.31 16.62 -15.19
C ILE D 207 -55.18 16.23 -16.66
N LEU D 208 -54.55 15.09 -16.92
CA LEU D 208 -54.38 14.59 -18.27
C LEU D 208 -54.73 13.10 -18.18
N THR D 209 -56.01 12.78 -18.42
CA THR D 209 -56.49 11.42 -18.33
C THR D 209 -56.99 10.80 -19.63
N ASN D 210 -56.95 9.47 -19.69
CA ASN D 210 -57.43 8.78 -20.88
C ASN D 210 -58.92 8.43 -20.72
N SER D 211 -59.49 8.73 -19.55
CA SER D 211 -60.90 8.48 -19.26
C SER D 211 -61.70 9.63 -19.80
N GLU D 212 -62.97 9.39 -20.11
CA GLU D 212 -63.80 10.48 -20.62
C GLU D 212 -64.26 11.38 -19.47
N TYR D 213 -64.73 12.57 -19.82
CA TYR D 213 -65.13 13.53 -18.81
C TYR D 213 -66.27 13.10 -17.88
N SER D 214 -67.30 12.48 -18.43
CA SER D 214 -68.42 12.05 -17.59
C SER D 214 -67.94 11.20 -16.43
N TYR D 215 -66.97 10.35 -16.71
CA TYR D 215 -66.40 9.46 -15.71
C TYR D 215 -65.45 10.19 -14.78
N SER D 216 -64.67 11.13 -15.33
CA SER D 216 -63.72 11.88 -14.52
C SER D 216 -64.40 12.82 -13.55
N LYS D 217 -65.52 13.40 -13.96
CA LYS D 217 -66.25 14.35 -13.12
C LYS D 217 -66.76 13.61 -11.88
N LEU D 218 -67.27 12.40 -12.10
CA LEU D 218 -67.78 11.57 -11.03
C LEU D 218 -66.69 11.18 -10.04
N LEU D 219 -65.64 10.54 -10.55
CA LEU D 219 -64.51 10.08 -9.74
C LEU D 219 -63.76 11.19 -9.03
N LEU D 220 -63.54 12.32 -9.69
CA LEU D 220 -62.82 13.42 -9.07
C LEU D 220 -63.62 13.94 -7.90
N ASP D 221 -64.93 14.03 -8.11
CA ASP D 221 -65.84 14.52 -7.09
C ASP D 221 -65.79 13.55 -5.91
N TYR D 222 -66.05 12.28 -6.18
CA TYR D 222 -66.05 11.26 -5.15
C TYR D 222 -64.78 11.21 -4.30
N ALA D 223 -63.61 11.34 -4.93
CA ALA D 223 -62.34 11.25 -4.21
C ALA D 223 -61.68 12.54 -3.71
N LEU D 224 -62.13 13.71 -4.16
CA LEU D 224 -61.51 14.94 -3.70
C LEU D 224 -62.42 15.83 -2.83
N SER D 225 -63.66 16.01 -3.29
CA SER D 225 -64.62 16.85 -2.58
C SER D 225 -64.64 16.64 -1.08
N PRO D 226 -64.73 15.39 -0.62
CA PRO D 226 -64.76 15.12 0.82
C PRO D 226 -63.75 15.89 1.67
N PHE D 227 -62.71 16.43 1.05
CA PHE D 227 -61.69 17.16 1.81
C PHE D 227 -61.55 18.62 1.45
N LEU D 228 -62.58 19.16 0.80
CA LEU D 228 -62.58 20.57 0.41
C LEU D 228 -63.40 21.36 1.42
N ASP D 229 -63.00 22.60 1.69
CA ASP D 229 -63.74 23.44 2.63
C ASP D 229 -65.16 23.71 2.11
N LYS D 230 -66.09 23.97 3.02
CA LYS D 230 -67.47 24.23 2.63
C LYS D 230 -67.47 25.34 1.57
N GLY D 231 -68.07 25.05 0.42
CA GLY D 231 -68.13 26.05 -0.64
C GLY D 231 -67.15 25.83 -1.77
N GLU D 232 -65.97 25.31 -1.46
CA GLU D 232 -64.94 25.06 -2.47
C GLU D 232 -65.43 24.01 -3.48
N HIS D 233 -64.79 23.98 -4.64
CA HIS D 233 -65.14 23.02 -5.70
C HIS D 233 -63.86 22.38 -6.21
N TRP D 234 -63.85 21.06 -6.36
CA TRP D 234 -62.64 20.39 -6.83
C TRP D 234 -62.06 21.01 -8.09
N GLN D 235 -62.93 21.60 -8.92
CA GLN D 235 -62.52 22.22 -10.16
C GLN D 235 -61.54 23.38 -9.96
N GLY D 236 -61.55 23.97 -8.78
CA GLY D 236 -60.67 25.09 -8.52
C GLY D 236 -59.23 24.64 -8.35
N LEU D 237 -59.08 23.34 -8.08
CA LEU D 237 -57.77 22.75 -7.91
C LEU D 237 -57.04 22.62 -9.23
N PHE D 238 -57.79 22.54 -10.32
CA PHE D 238 -57.19 22.36 -11.64
C PHE D 238 -57.37 23.46 -12.68
N GLU D 239 -56.25 23.86 -13.28
CA GLU D 239 -56.23 24.90 -14.30
C GLU D 239 -56.92 24.33 -15.55
N PHE D 240 -56.46 23.17 -15.99
CA PHE D 240 -57.04 22.50 -17.15
C PHE D 240 -57.33 21.08 -16.76
N VAL D 241 -58.27 20.47 -17.47
CA VAL D 241 -58.59 19.09 -17.23
C VAL D 241 -58.85 18.51 -18.62
N ILE D 242 -57.87 17.77 -19.11
CA ILE D 242 -57.89 17.15 -20.44
C ILE D 242 -58.29 15.69 -20.38
N THR D 243 -59.40 15.36 -21.02
CA THR D 243 -59.94 13.99 -21.03
C THR D 243 -59.81 13.27 -22.37
N LEU D 244 -59.93 11.93 -22.33
CA LEU D 244 -59.75 11.10 -23.52
C LEU D 244 -58.50 11.63 -24.18
N ALA D 245 -57.47 11.84 -23.35
CA ALA D 245 -56.21 12.39 -23.80
C ALA D 245 -55.57 11.57 -24.90
N ASN D 246 -55.81 10.26 -24.86
CA ASN D 246 -55.25 9.34 -25.86
C ASN D 246 -53.73 9.29 -25.78
N LYS D 247 -53.21 9.06 -24.58
CA LYS D 247 -51.78 8.94 -24.36
C LYS D 247 -51.43 7.51 -24.81
N PRO D 248 -50.18 7.28 -25.23
CA PRO D 248 -49.05 8.22 -25.30
C PRO D 248 -49.10 9.20 -26.47
N ARG D 249 -49.88 8.87 -27.50
CA ARG D 249 -49.97 9.74 -28.68
C ARG D 249 -50.22 11.21 -28.36
N PHE D 250 -50.86 11.50 -27.23
CA PHE D 250 -51.09 12.90 -26.87
C PHE D 250 -49.75 13.62 -26.81
N PHE D 251 -48.73 12.93 -26.29
CA PHE D 251 -47.42 13.52 -26.13
C PHE D 251 -46.65 13.75 -27.42
N TYR D 252 -46.74 12.84 -28.37
CA TYR D 252 -45.97 13.00 -29.61
C TYR D 252 -46.75 13.15 -30.91
N ASP D 253 -48.04 12.85 -30.91
CA ASP D 253 -48.83 12.97 -32.12
C ASP D 253 -49.35 14.38 -32.30
N ASN D 254 -50.32 14.57 -33.19
CA ASN D 254 -50.86 15.91 -33.43
C ASN D 254 -52.40 15.97 -33.46
N LEU D 255 -53.04 15.07 -32.74
CA LEU D 255 -54.48 15.00 -32.67
C LEU D 255 -55.00 16.32 -32.11
N ARG D 256 -56.16 16.76 -32.58
CA ARG D 256 -56.68 18.05 -32.12
C ARG D 256 -57.45 18.07 -30.81
N PHE D 257 -57.50 19.26 -30.22
CA PHE D 257 -58.23 19.48 -28.97
C PHE D 257 -59.69 19.70 -29.30
N LEU D 258 -60.55 19.40 -28.32
CA LEU D 258 -61.99 19.60 -28.46
C LEU D 258 -62.40 20.28 -27.15
N SER D 259 -63.16 21.35 -27.26
CA SER D 259 -63.59 22.07 -26.08
C SER D 259 -64.82 21.38 -25.51
N VAL D 260 -64.80 21.11 -24.20
CA VAL D 260 -65.93 20.44 -23.56
C VAL D 260 -66.76 21.38 -22.69
N ASN D 261 -68.07 21.36 -22.93
CA ASN D 261 -69.00 22.17 -22.17
C ASN D 261 -69.07 21.42 -20.84
N PRO D 262 -68.57 22.02 -19.75
CA PRO D 262 -68.57 21.42 -18.42
C PRO D 262 -69.93 21.01 -17.87
N GLU D 263 -71.00 21.63 -18.35
CA GLU D 263 -72.35 21.29 -17.90
C GLU D 263 -72.87 20.02 -18.58
N ASN D 264 -73.33 20.17 -19.83
CA ASN D 264 -73.89 19.07 -20.61
C ASN D 264 -72.91 18.08 -21.22
N GLY D 265 -71.69 18.51 -21.54
CA GLY D 265 -70.71 17.60 -22.11
C GLY D 265 -70.47 17.72 -23.60
N THR D 266 -71.35 18.42 -24.31
CA THR D 266 -71.20 18.59 -25.75
C THR D 266 -69.82 19.22 -26.04
N MET D 267 -69.32 19.04 -27.26
CA MET D 267 -68.02 19.59 -27.60
C MET D 267 -68.01 20.41 -28.90
N THR D 268 -67.03 21.29 -29.01
CA THR D 268 -66.87 22.13 -30.18
C THR D 268 -65.41 22.09 -30.60
N ASN D 269 -65.13 22.21 -31.89
CA ASN D 269 -63.75 22.21 -32.33
C ASN D 269 -63.10 23.46 -31.77
N VAL D 270 -61.80 23.39 -31.53
CA VAL D 270 -61.08 24.53 -30.99
C VAL D 270 -60.47 25.33 -32.13
N HIS D 271 -60.50 26.66 -31.97
CA HIS D 271 -59.94 27.59 -32.94
C HIS D 271 -59.19 28.61 -32.09
N GLY D 272 -57.88 28.67 -32.25
CA GLY D 272 -57.12 29.60 -31.44
C GLY D 272 -56.55 28.87 -30.24
N PRO D 273 -55.91 29.59 -29.31
CA PRO D 273 -55.33 28.97 -28.13
C PRO D 273 -56.37 28.43 -27.14
N ILE D 274 -56.01 27.36 -26.45
CA ILE D 274 -56.91 26.79 -25.46
C ILE D 274 -56.79 27.60 -24.17
N VAL D 275 -57.91 27.83 -23.52
CA VAL D 275 -57.92 28.59 -22.29
C VAL D 275 -58.40 27.70 -21.15
N PRO D 276 -57.96 27.99 -19.91
CA PRO D 276 -58.37 27.19 -18.77
C PRO D 276 -59.78 26.64 -18.95
N GLY D 277 -59.95 25.35 -18.69
CA GLY D 277 -61.24 24.72 -18.84
C GLY D 277 -61.10 23.23 -19.09
N VAL D 278 -62.19 22.60 -19.53
CA VAL D 278 -62.17 21.17 -19.79
C VAL D 278 -62.03 20.93 -21.28
N TYR D 279 -61.31 19.87 -21.64
CA TYR D 279 -61.08 19.52 -23.05
C TYR D 279 -61.03 18.02 -23.27
N GLN D 280 -60.99 17.62 -24.53
CA GLN D 280 -60.91 16.21 -24.91
C GLN D 280 -59.82 16.09 -25.98
N GLY D 281 -59.05 15.00 -25.94
CA GLY D 281 -57.97 14.79 -26.91
C GLY D 281 -56.80 15.76 -26.76
N GLY D 282 -56.37 16.35 -27.87
CA GLY D 282 -55.28 17.31 -27.81
C GLY D 282 -53.89 16.72 -28.01
N ASN D 283 -52.86 17.57 -27.91
CA ASN D 283 -51.49 17.14 -28.07
C ASN D 283 -50.60 18.09 -27.30
N ALA D 284 -49.53 17.55 -26.73
CA ALA D 284 -48.58 18.32 -25.94
C ALA D 284 -48.05 19.57 -26.61
N LYS D 285 -47.67 19.42 -27.88
CA LYS D 285 -47.13 20.52 -28.66
C LYS D 285 -47.99 21.77 -28.56
N LYS D 286 -49.27 21.65 -28.93
CA LYS D 286 -50.15 22.80 -28.88
C LYS D 286 -50.38 23.32 -27.46
N PHE D 287 -50.49 22.41 -26.51
CA PHE D 287 -50.73 22.76 -25.11
C PHE D 287 -49.61 23.63 -24.58
N THR D 288 -48.39 23.21 -24.84
CA THR D 288 -47.20 23.93 -24.39
C THR D 288 -47.08 25.30 -25.07
N GLU D 289 -47.41 25.35 -26.35
CA GLU D 289 -47.35 26.61 -27.08
C GLU D 289 -48.39 27.61 -26.55
N ASP D 290 -49.64 27.18 -26.50
CA ASP D 290 -50.71 28.03 -26.03
C ASP D 290 -50.57 28.52 -24.60
N LEU D 291 -49.73 27.86 -23.81
CA LEU D 291 -49.51 28.30 -22.43
C LEU D 291 -48.27 29.18 -22.39
N GLY D 292 -47.64 29.34 -23.54
CA GLY D 292 -46.45 30.16 -23.65
C GLY D 292 -45.40 29.86 -22.61
N VAL D 293 -44.99 28.60 -22.52
CA VAL D 293 -43.95 28.21 -21.57
C VAL D 293 -43.05 27.21 -22.23
N GLY D 294 -41.96 26.88 -21.54
CA GLY D 294 -41.03 25.91 -22.08
C GLY D 294 -41.49 24.53 -21.65
N GLY D 295 -41.31 23.55 -22.52
CA GLY D 295 -41.70 22.19 -22.21
C GLY D 295 -41.08 21.70 -20.93
N ASP D 296 -39.82 22.04 -20.70
CA ASP D 296 -39.12 21.62 -19.50
C ASP D 296 -39.63 22.32 -18.25
N GLU D 297 -40.65 23.16 -18.41
CA GLU D 297 -41.25 23.87 -17.28
C GLU D 297 -42.52 23.14 -16.86
N ILE D 298 -42.80 22.04 -17.53
CA ILE D 298 -43.97 21.21 -17.27
C ILE D 298 -43.53 19.83 -16.75
N LEU D 299 -44.17 19.37 -15.69
CA LEU D 299 -43.87 18.07 -15.14
C LEU D 299 -45.13 17.23 -15.25
N TYR D 300 -45.02 16.09 -15.92
CA TYR D 300 -46.14 15.19 -16.05
C TYR D 300 -45.85 14.00 -15.15
N ILE D 301 -46.85 13.57 -14.39
CA ILE D 301 -46.68 12.43 -13.51
C ILE D 301 -47.67 11.32 -13.84
N GLY D 302 -47.13 10.14 -14.15
CA GLY D 302 -47.97 9.01 -14.50
C GLY D 302 -47.70 7.83 -13.58
N ASP D 303 -48.38 6.71 -13.86
CA ASP D 303 -48.23 5.52 -13.05
C ASP D 303 -47.63 4.34 -13.82
N HIS D 304 -47.58 4.42 -15.14
CA HIS D 304 -46.98 3.35 -15.94
C HIS D 304 -46.27 3.90 -17.16
N ILE D 305 -45.20 3.22 -17.58
CA ILE D 305 -44.42 3.67 -18.75
C ILE D 305 -45.18 3.46 -20.06
N TYR D 306 -45.34 4.54 -20.82
CA TYR D 306 -46.04 4.49 -22.11
C TYR D 306 -45.23 3.81 -23.22
N GLY D 307 -45.11 2.50 -23.15
CA GLY D 307 -44.38 1.78 -24.16
C GLY D 307 -42.99 2.31 -24.44
N ASP D 308 -42.76 2.79 -25.67
CA ASP D 308 -41.46 3.30 -26.06
C ASP D 308 -41.05 4.62 -25.42
N ILE D 309 -40.08 4.54 -24.53
CA ILE D 309 -39.58 5.70 -23.80
C ILE D 309 -38.85 6.68 -24.71
N LEU D 310 -38.17 6.15 -25.72
CA LEU D 310 -37.40 6.97 -26.65
C LEU D 310 -38.29 7.87 -27.53
N ARG D 311 -39.20 7.27 -28.28
CA ARG D 311 -40.08 8.03 -29.15
C ARG D 311 -40.85 9.11 -28.38
N LEU D 312 -41.13 8.85 -27.10
CA LEU D 312 -41.85 9.77 -26.26
C LEU D 312 -40.99 10.90 -25.70
N LYS D 313 -39.81 10.58 -25.17
CA LYS D 313 -38.93 11.60 -24.64
C LYS D 313 -38.25 12.37 -25.78
N LYS D 314 -38.34 11.84 -27.00
CA LYS D 314 -37.73 12.47 -28.16
C LYS D 314 -38.59 13.58 -28.77
N ASP D 315 -39.90 13.36 -28.82
CA ASP D 315 -40.79 14.33 -29.43
C ASP D 315 -41.57 15.15 -28.43
N CYS D 316 -41.33 14.98 -27.14
CA CYS D 316 -42.08 15.75 -26.17
C CYS D 316 -41.27 16.87 -25.54
N ASN D 317 -40.41 16.50 -24.59
CA ASN D 317 -39.53 17.42 -23.87
C ASN D 317 -40.06 17.94 -22.53
N TRP D 318 -41.17 17.36 -22.09
CA TRP D 318 -41.76 17.69 -20.79
C TRP D 318 -41.00 16.86 -19.77
N ARG D 319 -40.89 17.33 -18.54
CA ARG D 319 -40.24 16.53 -17.52
C ARG D 319 -41.26 15.46 -17.13
N THR D 320 -40.81 14.22 -17.00
CA THR D 320 -41.71 13.14 -16.64
C THR D 320 -41.32 12.51 -15.31
N ALA D 321 -42.31 12.30 -14.46
CA ALA D 321 -42.11 11.67 -13.16
C ALA D 321 -43.00 10.45 -13.09
N LEU D 322 -42.76 9.58 -12.13
CA LEU D 322 -43.53 8.36 -12.04
C LEU D 322 -43.93 7.98 -10.63
N VAL D 323 -45.11 7.36 -10.52
CA VAL D 323 -45.62 6.88 -9.26
C VAL D 323 -45.64 5.36 -9.44
N VAL D 324 -44.95 4.63 -8.57
CA VAL D 324 -44.91 3.18 -8.66
C VAL D 324 -45.53 2.59 -7.39
N GLU D 325 -46.82 2.28 -7.48
CA GLU D 325 -47.57 1.73 -6.37
C GLU D 325 -46.87 0.58 -5.65
N GLU D 326 -46.26 -0.34 -6.39
CA GLU D 326 -45.61 -1.50 -5.79
C GLU D 326 -44.43 -1.22 -4.89
N LEU D 327 -43.91 0.00 -4.91
CA LEU D 327 -42.76 0.36 -4.08
C LEU D 327 -43.10 0.30 -2.59
N GLY D 328 -44.39 0.39 -2.27
CA GLY D 328 -44.78 0.32 -0.88
C GLY D 328 -44.30 -1.00 -0.30
N GLU D 329 -44.76 -2.10 -0.88
CA GLU D 329 -44.35 -3.41 -0.40
C GLU D 329 -42.85 -3.68 -0.63
N GLU D 330 -42.31 -3.37 -1.82
CA GLU D 330 -40.89 -3.59 -2.04
C GLU D 330 -40.13 -3.01 -0.86
N ILE D 331 -40.27 -1.70 -0.66
CA ILE D 331 -39.62 -0.99 0.44
C ILE D 331 -39.92 -1.69 1.77
N ALA D 332 -41.19 -1.97 2.00
CA ALA D 332 -41.65 -2.62 3.21
C ALA D 332 -40.90 -3.92 3.44
N SER D 333 -40.96 -4.82 2.46
CA SER D 333 -40.27 -6.09 2.57
C SER D 333 -38.77 -5.94 2.74
N GLN D 334 -38.18 -4.94 2.08
CA GLN D 334 -36.74 -4.72 2.19
C GLN D 334 -36.35 -4.31 3.61
N ILE D 335 -37.23 -3.56 4.27
CA ILE D 335 -36.99 -3.13 5.63
C ILE D 335 -37.07 -4.36 6.52
N ARG D 336 -38.04 -5.22 6.25
CA ARG D 336 -38.24 -6.44 7.02
C ARG D 336 -37.11 -7.46 6.86
N ALA D 337 -36.37 -7.36 5.77
CA ALA D 337 -35.29 -8.30 5.53
C ALA D 337 -33.93 -7.71 5.86
N LEU D 338 -33.91 -6.48 6.34
CA LEU D 338 -32.66 -5.81 6.65
C LEU D 338 -31.64 -6.64 7.43
N PRO D 339 -32.06 -7.27 8.55
CA PRO D 339 -31.12 -8.07 9.34
C PRO D 339 -30.51 -9.28 8.61
N ILE D 340 -31.27 -9.87 7.70
CA ILE D 340 -30.77 -10.99 6.91
C ILE D 340 -29.87 -10.47 5.80
N GLU D 341 -30.20 -9.31 5.25
CA GLU D 341 -29.37 -8.75 4.19
C GLU D 341 -27.99 -8.46 4.75
N LYS D 342 -27.95 -7.93 5.97
CA LYS D 342 -26.67 -7.63 6.61
C LYS D 342 -25.90 -8.93 6.83
N LYS D 343 -26.61 -9.99 7.18
CA LYS D 343 -25.96 -11.29 7.41
C LYS D 343 -25.26 -11.75 6.13
N ILE D 344 -26.00 -11.81 5.03
CA ILE D 344 -25.41 -12.25 3.77
C ILE D 344 -24.28 -11.27 3.38
N GLY D 345 -24.34 -10.05 3.89
CA GLY D 345 -23.30 -9.09 3.56
C GLY D 345 -21.97 -9.51 4.16
N GLU D 346 -21.96 -9.72 5.48
CA GLU D 346 -20.76 -10.13 6.20
C GLU D 346 -20.26 -11.46 5.67
N ALA D 347 -21.20 -12.37 5.40
CA ALA D 347 -20.86 -13.69 4.90
C ALA D 347 -20.12 -13.59 3.58
N MET D 348 -20.63 -12.75 2.69
CA MET D 348 -19.98 -12.60 1.38
C MET D 348 -18.63 -11.92 1.53
N ALA D 349 -18.51 -11.00 2.49
CA ALA D 349 -17.24 -10.31 2.71
C ALA D 349 -16.23 -11.34 3.19
N ILE D 350 -16.65 -12.16 4.13
CA ILE D 350 -15.76 -13.19 4.67
C ILE D 350 -15.37 -14.16 3.55
N LYS D 351 -16.35 -14.67 2.82
CA LYS D 351 -16.07 -15.60 1.72
C LYS D 351 -15.00 -15.02 0.80
N LYS D 352 -15.18 -13.74 0.44
CA LYS D 352 -14.24 -13.03 -0.44
C LYS D 352 -12.84 -13.12 0.14
N GLU D 353 -12.72 -12.76 1.42
CA GLU D 353 -11.43 -12.79 2.10
C GLU D 353 -10.80 -14.17 2.12
N LEU D 354 -11.64 -15.19 2.24
CA LEU D 354 -11.15 -16.55 2.26
C LEU D 354 -10.71 -16.96 0.87
N GLU D 355 -11.59 -16.77 -0.12
CA GLU D 355 -11.26 -17.14 -1.51
C GLU D 355 -10.00 -16.45 -2.00
N GLN D 356 -9.81 -15.18 -1.61
CA GLN D 356 -8.63 -14.44 -2.02
C GLN D 356 -7.40 -15.12 -1.44
N LYS D 357 -7.48 -15.44 -0.15
CA LYS D 357 -6.40 -16.10 0.56
C LYS D 357 -6.13 -17.44 -0.09
N TYR D 358 -7.22 -18.16 -0.34
CA TYR D 358 -7.18 -19.48 -0.96
C TYR D 358 -6.47 -19.45 -2.30
N VAL D 359 -6.82 -18.47 -3.13
CA VAL D 359 -6.22 -18.36 -4.46
C VAL D 359 -4.76 -17.99 -4.40
N ASP D 360 -4.41 -17.08 -3.50
CA ASP D 360 -3.02 -16.71 -3.37
C ASP D 360 -2.18 -17.93 -3.01
N LEU D 361 -2.60 -18.68 -1.99
CA LEU D 361 -1.85 -19.85 -1.56
C LEU D 361 -1.80 -20.96 -2.58
N CYS D 362 -2.92 -21.23 -3.24
CA CYS D 362 -2.95 -22.28 -4.24
C CYS D 362 -2.02 -21.92 -5.40
N THR D 363 -1.96 -20.62 -5.73
CA THR D 363 -1.11 -20.17 -6.83
C THR D 363 0.36 -20.24 -6.43
N ARG D 364 0.65 -19.90 -5.18
CA ARG D 364 2.02 -19.99 -4.71
C ARG D 364 2.41 -21.47 -4.67
N SER D 365 1.52 -22.31 -4.17
CA SER D 365 1.75 -23.75 -4.10
C SER D 365 2.22 -24.28 -5.46
N ILE D 366 1.64 -23.71 -6.50
CA ILE D 366 1.95 -24.09 -7.87
C ILE D 366 3.27 -23.47 -8.35
N ASP D 367 3.40 -22.15 -8.22
CA ASP D 367 4.60 -21.44 -8.66
C ASP D 367 5.91 -21.86 -7.97
N GLU D 368 5.80 -22.53 -6.83
CA GLU D 368 6.97 -22.97 -6.09
C GLU D 368 7.05 -24.49 -6.06
N SER D 369 5.97 -25.13 -6.51
CA SER D 369 5.90 -26.58 -6.52
C SER D 369 6.15 -27.18 -5.14
N SER D 370 5.82 -26.44 -4.09
CA SER D 370 6.00 -26.94 -2.73
C SER D 370 4.66 -27.28 -2.10
N GLN D 371 4.66 -28.23 -1.16
CA GLN D 371 3.44 -28.64 -0.48
C GLN D 371 3.38 -28.03 0.92
N GLN D 372 4.30 -27.12 1.23
CA GLN D 372 4.34 -26.48 2.54
C GLN D 372 3.22 -25.46 2.76
N TYR D 373 2.05 -25.75 2.23
CA TYR D 373 0.90 -24.88 2.37
C TYR D 373 -0.36 -25.74 2.39
N ASP D 374 -0.22 -26.98 1.95
CA ASP D 374 -1.32 -27.93 1.86
C ASP D 374 -2.36 -27.92 2.97
N GLN D 375 -1.91 -27.94 4.22
CA GLN D 375 -2.81 -27.93 5.36
C GLN D 375 -3.67 -26.67 5.39
N GLU D 376 -3.03 -25.50 5.28
CA GLU D 376 -3.76 -24.26 5.33
C GLU D 376 -4.76 -24.11 4.18
N ILE D 377 -4.38 -24.52 2.98
CA ILE D 377 -5.30 -24.40 1.85
C ILE D 377 -6.47 -25.37 2.06
N HIS D 378 -6.17 -26.55 2.61
CA HIS D 378 -7.19 -27.55 2.87
C HIS D 378 -8.18 -27.03 3.93
N ASP D 379 -7.65 -26.35 4.95
CA ASP D 379 -8.50 -25.78 5.99
C ASP D 379 -9.40 -24.74 5.37
N LEU D 380 -8.84 -23.98 4.42
CA LEU D 380 -9.57 -22.95 3.72
C LEU D 380 -10.72 -23.55 2.94
N GLN D 381 -10.46 -24.61 2.17
CA GLN D 381 -11.55 -25.24 1.42
C GLN D 381 -12.73 -25.44 2.36
N LEU D 382 -12.45 -25.99 3.55
CA LEU D 382 -13.45 -26.25 4.55
C LEU D 382 -14.14 -24.95 4.98
N GLN D 383 -13.37 -23.97 5.45
CA GLN D 383 -13.92 -22.68 5.87
C GLN D 383 -14.78 -22.05 4.78
N ILE D 384 -14.21 -21.98 3.57
CA ILE D 384 -14.91 -21.39 2.44
C ILE D 384 -16.19 -22.14 2.15
N SER D 385 -16.09 -23.46 2.13
CA SER D 385 -17.24 -24.33 1.88
C SER D 385 -18.33 -24.19 2.95
N THR D 386 -17.91 -24.01 4.20
CA THR D 386 -18.84 -23.85 5.31
C THR D 386 -19.59 -22.52 5.22
N VAL D 387 -18.90 -21.46 4.80
CA VAL D 387 -19.57 -20.18 4.67
C VAL D 387 -20.45 -20.16 3.42
N ASP D 388 -20.07 -20.95 2.42
CA ASP D 388 -20.83 -21.03 1.17
C ASP D 388 -22.24 -21.52 1.51
N LEU D 389 -22.27 -22.64 2.20
CA LEU D 389 -23.51 -23.25 2.63
C LEU D 389 -24.31 -22.26 3.49
N GLN D 390 -23.62 -21.42 4.24
CA GLN D 390 -24.28 -20.43 5.08
C GLN D 390 -24.97 -19.42 4.16
N ILE D 391 -24.19 -18.70 3.37
CA ILE D 391 -24.77 -17.74 2.44
C ILE D 391 -25.89 -18.42 1.66
N SER D 392 -25.60 -19.62 1.16
CA SER D 392 -26.58 -20.41 0.41
C SER D 392 -27.91 -20.47 1.14
N ARG D 393 -27.83 -20.71 2.45
CA ARG D 393 -29.02 -20.83 3.28
C ARG D 393 -29.67 -19.48 3.58
N LEU D 394 -28.86 -18.46 3.84
CA LEU D 394 -29.38 -17.13 4.13
C LEU D 394 -30.19 -16.61 2.94
N LEU D 395 -29.66 -16.81 1.73
CA LEU D 395 -30.34 -16.37 0.51
C LEU D 395 -31.71 -17.04 0.40
N GLN D 396 -31.75 -18.30 0.80
CA GLN D 396 -32.98 -19.07 0.78
C GLN D 396 -34.00 -18.45 1.73
N GLU D 397 -33.52 -17.83 2.79
CA GLU D 397 -34.42 -17.17 3.74
C GLU D 397 -34.78 -15.78 3.24
N GLN D 398 -33.82 -15.10 2.62
CA GLN D 398 -34.09 -13.77 2.12
C GLN D 398 -35.21 -13.76 1.10
N ASN D 399 -35.29 -14.80 0.28
CA ASN D 399 -36.35 -14.89 -0.73
C ASN D 399 -37.75 -14.85 -0.12
N SER D 400 -37.85 -15.25 1.15
CA SER D 400 -39.13 -15.28 1.88
C SER D 400 -39.74 -13.93 2.24
N PHE D 401 -39.04 -12.84 1.96
CA PHE D 401 -39.60 -11.54 2.27
C PHE D 401 -40.17 -10.97 0.98
N TYR D 402 -40.04 -11.72 -0.10
CA TYR D 402 -40.50 -11.29 -1.41
C TYR D 402 -41.38 -12.31 -2.14
N ASN D 403 -41.87 -11.90 -3.31
CA ASN D 403 -42.70 -12.77 -4.11
C ASN D 403 -42.01 -14.10 -4.27
N PRO D 404 -42.63 -15.18 -3.78
CA PRO D 404 -42.04 -16.50 -3.88
C PRO D 404 -41.73 -16.95 -5.31
N LYS D 405 -42.53 -16.49 -6.25
CA LYS D 405 -42.33 -16.93 -7.61
C LYS D 405 -41.36 -16.06 -8.41
N TRP D 406 -41.44 -14.75 -8.25
CA TRP D 406 -40.61 -13.84 -9.02
C TRP D 406 -39.58 -12.95 -8.31
N GLU D 407 -39.48 -13.00 -6.99
CA GLU D 407 -38.54 -12.13 -6.26
C GLU D 407 -38.96 -10.65 -6.43
N ARG D 408 -38.05 -9.74 -6.09
CA ARG D 408 -38.31 -8.29 -6.15
C ARG D 408 -38.56 -7.64 -7.51
N VAL D 409 -39.45 -6.65 -7.52
CA VAL D 409 -39.78 -5.94 -8.74
C VAL D 409 -38.58 -5.22 -9.34
N PHE D 410 -37.77 -4.55 -8.50
CA PHE D 410 -36.61 -3.80 -8.99
C PHE D 410 -35.30 -4.55 -9.20
N ARG D 411 -35.25 -5.83 -8.89
CA ARG D 411 -34.01 -6.56 -9.06
C ARG D 411 -34.09 -7.86 -9.83
N ALA D 412 -33.06 -8.10 -10.63
CA ALA D 412 -32.94 -9.32 -11.44
C ALA D 412 -31.63 -9.90 -10.90
N GLY D 413 -31.73 -10.88 -10.03
CA GLY D 413 -30.53 -11.40 -9.44
C GLY D 413 -30.07 -10.24 -8.58
N ALA D 414 -28.77 -9.98 -8.54
CA ALA D 414 -28.27 -8.87 -7.73
C ALA D 414 -28.16 -7.64 -8.60
N GLU D 415 -28.68 -7.76 -9.81
CA GLU D 415 -28.62 -6.68 -10.78
C GLU D 415 -29.97 -5.95 -10.94
N GLU D 416 -29.94 -4.76 -11.52
CA GLU D 416 -31.18 -4.02 -11.73
C GLU D 416 -32.07 -4.83 -12.65
N SER D 417 -33.38 -4.77 -12.43
CA SER D 417 -34.33 -5.51 -13.28
C SER D 417 -34.61 -4.66 -14.51
N TYR D 418 -35.25 -5.27 -15.51
CA TYR D 418 -35.55 -4.53 -16.71
C TYR D 418 -36.45 -3.38 -16.36
N PHE D 419 -37.38 -3.61 -15.42
CA PHE D 419 -38.30 -2.56 -15.01
C PHE D 419 -37.56 -1.44 -14.29
N ALA D 420 -36.60 -1.82 -13.46
CA ALA D 420 -35.81 -0.83 -12.75
C ALA D 420 -35.23 0.10 -13.81
N TYR D 421 -34.76 -0.49 -14.92
CA TYR D 421 -34.19 0.28 -16.02
C TYR D 421 -35.21 1.25 -16.64
N GLN D 422 -36.41 0.77 -16.94
CA GLN D 422 -37.42 1.62 -17.54
C GLN D 422 -37.72 2.81 -16.66
N VAL D 423 -37.87 2.55 -15.37
CA VAL D 423 -38.17 3.59 -14.40
C VAL D 423 -37.04 4.62 -14.42
N ASP D 424 -35.82 4.13 -14.30
CA ASP D 424 -34.66 5.00 -14.30
C ASP D 424 -34.64 5.90 -15.54
N ARG D 425 -34.89 5.33 -16.71
CA ARG D 425 -34.85 6.12 -17.92
C ARG D 425 -35.99 7.10 -18.14
N PHE D 426 -37.20 6.73 -17.74
CA PHE D 426 -38.37 7.59 -17.94
C PHE D 426 -38.60 8.63 -16.86
N ALA D 427 -38.26 8.31 -15.61
CA ALA D 427 -38.53 9.25 -14.52
C ALA D 427 -37.35 9.97 -13.91
N CYS D 428 -37.42 11.29 -13.92
CA CYS D 428 -36.37 12.10 -13.31
C CYS D 428 -36.54 11.83 -11.81
N ILE D 429 -37.79 11.62 -11.39
CA ILE D 429 -38.07 11.28 -10.00
C ILE D 429 -39.24 10.33 -9.94
N TYR D 430 -39.29 9.54 -8.87
CA TYR D 430 -40.39 8.60 -8.68
C TYR D 430 -40.68 8.38 -7.20
N MET D 431 -41.89 7.91 -6.92
CA MET D 431 -42.32 7.67 -5.55
C MET D 431 -43.40 6.61 -5.54
N GLU D 432 -43.88 6.25 -4.34
CA GLU D 432 -44.93 5.26 -4.21
C GLU D 432 -46.28 5.85 -4.57
N LYS D 433 -46.55 7.08 -4.11
CA LYS D 433 -47.82 7.76 -4.37
C LYS D 433 -47.63 9.25 -4.52
N LEU D 434 -48.57 9.93 -5.19
CA LEU D 434 -48.48 11.36 -5.43
C LEU D 434 -48.30 12.25 -4.21
N SER D 435 -49.07 12.01 -3.14
CA SER D 435 -48.93 12.84 -1.94
C SER D 435 -47.48 12.89 -1.44
N ASP D 436 -46.69 11.86 -1.75
CA ASP D 436 -45.29 11.82 -1.34
C ASP D 436 -44.56 13.06 -1.87
N LEU D 437 -44.78 13.36 -3.15
CA LEU D 437 -44.16 14.52 -3.79
C LEU D 437 -44.81 15.81 -3.30
N LEU D 438 -46.14 15.80 -3.22
CA LEU D 438 -46.89 16.98 -2.80
C LEU D 438 -46.63 17.52 -1.40
N GLU D 439 -45.91 16.76 -0.59
CA GLU D 439 -45.60 17.20 0.77
C GLU D 439 -44.29 17.96 0.77
N HIS D 440 -43.46 17.72 -0.25
CA HIS D 440 -42.19 18.40 -0.33
C HIS D 440 -42.42 19.84 -0.76
N SER D 441 -41.38 20.65 -0.62
CA SER D 441 -41.48 22.04 -1.01
C SER D 441 -41.71 22.13 -2.51
N PRO D 442 -42.78 22.81 -2.92
CA PRO D 442 -43.03 22.93 -4.36
C PRO D 442 -41.96 23.78 -5.03
N MET D 443 -40.86 23.99 -4.33
CA MET D 443 -39.74 24.79 -4.83
C MET D 443 -38.44 24.00 -4.63
N THR D 444 -38.61 22.74 -4.19
CA THR D 444 -37.52 21.81 -3.92
C THR D 444 -36.59 21.61 -5.11
N TYR D 445 -35.30 21.49 -4.83
CA TYR D 445 -34.35 21.25 -5.89
C TYR D 445 -33.92 19.80 -5.68
N PHE D 446 -34.52 18.90 -6.46
CA PHE D 446 -34.21 17.48 -6.35
C PHE D 446 -32.87 17.19 -7.02
N ARG D 447 -32.00 16.49 -6.31
CA ARG D 447 -30.67 16.16 -6.79
C ARG D 447 -30.40 14.68 -6.51
N ALA D 448 -29.93 13.94 -7.51
CA ALA D 448 -29.65 12.51 -7.35
C ALA D 448 -28.37 12.32 -6.57
N ASN D 449 -28.41 11.47 -5.55
CA ASN D 449 -27.23 11.23 -4.74
C ASN D 449 -26.30 10.25 -5.43
N ARG D 450 -25.17 10.76 -5.87
CA ARG D 450 -24.14 10.01 -6.57
C ARG D 450 -24.11 8.49 -6.37
N ARG D 451 -23.94 7.79 -7.49
CA ARG D 451 -23.82 6.34 -7.48
C ARG D 451 -22.33 6.15 -7.73
N LEU D 452 -21.69 5.27 -6.98
CA LEU D 452 -20.28 5.06 -7.21
C LEU D 452 -20.06 4.03 -8.31
N LEU D 453 -19.06 4.26 -9.15
CA LEU D 453 -18.72 3.36 -10.24
C LEU D 453 -17.65 2.40 -9.74
N ALA D 454 -17.53 1.25 -10.39
CA ALA D 454 -16.55 0.26 -9.99
C ALA D 454 -15.21 0.91 -9.68
N HIS D 455 -14.73 1.78 -10.56
CA HIS D 455 -13.45 2.45 -10.35
C HIS D 455 -13.52 3.62 -9.39
N ASP D 456 -14.67 3.82 -8.76
CA ASP D 456 -14.84 4.93 -7.80
C ASP D 456 -14.50 4.47 -6.38
N ILE D 457 -13.48 5.08 -5.79
CA ILE D 457 -13.08 4.74 -4.43
C ILE D 457 -14.11 5.32 -3.46
N ASP D 458 -14.43 4.53 -2.43
CA ASP D 458 -15.42 4.91 -1.43
C ASP D 458 -14.96 5.94 -0.39
#